data_3L7M
#
_entry.id   3L7M
#
_cell.length_a   223.510
_cell.length_b   223.510
_cell.length_c   101.760
_cell.angle_alpha   90.00
_cell.angle_beta   90.00
_cell.angle_gamma   90.00
#
_symmetry.space_group_name_H-M   'P 41 21 2'
#
loop_
_entity.id
_entity.type
_entity.pdbx_description
1 polymer 'Teichoic acid biosynthesis protein F'
2 non-polymer 'PHOSPHATE ION'
3 non-polymer 'CHLORIDE ION'
4 non-polymer '{[-(BIS-CARBOXYMETHYL-AMINO)-ETHYL]-CARBOXYMETHYL-AMINO}-ACETIC ACID'
5 water water
#
_entity_poly.entity_id   1
_entity_poly.type   'polypeptide(L)'
_entity_poly.pdbx_seq_one_letter_code
;MNKLTIIVTYYNAEEYITGCLESIKQQRTQDFNLIIVNDGSTDQSKKLMDEAIKDYDKNIRFIDLDENSGHAHARNIALE
EVETPYFMFLDADDELASYAITFYLEKFNNTDGLIAPIHSFTTQRPQFVDLDRVRVEYFNAKENINSFLRKQSACNIIFR
TAIVRAHHIRFNENLNTYVDWSFVLEYMKYVNKFVRIFNFPFYFRGEVYDPFETLTLSEQNFDILFKDYVNSFYDAIKRA
TNPKVREFIVTKMGNKIANEFEPTRYDINERYQTHKDTLVELSKFLHVHLVKNQKLINKIETILLMNNETDKAFKVNQFR
KTLRHVKNIVLRRKNKERSLYDLTDKEDNVKPKTIVFESFGGKNYSDSPKYIYEYMQKYYPNYRYIWSFKNPDKNVVPGS
AEKVKRNSAEYYQAYSEASHWVSNARTPLYLNKKENQTYIQTWHGTPLKRLANDMKVVRMPGTTTPKYKRNFNRETSRWD
YLISPNRYSTEIFRSAFWMDEERILEIGYPRNDVLVNRANDQEYLDEIRTHLNLPSDKKVIMYAPTWRDDEFVSKGKYLF
ELKIDLDNLYKELGDDYVILLRMAYLISNALDLSGYENFAIDVSNYNDVSELFLISDCLITDYSSVMFDYGILKRPQFFF
AYDIDKYDKGLRGFYMNYMEDLPGPIYTEPYGLAKELKNLDKVQQQYQEKIDAFYDRFCSVDNGKASQYIGDLIHKDIKE
QLEHHHHHH
;
_entity_poly.pdbx_strand_id   A,B,C,D
#
loop_
_chem_comp.id
_chem_comp.type
_chem_comp.name
_chem_comp.formula
CL non-polymer 'CHLORIDE ION' 'Cl -1'
EDT non-polymer '{[-(BIS-CARBOXYMETHYL-AMINO)-ETHYL]-CARBOXYMETHYL-AMINO}-ACETIC ACID' 'C10 H16 N2 O8'
PO4 non-polymer 'PHOSPHATE ION' 'O4 P -3'
#
# COMPACT_ATOMS: atom_id res chain seq x y z
N PHE A 314 14.42 5.65 -8.27
CA PHE A 314 13.48 5.77 -7.17
C PHE A 314 14.13 5.41 -5.84
N LYS A 315 14.51 6.43 -5.08
CA LYS A 315 15.33 6.29 -3.87
C LYS A 315 14.61 5.74 -2.62
N VAL A 316 15.34 5.01 -1.77
CA VAL A 316 14.75 4.44 -0.54
C VAL A 316 14.38 5.48 0.50
N ASN A 317 15.16 6.55 0.60
CA ASN A 317 14.82 7.64 1.51
C ASN A 317 13.53 8.38 1.13
N GLN A 318 13.38 8.69 -0.16
CA GLN A 318 12.17 9.33 -0.65
C GLN A 318 10.95 8.44 -0.50
N PHE A 319 11.14 7.12 -0.62
CA PHE A 319 10.02 6.20 -0.53
C PHE A 319 9.47 6.09 0.90
N ARG A 320 10.36 6.24 1.88
CA ARG A 320 9.97 6.17 3.29
C ARG A 320 9.16 7.40 3.67
N LYS A 321 9.62 8.57 3.21
CA LYS A 321 8.90 9.81 3.44
C LYS A 321 7.58 9.75 2.68
N THR A 322 7.63 9.30 1.45
CA THR A 322 6.41 9.23 0.67
C THR A 322 5.34 8.47 1.41
N LEU A 323 5.67 7.26 1.88
CA LEU A 323 4.70 6.44 2.59
C LEU A 323 4.17 7.15 3.84
N ARG A 324 5.07 7.80 4.58
CA ARG A 324 4.68 8.49 5.81
C ARG A 324 3.55 9.47 5.54
N HIS A 325 3.74 10.25 4.50
CA HIS A 325 2.80 11.31 4.13
C HIS A 325 1.44 10.75 3.66
N VAL A 326 1.46 9.72 2.81
CA VAL A 326 0.23 9.00 2.48
C VAL A 326 -0.50 8.67 3.75
N LYS A 327 0.23 8.23 4.77
CA LYS A 327 -0.43 7.88 6.03
C LYS A 327 -1.06 9.11 6.68
N ASN A 328 -0.24 10.15 6.91
CA ASN A 328 -0.73 11.36 7.53
C ASN A 328 -1.92 12.00 6.82
N ILE A 329 -1.83 12.10 5.50
CA ILE A 329 -2.93 12.67 4.73
C ILE A 329 -4.24 11.88 4.86
N VAL A 330 -4.16 10.56 4.74
CA VAL A 330 -5.36 9.73 4.74
C VAL A 330 -5.98 9.60 6.14
N LEU A 331 -5.14 9.65 7.16
CA LEU A 331 -5.61 9.55 8.54
C LEU A 331 -5.81 10.96 9.12
N ARG A 332 -5.62 11.98 8.28
CA ARG A 332 -5.76 13.36 8.72
C ARG A 332 -5.02 13.60 10.01
N ARG A 333 -3.85 13.01 10.15
CA ARG A 333 -2.93 13.35 11.23
C ARG A 333 -2.53 14.82 11.07
N LYS A 334 -2.00 15.43 12.12
CA LYS A 334 -1.71 16.85 12.06
C LYS A 334 -0.28 17.07 11.55
N ASN A 335 0.54 16.04 11.67
CA ASN A 335 1.89 16.11 11.14
C ASN A 335 1.90 15.96 9.63
N LYS A 336 0.72 15.99 9.02
CA LYS A 336 0.64 15.96 7.57
C LYS A 336 1.40 17.17 7.03
N GLU A 337 1.33 18.28 7.76
CA GLU A 337 1.99 19.51 7.34
C GLU A 337 3.49 19.33 7.37
N ARG A 338 3.95 18.45 8.26
CA ARG A 338 5.36 18.21 8.47
C ARG A 338 5.91 17.21 7.48
N SER A 339 5.19 16.11 7.26
CA SER A 339 5.61 15.10 6.29
C SER A 339 5.72 15.69 4.90
N LEU A 340 4.83 16.62 4.57
CA LEU A 340 4.90 17.30 3.29
C LEU A 340 6.22 18.08 3.18
N TYR A 341 6.51 18.90 4.20
CA TYR A 341 7.76 19.65 4.28
C TYR A 341 8.96 18.75 4.01
N ASP A 342 9.00 17.64 4.73
CA ASP A 342 10.09 16.66 4.66
C ASP A 342 10.27 16.09 3.24
N LEU A 343 9.17 16.08 2.48
CA LEU A 343 9.16 15.51 1.14
C LEU A 343 9.72 16.45 0.08
N THR A 344 9.42 17.73 0.23
CA THR A 344 9.61 18.68 -0.85
C THR A 344 10.74 19.62 -0.53
N ASP A 345 11.44 19.34 0.57
CA ASP A 345 12.48 20.24 1.05
C ASP A 345 13.78 19.96 0.34
N LYS A 346 14.08 20.79 -0.65
CA LYS A 346 15.26 20.64 -1.49
C LYS A 346 16.18 21.79 -1.18
N GLU A 347 17.45 21.66 -1.53
CA GLU A 347 18.39 22.75 -1.32
C GLU A 347 17.90 23.98 -2.10
N ASP A 348 17.28 23.74 -3.26
CA ASP A 348 16.87 24.83 -4.16
C ASP A 348 15.83 25.82 -3.61
N ASN A 349 15.28 25.53 -2.44
CA ASN A 349 14.22 26.38 -1.88
C ASN A 349 14.78 27.59 -1.17
N VAL A 350 16.07 27.54 -0.86
CA VAL A 350 16.71 28.58 -0.09
C VAL A 350 16.77 29.91 -0.86
N LYS A 351 16.17 30.95 -0.28
CA LYS A 351 16.26 32.31 -0.79
C LYS A 351 17.21 33.11 0.08
N PRO A 352 18.43 33.38 -0.41
CA PRO A 352 19.47 34.01 0.41
C PRO A 352 19.01 35.16 1.30
N LYS A 353 18.03 35.95 0.89
CA LYS A 353 17.63 37.08 1.73
C LYS A 353 16.41 36.85 2.65
N THR A 354 16.15 35.60 3.03
CA THR A 354 15.11 35.30 4.00
C THR A 354 15.77 34.88 5.30
N ILE A 355 15.33 35.49 6.41
CA ILE A 355 15.88 35.17 7.73
C ILE A 355 14.81 34.83 8.78
N VAL A 356 14.94 33.68 9.45
CA VAL A 356 13.95 33.27 10.44
C VAL A 356 14.43 33.55 11.85
N PHE A 357 13.56 34.09 12.69
CA PHE A 357 13.92 34.29 14.09
C PHE A 357 12.94 33.56 14.95
N GLU A 358 13.42 33.04 16.08
CA GLU A 358 12.57 32.40 17.07
C GLU A 358 13.29 32.56 18.39
N SER A 359 12.55 32.81 19.46
CA SER A 359 13.20 32.87 20.76
C SER A 359 12.46 32.04 21.82
N PHE A 360 13.20 31.22 22.56
CA PHE A 360 12.65 30.25 23.51
C PHE A 360 11.52 29.38 22.93
N GLY A 361 11.74 28.84 21.74
CA GLY A 361 10.83 27.89 21.17
C GLY A 361 9.48 28.49 20.87
N GLY A 362 9.46 29.80 20.65
CA GLY A 362 8.29 30.47 20.11
C GLY A 362 7.31 31.03 21.13
N LYS A 363 7.75 31.22 22.36
CA LYS A 363 6.85 31.75 23.35
C LYS A 363 6.85 33.24 23.29
N ASN A 364 7.92 33.80 22.72
CA ASN A 364 8.18 35.22 22.83
C ASN A 364 8.61 35.93 21.58
N TYR A 365 8.53 37.23 21.68
CA TYR A 365 9.41 38.13 20.95
C TYR A 365 10.29 38.76 22.03
N SER A 366 11.51 38.23 22.17
CA SER A 366 12.33 38.57 23.32
C SER A 366 13.78 38.12 23.15
N ASP A 367 14.61 38.50 24.11
CA ASP A 367 15.98 38.03 24.17
C ASP A 367 16.85 38.38 22.97
N SER A 368 17.98 37.71 22.87
CA SER A 368 18.99 38.01 21.86
C SER A 368 18.42 38.11 20.45
N PRO A 369 17.62 37.13 20.03
CA PRO A 369 17.01 37.19 18.70
C PRO A 369 16.27 38.50 18.46
N LYS A 370 15.66 39.04 19.52
CA LYS A 370 15.01 40.32 19.43
C LYS A 370 16.02 41.39 19.01
N TYR A 371 17.05 41.60 19.83
CA TYR A 371 18.00 42.68 19.56
C TYR A 371 18.75 42.52 18.23
N ILE A 372 18.97 41.28 17.79
CA ILE A 372 19.60 41.06 16.51
C ILE A 372 18.60 41.51 15.48
N TYR A 373 17.34 41.12 15.68
CA TYR A 373 16.29 41.54 14.76
C TYR A 373 16.10 43.04 14.73
N GLU A 374 16.01 43.66 15.91
CA GLU A 374 15.82 45.11 15.96
C GLU A 374 16.93 45.84 15.21
N TYR A 375 18.16 45.36 15.38
CA TYR A 375 19.31 46.00 14.76
C TYR A 375 19.26 45.91 13.25
N MET A 376 18.84 44.76 12.73
CA MET A 376 18.75 44.60 11.28
C MET A 376 17.52 45.28 10.68
N GLN A 377 16.47 45.43 11.47
CA GLN A 377 15.32 46.20 11.05
C GLN A 377 15.68 47.63 10.65
N LYS A 378 16.82 48.11 11.14
CA LYS A 378 17.26 49.49 10.91
C LYS A 378 18.29 49.62 9.79
N TYR A 379 19.32 48.77 9.81
CA TYR A 379 20.43 48.86 8.85
C TYR A 379 20.27 47.98 7.60
N TYR A 380 19.29 47.07 7.63
CA TYR A 380 19.01 46.24 6.46
C TYR A 380 17.51 45.99 6.41
N PRO A 381 16.74 47.02 6.07
CA PRO A 381 15.28 46.91 6.07
C PRO A 381 14.87 46.13 4.85
N ASN A 382 15.85 45.76 4.03
CA ASN A 382 15.58 45.20 2.71
C ASN A 382 15.35 43.69 2.63
N TYR A 383 15.74 42.94 3.67
CA TYR A 383 15.58 41.49 3.68
C TYR A 383 14.16 41.06 4.11
N ARG A 384 13.78 39.83 3.80
CA ARG A 384 12.52 39.27 4.28
C ARG A 384 12.72 38.72 5.69
N TYR A 385 12.08 39.34 6.68
CA TYR A 385 12.20 38.86 8.05
C TYR A 385 11.00 38.04 8.50
N ILE A 386 11.27 36.86 9.03
CA ILE A 386 10.21 35.99 9.53
C ILE A 386 10.42 35.66 11.00
N TRP A 387 9.35 35.76 11.79
CA TRP A 387 9.39 35.31 13.19
C TRP A 387 8.46 34.14 13.42
N SER A 388 8.88 33.20 14.27
CA SER A 388 8.10 32.01 14.56
C SER A 388 7.58 32.03 16.00
N PHE A 389 6.30 31.71 16.18
CA PHE A 389 5.68 31.76 17.52
C PHE A 389 4.76 30.57 17.71
N LYS A 390 4.45 30.26 18.97
CA LYS A 390 3.42 29.28 19.27
C LYS A 390 2.05 29.88 18.96
N ASN A 391 1.86 31.13 19.40
CA ASN A 391 0.59 31.84 19.25
C ASN A 391 0.80 33.23 18.67
N PRO A 392 1.03 33.28 17.36
CA PRO A 392 1.41 34.53 16.70
C PRO A 392 0.43 35.67 16.95
N ASP A 393 -0.85 35.35 17.07
CA ASP A 393 -1.87 36.38 17.27
C ASP A 393 -1.81 37.03 18.65
N LYS A 394 -0.90 36.56 19.51
CA LYS A 394 -0.76 37.07 20.86
C LYS A 394 0.64 37.66 21.12
N ASN A 395 1.35 37.94 20.03
CA ASN A 395 2.66 38.56 20.12
C ASN A 395 2.75 39.79 19.23
N VAL A 396 3.38 40.84 19.75
CA VAL A 396 3.53 42.08 19.00
C VAL A 396 4.94 42.27 18.45
N VAL A 397 5.06 42.27 17.13
CA VAL A 397 6.37 42.39 16.49
C VAL A 397 6.44 43.66 15.62
N PRO A 398 7.35 44.60 15.99
CA PRO A 398 7.53 45.85 15.25
C PRO A 398 8.23 45.58 13.93
N GLY A 399 8.22 46.55 13.03
CA GLY A 399 8.96 46.44 11.79
C GLY A 399 8.31 45.51 10.77
N SER A 400 9.04 45.22 9.71
CA SER A 400 8.48 44.55 8.54
C SER A 400 8.16 43.08 8.74
N ALA A 401 8.85 42.42 9.66
CA ALA A 401 8.71 40.98 9.85
C ALA A 401 7.27 40.47 9.78
N GLU A 402 7.07 39.38 9.06
CA GLU A 402 5.79 38.69 9.08
C GLU A 402 5.95 37.60 10.11
N LYS A 403 4.85 36.97 10.52
CA LYS A 403 4.96 35.87 11.49
C LYS A 403 4.29 34.54 11.10
N VAL A 404 4.84 33.45 11.65
CA VAL A 404 4.35 32.11 11.36
C VAL A 404 3.99 31.40 12.65
N LYS A 405 2.93 30.60 12.61
CA LYS A 405 2.58 29.78 13.75
C LYS A 405 3.36 28.48 13.64
N ARG A 406 3.87 28.00 14.78
CA ARG A 406 4.64 26.76 14.77
C ARG A 406 3.83 25.63 14.14
N ASN A 407 4.50 24.81 13.33
CA ASN A 407 3.88 23.61 12.78
C ASN A 407 2.78 23.87 11.78
N SER A 408 2.82 25.05 11.17
CA SER A 408 1.87 25.37 10.11
C SER A 408 2.58 25.29 8.77
N ALA A 409 1.81 25.31 7.69
CA ALA A 409 2.42 25.29 6.37
C ALA A 409 3.46 26.42 6.28
N GLU A 410 3.09 27.59 6.79
CA GLU A 410 3.92 28.79 6.67
C GLU A 410 5.22 28.67 7.45
N TYR A 411 5.19 27.87 8.51
CA TYR A 411 6.33 27.70 9.40
C TYR A 411 7.38 26.81 8.75
N TYR A 412 6.92 25.78 8.06
CA TYR A 412 7.84 24.91 7.35
C TYR A 412 8.34 25.63 6.11
N GLN A 413 7.49 26.46 5.51
CA GLN A 413 7.94 27.30 4.41
C GLN A 413 9.11 28.13 4.89
N ALA A 414 8.86 28.91 5.93
CA ALA A 414 9.86 29.84 6.43
C ALA A 414 11.17 29.11 6.67
N TYR A 415 11.11 27.97 7.33
CA TYR A 415 12.33 27.29 7.73
C TYR A 415 13.04 26.55 6.58
N SER A 416 12.30 26.22 5.53
CA SER A 416 12.92 25.63 4.36
C SER A 416 13.60 26.71 3.53
N GLU A 417 12.97 27.88 3.47
CA GLU A 417 13.42 28.99 2.62
C GLU A 417 14.56 29.83 3.19
N ALA A 418 14.63 29.98 4.51
CA ALA A 418 15.59 30.89 5.12
C ALA A 418 17.05 30.49 4.89
N SER A 419 17.90 31.48 4.65
CA SER A 419 19.33 31.26 4.51
C SER A 419 19.97 31.32 5.88
N HIS A 420 19.23 31.84 6.85
CA HIS A 420 19.73 32.00 8.20
C HIS A 420 18.65 31.72 9.25
N TRP A 421 18.96 30.84 10.20
CA TRP A 421 18.13 30.66 11.39
C TRP A 421 18.80 31.36 12.55
N VAL A 422 18.05 32.23 13.24
CA VAL A 422 18.54 32.89 14.44
C VAL A 422 17.70 32.43 15.63
N SER A 423 18.32 31.72 16.56
CA SER A 423 17.59 31.25 17.72
C SER A 423 18.43 31.28 19.00
N ASN A 424 17.75 31.25 20.14
CA ASN A 424 18.41 31.33 21.44
C ASN A 424 18.13 30.10 22.29
N ALA A 425 17.43 29.13 21.71
CA ALA A 425 17.26 27.85 22.36
C ALA A 425 17.25 26.81 21.26
N ARG A 426 17.10 25.55 21.63
CA ARG A 426 17.17 24.46 20.67
C ARG A 426 16.05 24.59 19.67
N THR A 427 16.32 24.32 18.39
CA THR A 427 15.25 24.23 17.40
C THR A 427 15.08 22.76 17.00
N PRO A 428 13.82 22.32 16.78
CA PRO A 428 13.46 20.91 16.64
C PRO A 428 14.28 20.17 15.57
N LEU A 429 14.52 18.87 15.80
CA LEU A 429 15.28 18.03 14.87
C LEU A 429 14.54 17.67 13.56
N TYR A 430 13.22 17.56 13.61
CA TYR A 430 12.43 17.35 12.38
C TYR A 430 12.57 18.51 11.39
N LEU A 431 13.21 19.60 11.80
CA LEU A 431 13.52 20.69 10.86
C LEU A 431 14.86 20.38 10.18
N ASN A 432 14.92 20.55 8.86
CA ASN A 432 16.13 20.21 8.11
C ASN A 432 17.04 21.39 7.91
N LYS A 433 18.19 21.35 8.57
CA LYS A 433 19.20 22.41 8.39
C LYS A 433 20.17 22.03 7.27
N LYS A 434 19.89 22.47 6.05
CA LYS A 434 20.71 22.06 4.91
C LYS A 434 22.06 22.80 4.89
N GLU A 435 23.04 22.22 4.18
CA GLU A 435 24.38 22.82 4.01
C GLU A 435 24.24 24.25 3.52
N ASN A 436 23.15 24.47 2.81
CA ASN A 436 22.75 25.73 2.23
C ASN A 436 22.51 26.85 3.24
N GLN A 437 22.28 26.46 4.49
CA GLN A 437 21.76 27.38 5.49
C GLN A 437 22.71 27.53 6.65
N THR A 438 22.69 28.73 7.24
CA THR A 438 23.56 29.10 8.35
C THR A 438 22.74 29.26 9.64
N TYR A 439 22.86 28.31 10.56
CA TYR A 439 22.09 28.34 11.79
C TYR A 439 22.91 28.97 12.89
N ILE A 440 22.42 30.07 13.44
CA ILE A 440 23.14 30.85 14.46
C ILE A 440 22.51 30.68 15.83
N GLN A 441 23.25 30.15 16.79
CA GLN A 441 22.71 29.93 18.14
C GLN A 441 23.25 30.99 19.09
N THR A 442 22.37 31.76 19.71
CA THR A 442 22.82 32.74 20.68
C THR A 442 22.81 32.11 22.07
N TRP A 443 22.09 31.00 22.19
CA TRP A 443 21.80 30.42 23.50
C TRP A 443 21.22 31.51 24.41
N HIS A 444 21.21 31.28 25.73
CA HIS A 444 20.52 32.21 26.63
C HIS A 444 21.11 32.35 28.03
N GLY A 445 22.43 32.45 28.14
CA GLY A 445 23.02 32.83 29.42
C GLY A 445 24.21 32.04 29.89
N THR A 446 25.05 32.68 30.70
CA THR A 446 26.26 32.04 31.22
C THR A 446 25.89 30.93 32.18
N PRO A 447 26.36 29.70 31.93
CA PRO A 447 25.85 28.55 32.68
C PRO A 447 26.28 28.58 34.15
N LEU A 448 25.34 28.26 35.04
CA LEU A 448 25.67 28.01 36.43
C LEU A 448 25.36 26.56 36.71
N LYS A 449 24.19 26.10 36.29
CA LYS A 449 23.87 24.67 36.37
C LYS A 449 24.48 23.96 35.16
N ARG A 450 25.08 22.79 35.38
CA ARG A 450 25.71 22.07 34.29
C ARG A 450 24.68 21.47 33.35
N LEU A 451 24.96 21.55 32.05
CA LEU A 451 23.99 21.17 31.01
C LEU A 451 24.54 20.21 29.97
N ALA A 452 23.62 19.56 29.27
CA ALA A 452 23.96 18.75 28.10
C ALA A 452 24.93 17.63 28.44
N ASN A 453 26.06 17.59 27.74
CA ASN A 453 27.01 16.49 27.90
C ASN A 453 27.59 16.42 29.32
N ASP A 454 27.74 17.57 29.94
CA ASP A 454 28.37 17.66 31.26
C ASP A 454 27.43 17.23 32.36
N MET A 455 26.30 16.62 32.00
CA MET A 455 25.36 16.13 33.00
C MET A 455 25.68 14.70 33.41
N LYS A 456 25.35 14.37 34.66
CA LYS A 456 25.64 13.05 35.19
C LYS A 456 24.48 12.09 34.92
N VAL A 457 23.33 12.36 35.54
CA VAL A 457 22.14 11.56 35.29
C VAL A 457 20.90 12.42 34.99
N VAL A 458 20.04 11.93 34.12
CA VAL A 458 18.83 12.62 33.71
C VAL A 458 17.65 11.65 33.71
N ARG A 459 16.89 11.63 34.81
CA ARG A 459 15.73 10.75 34.92
C ARG A 459 14.46 11.41 34.39
N MET A 460 14.62 12.27 33.39
CA MET A 460 13.50 12.91 32.71
C MET A 460 12.61 11.87 32.03
N PRO A 461 11.32 11.84 32.40
CA PRO A 461 10.36 10.81 31.98
C PRO A 461 10.38 10.54 30.47
N GLY A 462 10.18 9.29 30.10
CA GLY A 462 10.10 8.89 28.70
C GLY A 462 11.44 8.70 28.02
N THR A 463 12.47 9.42 28.48
CA THR A 463 13.79 9.38 27.83
C THR A 463 14.94 8.94 28.77
N THR A 464 15.99 8.37 28.17
CA THR A 464 17.16 7.88 28.90
C THR A 464 18.33 8.85 28.74
N THR A 465 19.25 8.87 29.71
CA THR A 465 20.41 9.76 29.62
C THR A 465 21.19 9.68 28.29
N PRO A 466 21.43 8.46 27.77
CA PRO A 466 22.23 8.40 26.53
C PRO A 466 21.42 8.90 25.34
N LYS A 467 20.14 8.58 25.30
CA LYS A 467 19.31 9.01 24.17
C LYS A 467 19.07 10.52 24.23
N TYR A 468 19.23 11.11 25.40
CA TYR A 468 19.06 12.55 25.54
C TYR A 468 20.32 13.28 25.12
N LYS A 469 21.47 12.86 25.65
CA LYS A 469 22.74 13.42 25.20
C LYS A 469 22.90 13.22 23.70
N ARG A 470 22.49 12.08 23.18
CA ARG A 470 22.58 11.87 21.74
C ARG A 470 21.82 12.94 20.97
N ASN A 471 20.56 13.15 21.33
CA ASN A 471 19.72 14.07 20.58
C ASN A 471 20.20 15.50 20.66
N PHE A 472 20.81 15.83 21.79
CA PHE A 472 21.34 17.15 22.01
C PHE A 472 22.58 17.31 21.15
N ASN A 473 23.40 16.26 21.13
CA ASN A 473 24.58 16.30 20.30
C ASN A 473 24.21 16.45 18.81
N ARG A 474 23.07 15.92 18.42
CA ARG A 474 22.57 16.09 17.06
C ARG A 474 22.24 17.55 16.82
N GLU A 475 21.63 18.20 17.81
CA GLU A 475 21.27 19.61 17.66
C GLU A 475 22.47 20.54 17.60
N THR A 476 23.45 20.36 18.47
CA THR A 476 24.59 21.28 18.45
C THR A 476 25.44 21.07 17.20
N SER A 477 25.46 19.86 16.67
CA SER A 477 26.22 19.59 15.47
C SER A 477 25.74 20.43 14.28
N ARG A 478 24.58 21.08 14.45
CA ARG A 478 24.00 21.90 13.39
C ARG A 478 24.13 23.41 13.68
N TRP A 479 24.73 23.77 14.82
CA TRP A 479 24.99 25.18 15.10
C TRP A 479 26.25 25.59 14.37
N ASP A 480 26.07 26.40 13.33
CA ASP A 480 27.16 26.91 12.52
C ASP A 480 27.96 27.90 13.33
N TYR A 481 27.24 28.79 14.03
CA TYR A 481 27.81 29.73 14.99
C TYR A 481 27.13 29.59 16.38
N LEU A 482 27.92 29.64 17.44
CA LEU A 482 27.39 29.64 18.80
C LEU A 482 27.95 30.84 19.54
N ILE A 483 27.10 31.64 20.17
CA ILE A 483 27.58 32.85 20.84
C ILE A 483 28.09 32.56 22.26
N SER A 484 29.02 33.37 22.75
CA SER A 484 29.54 33.18 24.10
C SER A 484 29.84 34.50 24.80
N PRO A 485 29.47 34.61 26.09
CA PRO A 485 29.60 35.84 26.88
C PRO A 485 30.98 35.95 27.54
N ASN A 486 31.68 34.83 27.68
CA ASN A 486 32.96 34.85 28.36
C ASN A 486 33.82 33.62 28.07
N ARG A 487 35.11 33.72 28.36
CA ARG A 487 36.01 32.59 28.21
C ARG A 487 35.50 31.41 29.03
N TYR A 488 34.89 31.72 30.17
CA TYR A 488 34.37 30.72 31.11
C TYR A 488 33.27 29.88 30.50
N SER A 489 32.46 30.53 29.66
CA SER A 489 31.40 29.83 28.95
C SER A 489 31.98 29.08 27.78
N THR A 490 32.77 29.76 26.96
CA THR A 490 33.46 29.09 25.86
C THR A 490 34.05 27.77 26.35
N GLU A 491 34.85 27.85 27.40
CA GLU A 491 35.44 26.67 28.06
C GLU A 491 34.38 25.58 28.19
N ILE A 492 33.22 25.97 28.71
CA ILE A 492 32.18 25.03 29.07
C ILE A 492 31.43 24.55 27.85
N PHE A 493 31.28 25.41 26.86
CA PHE A 493 30.54 25.04 25.65
C PHE A 493 31.34 24.00 24.88
N ARG A 494 32.61 24.34 24.62
CA ARG A 494 33.49 23.44 23.89
C ARG A 494 33.36 21.99 24.36
N SER A 495 32.96 21.80 25.61
CA SER A 495 32.83 20.47 26.18
C SER A 495 31.36 20.03 26.34
N ALA A 496 30.52 20.96 26.78
CA ALA A 496 29.13 20.64 27.16
C ALA A 496 28.20 20.56 25.96
N PHE A 497 28.56 21.24 24.89
CA PHE A 497 27.77 21.21 23.68
C PHE A 497 28.50 20.55 22.51
N TRP A 498 29.60 19.84 22.81
CA TRP A 498 30.44 19.30 21.76
C TRP A 498 30.74 20.35 20.69
N MET A 499 31.32 21.49 21.09
CA MET A 499 31.54 22.59 20.15
C MET A 499 32.99 22.77 19.72
N ASP A 500 33.20 23.17 18.46
CA ASP A 500 34.53 23.55 18.00
C ASP A 500 34.78 24.95 18.52
N GLU A 501 35.99 25.25 18.97
CA GLU A 501 36.26 26.63 19.37
C GLU A 501 36.19 27.58 18.16
N GLU A 502 36.31 27.01 16.96
CA GLU A 502 36.28 27.79 15.73
C GLU A 502 34.88 28.33 15.44
N ARG A 503 33.85 27.64 15.94
CA ARG A 503 32.47 28.02 15.69
C ARG A 503 31.87 28.94 16.75
N ILE A 504 32.61 29.19 17.84
CA ILE A 504 32.12 30.04 18.93
C ILE A 504 32.51 31.49 18.72
N LEU A 505 31.55 32.40 18.75
CA LEU A 505 31.88 33.82 18.68
C LEU A 505 31.75 34.49 20.06
N GLU A 506 32.89 34.79 20.68
CA GLU A 506 32.88 35.45 21.99
C GLU A 506 32.64 36.93 21.84
N ILE A 507 31.38 37.34 21.89
CA ILE A 507 31.05 38.73 21.62
C ILE A 507 30.10 39.31 22.65
N GLY A 508 29.66 38.46 23.58
CA GLY A 508 28.69 38.84 24.57
C GLY A 508 27.28 38.72 24.04
N TYR A 509 26.29 38.94 24.88
CA TYR A 509 24.92 38.70 24.49
C TYR A 509 24.27 39.91 23.85
N PRO A 510 23.69 39.73 22.67
CA PRO A 510 22.96 40.81 22.01
C PRO A 510 21.92 41.43 22.96
N ARG A 511 21.35 40.61 23.82
CA ARG A 511 20.30 41.08 24.70
C ARG A 511 20.85 41.94 25.84
N ASN A 512 22.16 41.86 26.07
CA ASN A 512 22.83 42.67 27.09
C ASN A 512 23.33 43.97 26.48
N ASP A 513 23.20 44.10 25.16
CA ASP A 513 23.57 45.32 24.47
C ASP A 513 23.04 46.56 25.18
N VAL A 514 21.78 46.53 25.61
CA VAL A 514 21.21 47.72 26.24
C VAL A 514 21.69 47.96 27.69
N LEU A 515 22.33 46.96 28.30
CA LEU A 515 22.93 47.15 29.62
C LEU A 515 24.22 47.99 29.54
N VAL A 516 24.88 47.93 28.39
CA VAL A 516 26.09 48.73 28.18
C VAL A 516 25.74 50.10 27.59
N ASN A 517 24.86 50.12 26.58
CA ASN A 517 24.52 51.33 25.82
C ASN A 517 23.44 52.26 26.37
N ARG A 518 22.82 51.92 27.50
CA ARG A 518 21.67 52.71 27.94
C ARG A 518 21.62 52.97 29.44
N ALA A 519 22.46 52.29 30.20
CA ALA A 519 22.41 52.35 31.67
C ALA A 519 22.28 53.78 32.22
N ASN A 520 22.78 54.76 31.47
CA ASN A 520 22.72 56.16 31.90
C ASN A 520 21.74 57.00 31.11
N ASP A 521 20.88 56.37 30.31
CA ASP A 521 19.88 57.08 29.52
C ASP A 521 18.66 57.40 30.37
N GLN A 522 18.68 58.56 31.02
CA GLN A 522 17.66 58.88 32.03
C GLN A 522 16.25 58.95 31.48
N GLU A 523 16.09 59.14 30.17
CA GLU A 523 14.74 59.23 29.63
C GLU A 523 14.20 57.84 29.37
N TYR A 524 15.05 56.98 28.85
CA TYR A 524 14.70 55.58 28.66
C TYR A 524 14.34 54.96 30.02
N LEU A 525 15.27 55.05 30.98
CA LEU A 525 14.99 54.57 32.32
C LEU A 525 13.63 55.09 32.77
N ASP A 526 13.27 56.29 32.33
CA ASP A 526 11.99 56.89 32.74
C ASP A 526 10.75 56.25 32.11
N GLU A 527 10.80 55.94 30.81
CA GLU A 527 9.72 55.20 30.17
C GLU A 527 9.47 53.91 30.97
N ILE A 528 10.54 53.14 31.11
CA ILE A 528 10.49 51.85 31.78
C ILE A 528 9.88 51.99 33.16
N ARG A 529 10.28 53.03 33.88
CA ARG A 529 9.79 53.21 35.24
C ARG A 529 8.31 53.55 35.29
N THR A 530 7.85 54.51 34.49
CA THR A 530 6.42 54.87 34.51
C THR A 530 5.55 53.87 33.75
N HIS A 531 6.14 53.13 32.82
CA HIS A 531 5.45 52.01 32.19
C HIS A 531 4.91 51.09 33.28
N LEU A 532 5.70 50.91 34.34
CA LEU A 532 5.35 50.04 35.47
C LEU A 532 4.65 50.75 36.63
N ASN A 533 4.34 52.02 36.45
CA ASN A 533 3.69 52.82 37.50
C ASN A 533 4.44 52.82 38.82
N LEU A 534 5.75 52.91 38.75
CA LEU A 534 6.54 52.99 39.98
C LEU A 534 6.52 54.42 40.53
N PRO A 535 6.53 54.54 41.88
CA PRO A 535 6.76 55.79 42.59
C PRO A 535 8.10 56.41 42.20
N SER A 536 8.23 57.71 42.40
CA SER A 536 9.36 58.47 41.87
C SER A 536 10.51 58.59 42.85
N ASP A 537 10.20 58.61 44.14
CA ASP A 537 11.20 58.83 45.17
C ASP A 537 11.88 57.53 45.60
N LYS A 538 11.35 56.40 45.16
CA LYS A 538 11.79 55.09 45.69
C LYS A 538 12.79 54.34 44.79
N LYS A 539 13.81 53.78 45.43
CA LYS A 539 14.81 53.00 44.74
C LYS A 539 14.22 51.62 44.50
N VAL A 540 14.88 50.80 43.69
CA VAL A 540 14.25 49.58 43.21
C VAL A 540 15.07 48.31 43.45
N ILE A 541 14.47 47.31 44.11
CA ILE A 541 15.08 46.01 44.29
C ILE A 541 14.40 45.00 43.36
N MET A 542 15.18 44.08 42.78
CA MET A 542 14.58 43.00 42.00
C MET A 542 14.85 41.64 42.61
N TYR A 543 13.80 40.84 42.75
CA TYR A 543 13.95 39.52 43.33
C TYR A 543 13.65 38.49 42.26
N ALA A 544 14.60 37.61 41.95
CA ALA A 544 14.37 36.62 40.89
C ALA A 544 14.79 35.22 41.29
N PRO A 545 14.02 34.60 42.18
CA PRO A 545 14.37 33.26 42.65
C PRO A 545 14.05 32.25 41.56
N THR A 546 15.00 31.37 41.22
CA THR A 546 14.67 30.33 40.26
C THR A 546 13.64 29.38 40.82
N TRP A 547 13.18 28.48 39.98
CA TRP A 547 12.10 27.56 40.33
C TRP A 547 12.63 26.37 41.11
N ARG A 548 11.81 25.86 42.01
CA ARG A 548 12.10 24.66 42.77
C ARG A 548 10.90 23.73 42.66
N ASP A 549 11.10 22.52 42.15
CA ASP A 549 9.99 21.58 41.98
C ASP A 549 9.35 21.26 43.33
N ASP A 550 10.22 21.06 44.31
CA ASP A 550 9.83 20.84 45.70
C ASP A 550 8.60 21.65 46.14
N GLU A 551 8.48 22.88 45.67
CA GLU A 551 7.54 23.85 46.24
C GLU A 551 6.12 23.88 45.63
N PHE A 552 5.86 23.02 44.64
CA PHE A 552 4.53 22.95 44.04
C PHE A 552 3.57 22.14 44.88
N VAL A 553 2.44 22.75 45.24
CA VAL A 553 1.38 22.08 45.98
C VAL A 553 0.00 22.72 45.78
N SER A 554 -1.05 21.90 45.89
CA SER A 554 -2.44 22.37 45.84
C SER A 554 -2.86 22.95 44.48
N LYS A 555 -2.86 22.09 43.46
CA LYS A 555 -3.18 22.53 42.09
C LYS A 555 -2.45 23.82 41.73
N LEU A 559 -0.48 29.85 47.29
CA LEU A 559 0.73 29.24 47.83
C LEU A 559 0.98 29.67 49.26
N PHE A 560 2.12 29.24 49.80
CA PHE A 560 2.65 29.82 51.02
C PHE A 560 3.50 31.02 50.61
N GLU A 561 3.34 32.12 51.34
CA GLU A 561 4.07 33.34 51.06
C GLU A 561 5.56 33.10 50.86
N LEU A 562 6.20 33.99 50.12
CA LEU A 562 7.64 33.93 49.87
C LEU A 562 8.47 33.83 51.15
N LYS A 563 9.47 32.97 51.13
CA LYS A 563 10.34 32.79 52.28
C LYS A 563 11.11 34.08 52.60
N ILE A 564 11.02 35.06 51.72
CA ILE A 564 11.71 36.35 51.94
C ILE A 564 10.97 37.30 52.92
N ASP A 565 9.71 36.95 53.23
CA ASP A 565 8.90 37.65 54.23
C ASP A 565 8.51 39.07 53.76
N LEU A 566 7.58 39.17 52.82
CA LEU A 566 7.21 40.48 52.29
C LEU A 566 6.80 41.45 53.39
N ASP A 567 6.01 40.98 54.36
CA ASP A 567 5.62 41.84 55.48
C ASP A 567 6.81 42.54 56.14
N ASN A 568 7.88 41.78 56.37
CA ASN A 568 9.07 42.33 57.00
C ASN A 568 9.65 43.40 56.12
N LEU A 569 9.77 43.08 54.84
CA LEU A 569 10.38 43.99 53.88
C LEU A 569 9.56 45.28 53.79
N TYR A 570 8.23 45.16 53.90
CA TYR A 570 7.32 46.29 53.85
C TYR A 570 7.53 47.17 55.07
N LYS A 571 7.79 46.54 56.22
CA LYS A 571 8.06 47.23 57.47
C LYS A 571 9.37 48.02 57.39
N GLU A 572 10.41 47.34 56.93
CA GLU A 572 11.80 47.82 56.98
C GLU A 572 12.25 48.67 55.80
N LEU A 573 11.56 48.55 54.66
CA LEU A 573 12.04 49.21 53.45
C LEU A 573 10.95 49.94 52.68
N GLY A 574 9.69 49.67 53.01
CA GLY A 574 8.57 50.21 52.28
C GLY A 574 8.55 51.72 52.01
N ASP A 575 9.34 52.49 52.77
CA ASP A 575 9.34 53.94 52.63
C ASP A 575 10.44 54.42 51.68
N ASP A 576 11.41 53.57 51.40
CA ASP A 576 12.55 53.95 50.55
C ASP A 576 12.62 53.13 49.26
N TYR A 577 12.14 51.89 49.32
CA TYR A 577 12.23 51.00 48.18
C TYR A 577 10.89 50.59 47.60
N VAL A 578 10.96 49.93 46.47
CA VAL A 578 9.82 49.21 45.94
C VAL A 578 10.44 47.92 45.43
N ILE A 579 9.76 46.79 45.55
CA ILE A 579 10.41 45.52 45.23
C ILE A 579 9.76 44.76 44.08
N LEU A 580 10.56 44.49 43.04
CA LEU A 580 10.06 43.84 41.82
C LEU A 580 10.20 42.33 41.90
N LEU A 581 9.07 41.62 41.90
CA LEU A 581 9.13 40.18 42.04
C LEU A 581 9.11 39.55 40.66
N ARG A 582 10.20 38.90 40.28
CA ARG A 582 10.22 38.18 39.02
C ARG A 582 10.29 36.68 39.27
N MET A 583 9.12 36.04 39.24
CA MET A 583 8.97 34.64 39.60
C MET A 583 8.79 33.75 38.39
N ALA A 584 8.78 32.43 38.63
CA ALA A 584 8.40 31.49 37.58
C ALA A 584 6.92 31.69 37.30
N TYR A 585 6.49 31.40 36.07
CA TYR A 585 5.13 31.72 35.63
C TYR A 585 4.07 31.05 36.50
N LEU A 586 4.49 30.08 37.29
CA LEU A 586 3.56 29.33 38.13
C LEU A 586 3.32 29.96 39.50
N ILE A 587 4.38 30.48 40.12
CA ILE A 587 4.22 31.14 41.40
C ILE A 587 3.56 32.50 41.19
N SER A 588 3.73 33.06 40.01
CA SER A 588 3.15 34.37 39.70
C SER A 588 1.64 34.46 39.95
N ASN A 589 0.85 33.62 39.28
CA ASN A 589 -0.60 33.65 39.51
C ASN A 589 -1.09 32.76 40.64
N ALA A 590 -0.27 32.65 41.67
CA ALA A 590 -0.67 32.02 42.94
C ALA A 590 -0.41 33.03 44.07
N LEU A 591 0.39 34.04 43.75
CA LEU A 591 0.77 35.10 44.68
C LEU A 591 -0.36 36.09 44.91
N ASP A 592 -0.79 36.23 46.16
CA ASP A 592 -1.68 37.35 46.46
C ASP A 592 -0.91 38.54 47.00
N LEU A 593 -1.03 39.67 46.32
CA LEU A 593 -0.36 40.90 46.73
C LEU A 593 -1.31 42.03 47.18
N SER A 594 -2.47 41.68 47.73
CA SER A 594 -3.31 42.70 48.34
C SER A 594 -2.52 43.34 49.47
N GLY A 595 -2.62 44.65 49.62
CA GLY A 595 -1.99 45.32 50.74
C GLY A 595 -0.47 45.32 50.65
N TYR A 596 0.02 45.18 49.43
CA TYR A 596 1.41 45.45 49.14
C TYR A 596 1.39 46.35 47.94
N GLU A 597 0.18 46.74 47.53
CA GLU A 597 0.03 47.66 46.40
C GLU A 597 1.04 48.79 46.52
N ASN A 598 1.87 48.95 45.50
CA ASN A 598 2.84 50.07 45.48
C ASN A 598 4.12 49.83 46.28
N PHE A 599 4.20 48.65 46.90
CA PHE A 599 5.46 48.18 47.45
C PHE A 599 6.01 47.01 46.65
N ALA A 600 5.21 45.94 46.52
CA ALA A 600 5.62 44.75 45.75
C ALA A 600 4.89 44.66 44.40
N ILE A 601 5.65 44.81 43.33
CA ILE A 601 5.05 44.77 42.00
C ILE A 601 5.31 43.41 41.39
N ASP A 602 4.29 42.77 40.83
CA ASP A 602 4.56 41.50 40.15
C ASP A 602 5.02 41.75 38.75
N VAL A 603 6.25 41.39 38.47
CA VAL A 603 6.86 41.73 37.21
C VAL A 603 7.23 40.46 36.44
N SER A 604 6.49 39.38 36.69
CA SER A 604 6.88 38.06 36.18
C SER A 604 6.55 37.87 34.71
N ASN A 605 5.60 38.63 34.18
CA ASN A 605 5.21 38.47 32.79
C ASN A 605 5.73 39.58 31.87
N TYR A 606 6.67 40.36 32.37
CA TYR A 606 7.20 41.51 31.63
C TYR A 606 8.09 41.04 30.49
N ASN A 607 7.71 41.35 29.26
CA ASN A 607 8.36 40.79 28.06
C ASN A 607 9.90 40.85 28.05
N ASP A 608 10.46 41.97 28.51
CA ASP A 608 11.91 42.21 28.43
C ASP A 608 12.62 42.36 29.79
N VAL A 609 13.59 41.50 30.06
CA VAL A 609 14.21 41.44 31.37
C VAL A 609 15.44 42.36 31.52
N SER A 610 15.99 42.82 30.40
CA SER A 610 17.15 43.68 30.46
C SER A 610 16.73 45.08 30.89
N GLU A 611 15.48 45.43 30.57
CA GLU A 611 14.93 46.71 30.99
C GLU A 611 14.71 46.71 32.49
N LEU A 612 14.43 45.53 33.05
CA LEU A 612 14.29 45.44 34.49
C LEU A 612 15.67 45.62 35.16
N PHE A 613 16.69 44.94 34.65
CA PHE A 613 18.00 45.09 35.27
C PHE A 613 18.44 46.56 35.27
N LEU A 614 18.11 47.26 34.19
CA LEU A 614 18.58 48.62 33.95
C LEU A 614 18.15 49.51 35.06
N ILE A 615 16.94 49.23 35.56
CA ILE A 615 16.31 50.10 36.54
C ILE A 615 16.38 49.49 37.93
N SER A 616 17.29 48.56 38.14
CA SER A 616 17.40 47.94 39.46
C SER A 616 18.64 48.38 40.20
N ASP A 617 18.44 48.88 41.41
CA ASP A 617 19.54 49.33 42.23
C ASP A 617 20.28 48.16 42.83
N CYS A 618 19.63 47.00 42.90
CA CYS A 618 20.31 45.76 43.27
C CYS A 618 19.47 44.55 42.89
N LEU A 619 20.11 43.38 42.86
CA LEU A 619 19.44 42.12 42.50
C LEU A 619 19.50 41.10 43.63
N ILE A 620 18.35 40.64 44.11
CA ILE A 620 18.32 39.48 44.99
C ILE A 620 17.97 38.24 44.16
N THR A 621 18.90 37.29 44.05
CA THR A 621 18.60 36.02 43.39
C THR A 621 19.19 34.88 44.22
N ASP A 622 19.12 33.64 43.72
CA ASP A 622 19.83 32.51 44.38
C ASP A 622 20.72 31.69 43.44
N TYR A 623 20.15 30.69 42.78
CA TYR A 623 20.92 29.93 41.82
C TYR A 623 20.41 30.24 40.43
N SER A 624 20.81 31.37 39.87
CA SER A 624 20.29 31.75 38.55
C SER A 624 21.39 32.33 37.70
N SER A 625 21.25 32.20 36.39
CA SER A 625 22.28 32.66 35.48
C SER A 625 22.09 34.13 35.20
N VAL A 626 21.05 34.72 35.78
CA VAL A 626 20.83 36.14 35.57
C VAL A 626 21.85 36.98 36.31
N MET A 627 22.44 36.45 37.38
CA MET A 627 23.46 37.21 38.11
C MET A 627 24.61 37.62 37.17
N PHE A 628 24.82 36.80 36.15
CA PHE A 628 25.87 37.00 35.16
C PHE A 628 25.51 38.11 34.18
N ASP A 629 24.22 38.35 34.00
CA ASP A 629 23.76 39.40 33.11
C ASP A 629 23.82 40.73 33.86
N TYR A 630 23.34 40.70 35.09
CA TYR A 630 23.18 41.90 35.88
C TYR A 630 24.55 42.43 36.27
N GLY A 631 25.52 41.53 36.38
CA GLY A 631 26.89 41.89 36.74
C GLY A 631 27.45 43.03 35.90
N ILE A 632 27.11 43.02 34.62
CA ILE A 632 27.47 44.07 33.67
C ILE A 632 27.31 45.49 34.24
N LEU A 633 26.40 45.67 35.20
CA LEU A 633 26.12 47.00 35.72
C LEU A 633 26.87 47.29 37.03
N LYS A 634 27.75 46.37 37.40
CA LYS A 634 28.56 46.48 38.61
C LYS A 634 27.72 47.05 39.75
N ARG A 635 26.57 46.44 39.97
CA ARG A 635 25.69 46.81 41.09
C ARG A 635 25.69 45.70 42.16
N PRO A 636 25.24 46.02 43.39
CA PRO A 636 25.30 45.00 44.46
C PRO A 636 24.35 43.85 44.18
N GLN A 637 24.71 42.64 44.56
CA GLN A 637 23.76 41.55 44.47
C GLN A 637 23.66 40.85 45.82
N PHE A 638 22.58 40.09 46.01
CA PHE A 638 22.37 39.36 47.24
C PHE A 638 21.91 37.98 46.85
N PHE A 639 22.15 37.00 47.72
CA PHE A 639 21.87 35.66 47.31
C PHE A 639 21.16 34.93 48.43
N PHE A 640 19.84 34.98 48.37
CA PHE A 640 19.00 34.44 49.41
C PHE A 640 18.82 32.91 49.23
N ALA A 641 19.87 32.17 49.58
CA ALA A 641 19.86 30.72 49.44
C ALA A 641 19.26 30.02 50.67
N TYR A 642 17.98 30.28 50.95
CA TYR A 642 17.33 29.71 52.13
C TYR A 642 17.34 28.18 52.16
N ASP A 643 17.42 27.55 50.99
CA ASP A 643 17.37 26.09 50.93
C ASP A 643 18.68 25.48 50.45
N ILE A 644 19.79 26.19 50.66
CA ILE A 644 21.12 25.78 50.20
C ILE A 644 21.63 24.48 50.83
N ASP A 645 20.82 23.81 51.65
CA ASP A 645 21.26 22.54 52.22
C ASP A 645 20.76 21.40 51.36
N LYS A 646 19.47 21.45 51.03
CA LYS A 646 18.87 20.50 50.13
C LYS A 646 19.70 20.37 48.86
N TYR A 647 20.17 21.50 48.35
CA TYR A 647 21.02 21.54 47.15
C TYR A 647 22.42 20.96 47.36
N ASP A 648 22.49 19.75 47.89
CA ASP A 648 23.69 18.90 47.85
C ASP A 648 24.78 19.14 48.91
N LYS A 649 24.53 20.02 49.87
CA LYS A 649 25.48 20.30 50.95
C LYS A 649 26.69 21.14 50.51
N GLY A 650 27.38 20.70 49.47
CA GLY A 650 28.48 21.47 48.89
C GLY A 650 28.69 21.08 47.44
N LEU A 651 27.71 21.42 46.59
CA LEU A 651 27.65 20.88 45.23
C LEU A 651 28.58 21.51 44.20
N ARG A 652 29.39 20.67 43.58
CA ARG A 652 30.21 21.07 42.46
C ARG A 652 29.41 20.84 41.18
N GLY A 653 28.13 20.53 41.34
CA GLY A 653 27.21 20.43 40.22
C GLY A 653 27.02 21.81 39.62
N PHE A 654 27.92 22.71 39.99
CA PHE A 654 27.98 24.07 39.50
C PHE A 654 29.35 24.23 38.89
N TYR A 655 29.47 25.04 37.84
CA TYR A 655 30.75 25.18 37.17
C TYR A 655 31.61 26.10 37.99
N MET A 656 30.98 26.94 38.79
CA MET A 656 31.73 27.89 39.57
C MET A 656 31.69 27.54 41.06
N ASN A 657 32.53 28.22 41.83
CA ASN A 657 32.50 28.03 43.27
C ASN A 657 31.55 29.02 43.93
N TYR A 658 30.32 28.58 44.15
CA TYR A 658 29.26 29.42 44.70
C TYR A 658 29.68 30.01 46.03
N MET A 659 30.24 29.16 46.88
CA MET A 659 30.49 29.54 48.25
C MET A 659 31.52 30.66 48.33
N GLU A 660 32.01 31.09 47.18
CA GLU A 660 33.15 32.01 47.16
C GLU A 660 33.04 33.17 46.18
N ASP A 661 33.36 32.89 44.93
CA ASP A 661 33.61 33.93 43.94
C ASP A 661 32.37 34.47 43.23
N LEU A 662 31.31 34.73 43.99
CA LEU A 662 30.19 35.51 43.45
C LEU A 662 30.13 36.90 44.08
N PRO A 663 29.38 37.84 43.46
CA PRO A 663 29.56 39.27 43.72
C PRO A 663 28.90 39.73 45.00
N GLY A 664 28.34 38.82 45.78
CA GLY A 664 27.58 39.22 46.94
C GLY A 664 27.56 38.24 48.09
N PRO A 665 26.83 38.62 49.15
CA PRO A 665 26.67 37.85 50.38
C PRO A 665 25.67 36.70 50.21
N ILE A 666 25.98 35.54 50.77
CA ILE A 666 25.00 34.45 50.84
C ILE A 666 24.23 34.54 52.15
N TYR A 667 22.93 34.87 52.08
CA TYR A 667 22.07 34.85 53.26
C TYR A 667 21.16 33.62 53.21
N THR A 668 20.87 33.02 54.36
CA THR A 668 19.97 31.87 54.43
C THR A 668 18.66 32.23 55.14
N GLU A 669 18.68 33.37 55.84
CA GLU A 669 17.53 33.94 56.50
C GLU A 669 17.35 35.36 55.95
N PRO A 670 16.09 35.81 55.81
CA PRO A 670 15.78 37.06 55.10
C PRO A 670 16.02 38.32 55.91
N TYR A 671 16.36 38.19 57.19
CA TYR A 671 16.31 39.32 58.11
C TYR A 671 17.59 40.15 58.16
N GLY A 672 18.74 39.49 58.16
CA GLY A 672 19.98 40.20 58.00
C GLY A 672 20.03 40.80 56.61
N LEU A 673 19.34 40.14 55.68
CA LEU A 673 19.26 40.60 54.30
C LEU A 673 18.57 41.96 54.23
N ALA A 674 17.35 42.00 54.77
CA ALA A 674 16.62 43.24 54.90
C ALA A 674 17.46 44.37 55.51
N LYS A 675 18.23 44.08 56.55
CA LYS A 675 19.00 45.13 57.22
C LYS A 675 20.07 45.69 56.32
N GLU A 676 20.80 44.81 55.65
CA GLU A 676 21.86 45.22 54.75
C GLU A 676 21.29 46.08 53.62
N LEU A 677 20.10 45.70 53.15
CA LEU A 677 19.37 46.45 52.11
C LEU A 677 19.11 47.90 52.48
N LYS A 678 18.96 48.16 53.77
CA LYS A 678 18.67 49.50 54.29
C LYS A 678 19.57 50.49 53.59
N ASN A 679 20.88 50.31 53.79
CA ASN A 679 21.90 51.19 53.25
C ASN A 679 22.69 50.55 52.09
N LEU A 680 22.19 50.72 50.87
CA LEU A 680 22.83 50.15 49.69
C LEU A 680 24.28 50.56 49.56
N ASP A 681 24.54 51.83 49.80
CA ASP A 681 25.87 52.39 49.55
C ASP A 681 26.95 51.70 50.37
N LYS A 682 26.59 51.23 51.56
CA LYS A 682 27.54 50.52 52.40
C LYS A 682 27.76 49.11 51.85
N VAL A 683 26.70 48.53 51.29
CA VAL A 683 26.80 47.22 50.66
C VAL A 683 27.73 47.29 49.46
N GLN A 684 27.64 48.42 48.73
CA GLN A 684 28.38 48.65 47.50
C GLN A 684 29.89 48.83 47.69
N GLN A 685 30.30 49.26 48.88
CA GLN A 685 31.72 49.42 49.19
C GLN A 685 32.29 48.11 49.72
N GLN A 686 31.60 47.56 50.71
CA GLN A 686 31.97 46.30 51.32
C GLN A 686 32.33 45.28 50.24
N TYR A 687 31.65 45.36 49.11
CA TYR A 687 31.74 44.33 48.07
C TYR A 687 32.34 44.78 46.76
N GLN A 688 32.63 46.08 46.67
CA GLN A 688 33.25 46.63 45.47
C GLN A 688 34.31 45.66 44.92
N GLU A 689 35.16 45.15 45.81
CA GLU A 689 36.13 44.11 45.47
C GLU A 689 35.52 42.98 44.66
N LYS A 690 34.73 42.13 45.32
CA LYS A 690 34.14 40.94 44.71
C LYS A 690 33.25 41.25 43.49
N ILE A 691 32.61 42.43 43.51
CA ILE A 691 31.79 42.87 42.38
C ILE A 691 32.64 43.12 41.14
N ASP A 692 33.84 43.67 41.37
CA ASP A 692 34.76 43.94 40.28
C ASP A 692 35.38 42.63 39.75
N ALA A 693 35.77 41.74 40.67
CA ALA A 693 36.30 40.43 40.29
C ALA A 693 35.29 39.69 39.43
N PHE A 694 34.02 39.95 39.69
CA PHE A 694 32.93 39.32 38.96
C PHE A 694 32.73 39.98 37.61
N TYR A 695 32.82 41.30 37.55
CA TYR A 695 32.66 41.98 36.27
C TYR A 695 33.80 41.61 35.35
N ASP A 696 34.93 41.24 35.94
CA ASP A 696 36.12 40.99 35.14
C ASP A 696 36.12 39.57 34.61
N ARG A 697 35.51 38.65 35.35
CA ARG A 697 35.50 37.24 34.95
C ARG A 697 34.40 36.94 33.94
N PHE A 698 33.24 37.57 34.11
CA PHE A 698 32.06 37.16 33.36
C PHE A 698 31.37 38.24 32.54
N CYS A 699 31.86 39.48 32.57
CA CYS A 699 31.13 40.55 31.89
C CYS A 699 32.02 41.51 31.12
N SER A 700 33.32 41.23 31.14
CA SER A 700 34.29 42.14 30.52
C SER A 700 34.16 42.12 29.01
N VAL A 701 33.52 41.07 28.50
CA VAL A 701 33.47 40.80 27.07
C VAL A 701 32.43 41.66 26.37
N ASP A 702 31.39 42.04 27.10
CA ASP A 702 30.25 42.72 26.48
C ASP A 702 30.54 44.15 25.97
N ASN A 703 30.54 44.31 24.64
CA ASN A 703 30.78 45.58 23.96
C ASN A 703 29.64 46.54 24.13
N GLY A 704 28.43 45.98 24.00
CA GLY A 704 27.26 46.76 23.67
C GLY A 704 27.12 46.79 22.16
N LYS A 705 27.89 45.97 21.47
CA LYS A 705 27.82 45.91 20.01
C LYS A 705 27.62 44.49 19.51
N ALA A 706 26.94 43.65 20.29
CA ALA A 706 26.72 42.26 19.91
C ALA A 706 25.70 42.14 18.79
N SER A 707 24.50 42.67 19.02
CA SER A 707 23.47 42.69 17.98
C SER A 707 24.10 43.13 16.65
N GLN A 708 24.92 44.16 16.72
CA GLN A 708 25.60 44.65 15.53
C GLN A 708 26.44 43.58 14.86
N TYR A 709 27.14 42.78 15.66
CA TYR A 709 28.10 41.81 15.11
C TYR A 709 27.43 40.69 14.33
N ILE A 710 26.35 40.14 14.89
CA ILE A 710 25.57 39.12 14.18
C ILE A 710 24.91 39.75 12.97
N GLY A 711 24.13 40.79 13.20
CA GLY A 711 23.48 41.49 12.11
C GLY A 711 24.36 41.64 10.88
N ASP A 712 25.54 42.20 11.08
CA ASP A 712 26.47 42.39 9.97
C ASP A 712 26.91 41.03 9.44
N LEU A 713 27.29 40.13 10.34
CA LEU A 713 27.77 38.81 9.93
C LEU A 713 26.77 38.13 9.00
N ILE A 714 25.48 38.24 9.36
CA ILE A 714 24.41 37.72 8.50
C ILE A 714 24.43 38.50 7.19
N HIS A 715 24.40 39.83 7.27
CA HIS A 715 24.49 40.65 6.07
C HIS A 715 25.72 40.27 5.24
N LYS A 716 26.86 40.14 5.92
CA LYS A 716 28.13 39.82 5.27
C LYS A 716 28.07 38.43 4.64
N ASP A 717 27.36 37.52 5.28
CA ASP A 717 27.18 36.14 4.80
C ASP A 717 26.35 36.09 3.54
N ILE A 718 25.32 36.95 3.47
CA ILE A 718 24.33 36.81 2.40
C ILE A 718 24.59 37.70 1.19
N LYS A 719 25.63 38.54 1.27
CA LYS A 719 26.20 39.17 0.09
C LYS A 719 26.97 38.13 -0.72
N GLU A 720 27.59 37.17 -0.04
CA GLU A 720 28.32 36.09 -0.71
C GLU A 720 27.34 35.22 -1.50
N GLN A 721 26.39 34.62 -0.79
CA GLN A 721 25.41 33.73 -1.41
C GLN A 721 24.79 34.39 -2.64
N LEU A 722 24.79 35.71 -2.66
CA LEU A 722 24.27 36.49 -3.79
C LEU A 722 25.29 36.66 -4.94
N GLU A 723 25.89 35.56 -5.37
CA GLU A 723 26.82 35.56 -6.51
C GLU A 723 26.94 34.17 -7.16
N ALA B 313 -17.33 1.74 7.57
CA ALA B 313 -16.54 2.96 7.37
C ALA B 313 -15.08 2.61 7.33
N PHE B 314 -14.23 3.62 7.28
CA PHE B 314 -12.82 3.39 7.10
C PHE B 314 -12.20 2.62 8.28
N LYS B 315 -11.64 1.45 8.00
CA LYS B 315 -10.97 0.64 9.02
C LYS B 315 -9.51 1.07 9.09
N VAL B 316 -9.20 1.93 10.06
CA VAL B 316 -7.91 2.59 10.13
C VAL B 316 -6.78 1.67 10.62
N ASN B 317 -7.06 0.81 11.57
CA ASN B 317 -6.04 -0.14 12.01
C ASN B 317 -5.51 -0.98 10.83
N GLN B 318 -6.41 -1.53 10.04
CA GLN B 318 -6.02 -2.22 8.82
C GLN B 318 -5.17 -1.37 7.87
N PHE B 319 -5.62 -0.14 7.61
CA PHE B 319 -4.84 0.74 6.74
C PHE B 319 -3.42 0.83 7.25
N ARG B 320 -3.24 1.00 8.55
CA ARG B 320 -1.91 1.16 9.11
C ARG B 320 -1.02 -0.02 8.80
N LYS B 321 -1.57 -1.23 8.91
CA LYS B 321 -0.84 -2.45 8.59
C LYS B 321 -0.55 -2.59 7.10
N THR B 322 -1.52 -2.32 6.24
CA THR B 322 -1.26 -2.39 4.81
C THR B 322 -0.09 -1.51 4.38
N LEU B 323 -0.02 -0.31 4.94
CA LEU B 323 1.10 0.59 4.66
C LEU B 323 2.41 0.02 5.19
N ARG B 324 2.36 -0.52 6.40
CA ARG B 324 3.56 -1.05 7.02
C ARG B 324 4.09 -2.17 6.15
N HIS B 325 3.19 -3.06 5.76
CA HIS B 325 3.58 -4.24 4.97
C HIS B 325 4.09 -3.83 3.59
N VAL B 326 3.35 -2.97 2.91
CA VAL B 326 3.86 -2.41 1.66
C VAL B 326 5.28 -1.89 1.87
N LYS B 327 5.55 -1.29 3.03
CA LYS B 327 6.86 -0.73 3.28
C LYS B 327 7.91 -1.82 3.35
N ASN B 328 7.64 -2.87 4.12
CA ASN B 328 8.62 -3.93 4.27
C ASN B 328 8.90 -4.66 2.95
N ILE B 329 7.85 -4.93 2.19
CA ILE B 329 7.97 -5.67 0.93
C ILE B 329 8.83 -4.91 -0.09
N VAL B 330 8.55 -3.62 -0.27
CA VAL B 330 9.25 -2.80 -1.25
C VAL B 330 10.70 -2.56 -0.86
N LEU B 331 10.97 -2.44 0.44
CA LEU B 331 12.31 -2.11 0.92
C LEU B 331 13.17 -3.36 1.11
N ARG B 332 12.56 -4.53 0.87
CA ARG B 332 13.19 -5.84 1.08
C ARG B 332 13.58 -6.09 2.54
N ARG B 333 12.75 -5.61 3.47
CA ARG B 333 12.95 -5.81 4.90
C ARG B 333 12.68 -7.27 5.28
N LYS B 334 13.45 -7.79 6.23
CA LYS B 334 13.30 -9.17 6.66
C LYS B 334 11.98 -9.34 7.41
N ASN B 335 11.48 -8.25 7.99
CA ASN B 335 10.24 -8.30 8.74
C ASN B 335 8.98 -8.36 7.88
N LYS B 336 9.14 -8.49 6.56
CA LYS B 336 8.00 -8.62 5.66
C LYS B 336 7.12 -9.81 6.03
N GLU B 337 7.75 -10.89 6.49
CA GLU B 337 7.00 -12.07 6.90
C GLU B 337 6.13 -11.76 8.10
N ARG B 338 6.69 -10.98 9.03
CA ARG B 338 5.97 -10.54 10.22
C ARG B 338 4.76 -9.69 9.86
N SER B 339 4.95 -8.65 9.05
CA SER B 339 3.88 -7.71 8.73
C SER B 339 2.77 -8.30 7.87
N LEU B 340 3.11 -9.24 6.98
CA LEU B 340 2.07 -10.00 6.29
C LEU B 340 1.19 -10.68 7.33
N TYR B 341 1.82 -11.41 8.24
CA TYR B 341 1.13 -12.08 9.36
C TYR B 341 0.13 -11.15 10.03
N ASP B 342 0.63 -9.99 10.49
CA ASP B 342 -0.18 -9.03 11.24
C ASP B 342 -1.45 -8.58 10.46
N LEU B 343 -1.31 -8.49 9.14
CA LEU B 343 -2.35 -7.96 8.27
C LEU B 343 -3.45 -9.00 8.09
N THR B 344 -3.03 -10.26 8.04
CA THR B 344 -3.93 -11.32 7.63
C THR B 344 -4.41 -12.21 8.78
N ASP B 345 -3.61 -12.34 9.84
CA ASP B 345 -4.04 -13.07 11.03
C ASP B 345 -5.47 -12.73 11.41
N LYS B 346 -6.29 -13.76 11.56
CA LYS B 346 -7.68 -13.58 11.90
C LYS B 346 -8.16 -14.75 12.73
N GLU B 347 -9.16 -14.49 13.57
CA GLU B 347 -9.72 -15.50 14.46
C GLU B 347 -10.01 -16.85 13.77
N ASP B 348 -10.30 -16.83 12.47
CA ASP B 348 -10.67 -18.06 11.76
C ASP B 348 -9.51 -18.94 11.29
N ASN B 349 -8.29 -18.55 11.59
CA ASN B 349 -7.14 -19.37 11.19
C ASN B 349 -6.90 -20.49 12.19
N VAL B 350 -7.40 -20.29 13.40
CA VAL B 350 -7.16 -21.16 14.52
C VAL B 350 -7.74 -22.56 14.34
N LYS B 351 -6.85 -23.53 14.16
CA LYS B 351 -7.24 -24.93 14.15
C LYS B 351 -7.12 -25.42 15.57
N PRO B 352 -8.24 -25.84 16.17
CA PRO B 352 -8.27 -26.23 17.59
C PRO B 352 -7.28 -27.32 17.98
N LYS B 353 -6.87 -28.19 17.07
CA LYS B 353 -5.96 -29.27 17.46
C LYS B 353 -4.49 -29.04 17.09
N THR B 354 -4.16 -27.80 16.77
CA THR B 354 -2.77 -27.38 16.61
C THR B 354 -2.27 -26.74 17.89
N ILE B 355 -1.07 -27.14 18.31
CA ILE B 355 -0.45 -26.66 19.55
C ILE B 355 1.03 -26.30 19.34
N VAL B 356 1.41 -25.06 19.62
CA VAL B 356 2.80 -24.62 19.48
C VAL B 356 3.60 -24.77 20.76
N PHE B 357 4.84 -25.21 20.65
CA PHE B 357 5.74 -25.25 21.79
C PHE B 357 6.99 -24.43 21.53
N GLU B 358 7.53 -23.84 22.59
CA GLU B 358 8.80 -23.15 22.48
C GLU B 358 9.35 -23.01 23.88
N SER B 359 10.64 -23.25 24.04
CA SER B 359 11.27 -23.00 25.34
C SER B 359 12.44 -22.03 25.24
N PHE B 360 12.55 -21.18 26.24
CA PHE B 360 13.59 -20.15 26.31
C PHE B 360 13.81 -19.41 24.99
N GLY B 361 12.73 -18.92 24.39
CA GLY B 361 12.82 -18.13 23.19
C GLY B 361 13.41 -18.84 21.99
N GLY B 362 13.26 -20.16 21.96
CA GLY B 362 13.72 -20.96 20.84
C GLY B 362 15.15 -21.45 20.89
N LYS B 363 15.76 -21.50 22.06
CA LYS B 363 17.14 -21.96 22.15
C LYS B 363 17.20 -23.46 22.17
N ASN B 364 16.33 -24.08 22.94
CA ASN B 364 16.41 -25.51 23.19
C ASN B 364 15.19 -26.28 22.79
N TYR B 365 15.33 -27.60 22.87
CA TYR B 365 14.21 -28.44 23.15
C TYR B 365 14.50 -28.90 24.55
N SER B 366 13.82 -28.32 25.54
CA SER B 366 14.12 -28.56 26.95
C SER B 366 13.04 -28.06 27.90
N ASP B 367 13.27 -28.24 29.21
CA ASP B 367 12.40 -27.68 30.24
C ASP B 367 10.94 -28.09 30.14
N SER B 368 10.09 -27.41 30.90
CA SER B 368 8.69 -27.75 31.04
C SER B 368 8.01 -28.03 29.71
N PRO B 369 8.11 -27.08 28.77
CA PRO B 369 7.43 -27.31 27.49
C PRO B 369 7.80 -28.67 26.90
N LYS B 370 9.02 -29.13 27.15
CA LYS B 370 9.44 -30.46 26.72
C LYS B 370 8.63 -31.54 27.42
N TYR B 371 8.62 -31.52 28.76
CA TYR B 371 7.92 -32.56 29.51
C TYR B 371 6.41 -32.50 29.34
N ILE B 372 5.89 -31.38 28.84
CA ILE B 372 4.48 -31.34 28.49
C ILE B 372 4.31 -32.00 27.13
N TYR B 373 5.17 -31.61 26.19
CA TYR B 373 5.13 -32.19 24.84
C TYR B 373 5.30 -33.70 24.86
N GLU B 374 6.21 -34.20 25.68
CA GLU B 374 6.45 -35.65 25.72
C GLU B 374 5.27 -36.42 26.32
N TYR B 375 4.56 -35.80 27.27
CA TYR B 375 3.38 -36.42 27.88
C TYR B 375 2.24 -36.49 26.90
N MET B 376 2.01 -35.42 26.15
CA MET B 376 0.95 -35.45 25.16
C MET B 376 1.26 -36.35 23.96
N GLN B 377 2.54 -36.58 23.69
CA GLN B 377 2.96 -37.53 22.65
C GLN B 377 2.55 -38.98 22.96
N LYS B 378 2.45 -39.29 24.25
CA LYS B 378 2.06 -40.62 24.67
C LYS B 378 0.56 -40.80 24.68
N TYR B 379 -0.17 -39.82 25.22
CA TYR B 379 -1.62 -39.97 25.45
C TYR B 379 -2.53 -39.24 24.45
N TYR B 380 -1.98 -38.34 23.66
CA TYR B 380 -2.80 -37.58 22.71
C TYR B 380 -2.07 -37.40 21.39
N PRO B 381 -1.73 -38.51 20.71
CA PRO B 381 -0.92 -38.43 19.48
C PRO B 381 -1.67 -37.72 18.35
N ASN B 382 -2.98 -37.65 18.46
CA ASN B 382 -3.85 -37.22 17.36
C ASN B 382 -3.68 -35.77 16.94
N TYR B 383 -3.19 -34.93 17.86
CA TYR B 383 -3.11 -33.49 17.61
C TYR B 383 -1.88 -33.09 16.81
N ARG B 384 -1.85 -31.83 16.36
CA ARG B 384 -0.74 -31.33 15.56
C ARG B 384 0.25 -30.63 16.45
N TYR B 385 1.46 -31.15 16.52
CA TYR B 385 2.45 -30.52 17.38
C TYR B 385 3.48 -29.74 16.57
N ILE B 386 3.65 -28.47 16.93
CA ILE B 386 4.67 -27.62 16.32
C ILE B 386 5.66 -27.16 17.39
N TRP B 387 6.96 -27.22 17.10
CA TRP B 387 7.97 -26.62 17.97
C TRP B 387 8.69 -25.48 17.24
N SER B 388 9.04 -24.44 17.98
CA SER B 388 9.71 -23.26 17.43
C SER B 388 11.14 -23.12 17.92
N PHE B 389 12.05 -22.79 17.01
CA PHE B 389 13.48 -22.68 17.36
C PHE B 389 14.16 -21.54 16.63
N LYS B 390 15.32 -21.09 17.08
CA LYS B 390 16.09 -20.16 16.25
C LYS B 390 16.72 -20.92 15.09
N ASN B 391 17.27 -22.11 15.36
CA ASN B 391 17.86 -22.98 14.34
C ASN B 391 17.35 -24.42 14.46
N PRO B 392 16.24 -24.74 13.78
CA PRO B 392 15.60 -26.05 13.94
C PRO B 392 16.43 -27.22 13.45
N ASP B 393 17.33 -26.96 12.52
CA ASP B 393 18.18 -28.03 12.01
C ASP B 393 19.22 -28.44 13.04
N LYS B 394 19.34 -27.63 14.09
CA LYS B 394 20.33 -27.84 15.15
C LYS B 394 19.72 -28.39 16.43
N ASN B 395 18.42 -28.70 16.39
CA ASN B 395 17.70 -29.26 17.52
C ASN B 395 16.97 -30.53 17.13
N VAL B 396 16.90 -31.47 18.05
CA VAL B 396 16.26 -32.74 17.76
C VAL B 396 15.04 -33.00 18.65
N VAL B 397 13.91 -33.23 18.01
CA VAL B 397 12.65 -33.46 18.71
C VAL B 397 12.08 -34.86 18.43
N PRO B 398 11.98 -35.69 19.47
CA PRO B 398 11.37 -37.02 19.29
C PRO B 398 9.91 -36.80 18.97
N GLY B 399 9.29 -37.74 18.25
CA GLY B 399 7.86 -37.70 18.01
C GLY B 399 7.39 -36.97 16.76
N SER B 400 6.11 -36.63 16.76
CA SER B 400 5.39 -36.23 15.55
C SER B 400 5.43 -34.73 15.25
N ALA B 401 6.17 -33.98 16.05
CA ALA B 401 6.11 -32.53 15.97
C ALA B 401 6.88 -32.01 14.78
N GLU B 402 6.34 -30.99 14.14
CA GLU B 402 7.09 -30.26 13.13
C GLU B 402 7.80 -29.07 13.78
N LYS B 403 8.94 -28.71 13.21
CA LYS B 403 9.80 -27.64 13.74
C LYS B 403 9.71 -26.43 12.81
N VAL B 404 9.44 -25.24 13.37
CA VAL B 404 9.45 -24.01 12.58
C VAL B 404 10.58 -23.14 13.05
N LYS B 405 11.21 -22.42 12.13
CA LYS B 405 12.29 -21.53 12.51
C LYS B 405 11.65 -20.22 12.87
N ARG B 406 12.24 -19.50 13.84
CA ARG B 406 11.68 -18.24 14.31
C ARG B 406 11.68 -17.15 13.24
N ASN B 407 10.63 -16.36 13.19
CA ASN B 407 10.53 -15.25 12.25
C ASN B 407 10.36 -15.61 10.79
N SER B 408 9.92 -16.82 10.53
CA SER B 408 9.75 -17.33 9.18
C SER B 408 8.28 -17.59 8.91
N ALA B 409 7.88 -17.59 7.65
CA ALA B 409 6.46 -17.71 7.32
C ALA B 409 5.78 -18.87 8.07
N GLU B 410 6.46 -20.01 8.18
CA GLU B 410 5.88 -21.17 8.83
C GLU B 410 5.75 -20.98 10.36
N TYR B 411 6.56 -20.09 10.93
CA TYR B 411 6.51 -19.77 12.37
C TYR B 411 5.25 -18.96 12.65
N TYR B 412 5.07 -17.88 11.89
CA TYR B 412 3.85 -17.09 11.99
C TYR B 412 2.58 -17.92 11.65
N GLN B 413 2.57 -18.68 10.55
CA GLN B 413 1.44 -19.59 10.33
C GLN B 413 1.13 -20.36 11.60
N ALA B 414 2.18 -20.88 12.24
CA ALA B 414 2.03 -21.76 13.40
C ALA B 414 1.38 -21.04 14.56
N TYR B 415 1.82 -19.83 14.84
CA TYR B 415 1.25 -19.15 15.98
C TYR B 415 -0.14 -18.59 15.65
N SER B 416 -0.40 -18.38 14.35
CA SER B 416 -1.70 -17.89 13.91
C SER B 416 -2.75 -18.99 14.04
N GLU B 417 -2.38 -20.23 13.75
CA GLU B 417 -3.31 -21.36 13.80
C GLU B 417 -3.52 -21.96 15.18
N ALA B 418 -2.47 -21.98 16.01
CA ALA B 418 -2.55 -22.74 17.26
C ALA B 418 -3.69 -22.31 18.16
N SER B 419 -4.26 -23.29 18.87
CA SER B 419 -5.31 -23.05 19.84
C SER B 419 -4.68 -22.82 21.21
N HIS B 420 -3.46 -23.31 21.35
CA HIS B 420 -2.71 -23.23 22.59
C HIS B 420 -1.26 -22.93 22.28
N TRP B 421 -0.73 -21.91 22.97
CA TRP B 421 0.70 -21.70 23.05
C TRP B 421 1.22 -22.28 24.36
N VAL B 422 2.34 -22.97 24.29
CA VAL B 422 3.07 -23.38 25.49
C VAL B 422 4.46 -22.78 25.45
N SER B 423 4.83 -22.11 26.52
CA SER B 423 6.16 -21.59 26.63
C SER B 423 6.52 -21.39 28.09
N ASN B 424 7.81 -21.29 28.35
CA ASN B 424 8.34 -21.07 29.70
C ASN B 424 8.98 -19.70 29.83
N ALA B 425 9.01 -18.93 28.74
CA ALA B 425 9.57 -17.58 28.81
C ALA B 425 8.61 -16.62 28.15
N ARG B 426 9.05 -15.38 27.99
CA ARG B 426 8.22 -14.39 27.33
C ARG B 426 8.18 -14.66 25.83
N THR B 427 6.98 -14.68 25.25
CA THR B 427 6.85 -14.73 23.79
C THR B 427 6.65 -13.30 23.25
N PRO B 428 7.13 -13.03 22.02
CA PRO B 428 7.17 -11.66 21.50
C PRO B 428 5.79 -10.99 21.45
N LEU B 429 5.80 -9.66 21.60
CA LEU B 429 4.57 -8.90 21.63
C LEU B 429 4.01 -8.72 20.23
N TYR B 430 4.84 -8.96 19.21
CA TYR B 430 4.36 -8.86 17.84
C TYR B 430 3.53 -10.05 17.38
N LEU B 431 3.46 -11.11 18.20
CA LEU B 431 2.55 -12.20 17.91
C LEU B 431 1.21 -11.89 18.55
N ASN B 432 0.14 -11.99 17.77
CA ASN B 432 -1.18 -11.70 18.30
C ASN B 432 -1.78 -12.88 19.03
N LYS B 433 -2.04 -12.74 20.33
CA LYS B 433 -2.77 -13.80 21.02
C LYS B 433 -4.27 -13.53 21.01
N LYS B 434 -4.98 -14.11 20.05
CA LYS B 434 -6.39 -13.82 19.85
C LYS B 434 -7.23 -14.33 21.04
N GLU B 435 -8.43 -13.78 21.26
CA GLU B 435 -9.30 -14.27 22.35
C GLU B 435 -9.54 -15.75 22.13
N ASN B 436 -9.38 -16.12 20.88
CA ASN B 436 -9.47 -17.46 20.33
C ASN B 436 -8.50 -18.49 20.92
N GLN B 437 -7.40 -17.99 21.47
CA GLN B 437 -6.23 -18.79 21.78
C GLN B 437 -5.89 -18.77 23.27
N THR B 438 -5.45 -19.91 23.78
CA THR B 438 -5.18 -20.06 25.20
C THR B 438 -3.67 -20.10 25.38
N TYR B 439 -3.11 -19.14 26.09
CA TYR B 439 -1.66 -19.07 26.19
C TYR B 439 -1.22 -19.52 27.58
N ILE B 440 -0.51 -20.65 27.65
CA ILE B 440 -0.06 -21.23 28.92
C ILE B 440 1.41 -20.89 29.16
N GLN B 441 1.68 -20.23 30.29
CA GLN B 441 3.03 -19.82 30.62
C GLN B 441 3.47 -20.64 31.80
N THR B 442 4.48 -21.48 31.62
CA THR B 442 4.97 -22.32 32.72
C THR B 442 6.03 -21.57 33.49
N TRP B 443 6.58 -20.53 32.90
CA TRP B 443 7.70 -19.86 33.51
C TRP B 443 8.78 -20.87 33.82
N HIS B 444 9.84 -20.44 34.51
CA HIS B 444 11.02 -21.26 34.59
C HIS B 444 11.78 -21.21 35.91
N GLY B 445 11.06 -21.07 37.01
CA GLY B 445 11.65 -21.27 38.32
C GLY B 445 11.17 -20.40 39.46
N THR B 446 11.18 -20.96 40.66
CA THR B 446 10.91 -20.19 41.88
C THR B 446 11.89 -19.02 42.01
N PRO B 447 11.37 -17.80 42.14
CA PRO B 447 12.21 -16.59 42.15
C PRO B 447 13.09 -16.46 43.40
N LEU B 448 14.35 -16.07 43.21
CA LEU B 448 15.16 -15.67 44.33
C LEU B 448 15.34 -14.17 44.19
N LYS B 449 15.92 -13.77 43.06
CA LYS B 449 16.10 -12.36 42.75
C LYS B 449 14.75 -11.78 42.40
N ARG B 450 14.57 -10.46 42.56
CA ARG B 450 13.28 -9.85 42.26
C ARG B 450 13.15 -9.47 40.79
N LEU B 451 11.98 -9.76 40.22
CA LEU B 451 11.75 -9.55 38.78
C LEU B 451 10.52 -8.72 38.41
N ALA B 452 10.48 -8.30 37.15
CA ALA B 452 9.35 -7.56 36.58
C ALA B 452 8.86 -6.40 37.45
N ASN B 453 7.59 -6.40 37.84
CA ASN B 453 7.05 -5.25 38.54
C ASN B 453 7.74 -4.90 39.86
N ASP B 454 8.33 -5.90 40.52
CA ASP B 454 8.93 -5.72 41.83
C ASP B 454 10.34 -5.17 41.79
N MET B 455 10.85 -4.89 40.60
CA MET B 455 12.18 -4.28 40.46
C MET B 455 12.16 -2.80 40.81
N LYS B 456 13.32 -2.25 41.17
CA LYS B 456 13.41 -0.85 41.56
C LYS B 456 13.94 0.02 40.42
N VAL B 457 15.13 -0.32 39.91
CA VAL B 457 15.71 0.35 38.76
C VAL B 457 16.28 -0.64 37.74
N VAL B 458 16.04 -0.38 36.46
CA VAL B 458 16.49 -1.23 35.36
C VAL B 458 17.17 -0.38 34.27
N ARG B 459 18.45 -0.12 34.45
CA ARG B 459 19.20 0.75 33.54
C ARG B 459 19.68 0.02 32.28
N MET B 460 18.90 -0.95 31.82
CA MET B 460 19.23 -1.69 30.61
C MET B 460 19.01 -0.79 29.39
N PRO B 461 20.03 -0.72 28.52
CA PRO B 461 20.12 0.17 27.36
C PRO B 461 18.83 0.36 26.56
N GLY B 462 18.65 1.55 25.99
CA GLY B 462 17.53 1.85 25.10
C GLY B 462 16.15 1.88 25.74
N THR B 463 16.03 1.26 26.91
CA THR B 463 14.74 1.09 27.55
C THR B 463 14.75 1.57 29.02
N THR B 464 13.84 2.49 29.33
CA THR B 464 13.68 3.05 30.68
C THR B 464 12.92 2.07 31.58
N THR B 465 12.97 2.26 32.90
CA THR B 465 12.23 1.35 33.78
C THR B 465 10.72 1.34 33.46
N PRO B 466 10.08 2.51 33.44
CA PRO B 466 8.67 2.52 33.05
C PRO B 466 8.36 1.74 31.75
N LYS B 467 9.10 1.99 30.68
CA LYS B 467 8.80 1.35 29.39
C LYS B 467 9.04 -0.17 29.42
N TYR B 468 9.96 -0.62 30.25
CA TYR B 468 10.22 -2.05 30.42
C TYR B 468 9.13 -2.74 31.21
N LYS B 469 8.76 -2.14 32.33
CA LYS B 469 7.62 -2.58 33.11
C LYS B 469 6.33 -2.58 32.27
N ARG B 470 6.12 -1.54 31.46
CA ARG B 470 4.92 -1.48 30.63
C ARG B 470 4.84 -2.66 29.68
N ASN B 471 5.95 -2.99 29.04
CA ASN B 471 5.96 -4.10 28.10
C ASN B 471 5.83 -5.46 28.78
N PHE B 472 6.36 -5.59 29.98
CA PHE B 472 6.25 -6.85 30.68
C PHE B 472 4.79 -7.06 31.07
N ASN B 473 4.17 -6.02 31.63
CA ASN B 473 2.75 -6.09 31.93
C ASN B 473 1.93 -6.46 30.69
N ARG B 474 2.32 -5.96 29.52
CA ARG B 474 1.60 -6.28 28.29
C ARG B 474 1.64 -7.78 28.06
N GLU B 475 2.81 -8.36 28.27
CA GLU B 475 2.99 -9.79 28.07
C GLU B 475 2.17 -10.63 29.05
N THR B 476 2.33 -10.38 30.35
CA THR B 476 1.62 -11.19 31.35
C THR B 476 0.09 -11.11 31.21
N SER B 477 -0.41 -10.00 30.68
CA SER B 477 -1.85 -9.84 30.48
C SER B 477 -2.41 -10.83 29.44
N ARG B 478 -1.53 -11.51 28.71
CA ARG B 478 -1.94 -12.52 27.75
C ARG B 478 -1.71 -13.94 28.29
N TRP B 479 -1.15 -14.07 29.48
CA TRP B 479 -0.99 -15.40 30.05
C TRP B 479 -2.35 -15.87 30.55
N ASP B 480 -2.94 -16.82 29.85
CA ASP B 480 -4.24 -17.35 30.22
C ASP B 480 -4.14 -18.28 31.42
N TYR B 481 -2.97 -18.90 31.56
CA TYR B 481 -2.65 -19.75 32.71
C TYR B 481 -1.17 -19.56 33.01
N LEU B 482 -0.82 -19.47 34.29
CA LEU B 482 0.58 -19.37 34.69
C LEU B 482 0.83 -20.38 35.79
N ILE B 483 1.82 -21.25 35.57
CA ILE B 483 2.17 -22.29 36.52
C ILE B 483 2.92 -21.70 37.73
N SER B 484 2.63 -22.19 38.93
CA SER B 484 3.41 -21.78 40.09
C SER B 484 3.73 -23.00 40.88
N PRO B 485 4.90 -23.03 41.53
CA PRO B 485 5.43 -24.16 42.28
C PRO B 485 5.11 -24.13 43.76
N ASN B 486 4.76 -22.97 44.30
CA ASN B 486 4.56 -22.89 45.74
C ASN B 486 3.87 -21.60 46.15
N ARG B 487 3.31 -21.58 47.36
CA ARG B 487 2.59 -20.40 47.81
C ARG B 487 3.50 -19.19 47.75
N TYR B 488 4.77 -19.41 48.04
CA TYR B 488 5.75 -18.34 48.04
C TYR B 488 5.82 -17.70 46.67
N SER B 489 5.77 -18.53 45.64
CA SER B 489 5.87 -18.05 44.28
C SER B 489 4.58 -17.38 43.83
N THR B 490 3.46 -17.98 44.20
CA THR B 490 2.16 -17.38 43.93
C THR B 490 2.10 -15.96 44.51
N GLU B 491 2.25 -15.85 45.83
CA GLU B 491 2.34 -14.56 46.49
C GLU B 491 3.09 -13.56 45.60
N ILE B 492 4.26 -13.98 45.13
CA ILE B 492 5.15 -13.12 44.34
C ILE B 492 4.60 -12.88 42.96
N PHE B 493 4.34 -13.97 42.23
CA PHE B 493 3.86 -13.88 40.84
C PHE B 493 2.69 -12.93 40.78
N ARG B 494 1.76 -13.11 41.70
CA ARG B 494 0.58 -12.26 41.79
C ARG B 494 0.94 -10.77 41.68
N SER B 495 1.99 -10.34 42.38
CA SER B 495 2.46 -8.94 42.30
C SER B 495 3.44 -8.66 41.17
N ALA B 496 4.55 -9.40 41.10
CA ALA B 496 5.60 -9.12 40.12
C ALA B 496 5.06 -9.26 38.71
N PHE B 497 3.95 -9.95 38.57
CA PHE B 497 3.47 -10.24 37.24
C PHE B 497 2.08 -9.68 36.97
N TRP B 498 1.53 -8.95 37.93
CA TRP B 498 0.18 -8.43 37.78
C TRP B 498 -0.76 -9.55 37.45
N MET B 499 -0.72 -10.64 38.22
CA MET B 499 -1.54 -11.82 37.92
C MET B 499 -2.75 -11.96 38.83
N ASP B 500 -3.79 -12.63 38.31
CA ASP B 500 -4.97 -12.93 39.10
C ASP B 500 -4.81 -14.31 39.69
N GLU B 501 -5.00 -14.45 41.01
CA GLU B 501 -4.92 -15.77 41.62
C GLU B 501 -5.65 -16.82 40.77
N GLU B 502 -6.77 -16.44 40.17
CA GLU B 502 -7.59 -17.32 39.33
C GLU B 502 -6.81 -18.06 38.24
N ARG B 503 -5.80 -17.40 37.68
CA ARG B 503 -5.10 -17.90 36.50
C ARG B 503 -3.85 -18.68 36.84
N ILE B 504 -3.56 -18.82 38.12
CA ILE B 504 -2.33 -19.48 38.56
C ILE B 504 -2.58 -20.94 38.90
N LEU B 505 -2.11 -21.83 38.03
CA LEU B 505 -2.14 -23.25 38.30
C LEU B 505 -0.95 -23.58 39.20
N GLU B 506 -1.22 -23.94 40.45
CA GLU B 506 -0.15 -24.17 41.41
C GLU B 506 0.14 -25.66 41.53
N ILE B 507 0.79 -26.21 40.53
CA ILE B 507 0.88 -27.65 40.40
C ILE B 507 2.31 -28.20 40.44
N GLY B 508 3.30 -27.32 40.50
CA GLY B 508 4.70 -27.71 40.38
C GLY B 508 5.20 -27.53 38.96
N TYR B 509 6.47 -27.83 38.71
CA TYR B 509 6.99 -27.66 37.36
C TYR B 509 7.05 -28.99 36.64
N PRO B 510 6.50 -29.05 35.43
CA PRO B 510 6.59 -30.30 34.68
C PRO B 510 8.05 -30.71 34.53
N ARG B 511 8.92 -29.76 34.26
CA ARG B 511 10.33 -30.09 34.09
C ARG B 511 10.86 -30.77 35.33
N ASN B 512 10.15 -30.61 36.45
CA ASN B 512 10.60 -31.16 37.73
C ASN B 512 9.94 -32.49 38.12
N ASP B 513 9.16 -33.04 37.20
CA ASP B 513 8.51 -34.32 37.44
C ASP B 513 9.54 -35.37 37.78
N VAL B 514 10.43 -35.68 36.83
CA VAL B 514 11.44 -36.72 37.04
C VAL B 514 12.11 -36.70 38.41
N LEU B 515 12.24 -35.54 39.06
CA LEU B 515 12.82 -35.49 40.41
C LEU B 515 11.93 -36.20 41.45
N VAL B 516 10.64 -36.32 41.16
CA VAL B 516 9.75 -37.11 41.98
C VAL B 516 9.64 -38.55 41.47
N ASN B 517 9.12 -38.68 40.24
CA ASN B 517 8.90 -39.98 39.63
C ASN B 517 10.13 -40.91 39.48
N ARG B 518 11.33 -40.35 39.33
CA ARG B 518 12.48 -41.13 38.87
C ARG B 518 13.74 -41.08 39.73
N ALA B 519 13.66 -40.56 40.95
CA ALA B 519 14.88 -40.43 41.76
C ALA B 519 15.53 -41.79 42.07
N ASN B 520 14.72 -42.85 42.09
CA ASN B 520 15.17 -44.18 42.48
C ASN B 520 15.32 -45.16 41.33
N ASP B 521 15.01 -44.70 40.12
CA ASP B 521 15.07 -45.55 38.93
C ASP B 521 16.51 -45.89 38.55
N GLN B 522 17.10 -46.84 39.27
CA GLN B 522 18.52 -47.13 39.13
C GLN B 522 19.01 -47.31 37.69
N GLU B 523 18.14 -47.81 36.80
CA GLU B 523 18.56 -47.99 35.41
C GLU B 523 18.59 -46.67 34.68
N TYR B 524 17.75 -45.73 35.10
CA TYR B 524 17.72 -44.41 34.50
C TYR B 524 18.88 -43.57 34.99
N LEU B 525 19.24 -43.75 36.26
CA LEU B 525 20.39 -43.03 36.77
C LEU B 525 21.62 -43.39 35.95
N ASP B 526 21.67 -44.63 35.47
CA ASP B 526 22.82 -45.13 34.74
C ASP B 526 22.92 -44.62 33.31
N GLU B 527 21.83 -44.67 32.56
CA GLU B 527 21.85 -44.11 31.22
C GLU B 527 22.48 -42.71 31.32
N ILE B 528 22.03 -41.94 32.30
CA ILE B 528 22.47 -40.57 32.51
C ILE B 528 23.93 -40.51 32.94
N ARG B 529 24.38 -41.50 33.70
CA ARG B 529 25.77 -41.48 34.17
C ARG B 529 26.74 -41.92 33.10
N THR B 530 26.32 -42.86 32.25
CA THR B 530 27.21 -43.34 31.21
C THR B 530 27.11 -42.46 29.97
N HIS B 531 26.03 -41.68 29.88
CA HIS B 531 25.92 -40.67 28.83
C HIS B 531 27.04 -39.65 29.00
N LEU B 532 27.57 -39.56 30.23
CA LEU B 532 28.58 -38.55 30.57
C LEU B 532 29.94 -39.15 30.92
N ASN B 533 30.14 -40.42 30.59
CA ASN B 533 31.43 -41.08 30.84
C ASN B 533 31.95 -40.86 32.24
N LEU B 534 31.09 -41.06 33.23
CA LEU B 534 31.47 -40.86 34.62
C LEU B 534 32.06 -42.15 35.19
N PRO B 535 33.22 -42.02 35.86
CA PRO B 535 33.85 -43.17 36.53
C PRO B 535 32.86 -43.85 37.46
N SER B 536 33.08 -45.13 37.75
CA SER B 536 32.10 -45.93 38.49
C SER B 536 31.99 -45.65 40.00
N ASP B 537 33.11 -45.79 40.71
CA ASP B 537 33.09 -45.71 42.18
C ASP B 537 32.94 -44.29 42.73
N LYS B 538 33.04 -43.29 41.87
CA LYS B 538 33.10 -41.89 42.32
C LYS B 538 31.73 -41.22 42.47
N LYS B 539 31.57 -40.50 43.58
CA LYS B 539 30.35 -39.77 43.85
C LYS B 539 30.37 -38.43 43.12
N VAL B 540 29.21 -37.81 42.97
CA VAL B 540 29.05 -36.66 42.08
C VAL B 540 28.64 -35.32 42.73
N ILE B 541 29.49 -34.31 42.60
CA ILE B 541 29.21 -32.94 43.02
C ILE B 541 28.82 -32.08 41.81
N MET B 542 27.77 -31.26 41.93
CA MET B 542 27.43 -30.32 40.84
C MET B 542 27.64 -28.88 41.27
N TYR B 543 28.49 -28.15 40.57
CA TYR B 543 28.67 -26.74 40.87
C TYR B 543 27.98 -25.97 39.77
N ALA B 544 27.11 -25.02 40.12
CA ALA B 544 26.47 -24.18 39.10
C ALA B 544 26.22 -22.77 39.62
N PRO B 545 27.19 -21.87 39.46
CA PRO B 545 27.05 -20.48 39.92
C PRO B 545 26.26 -19.67 38.90
N THR B 546 25.71 -18.53 39.30
CA THR B 546 25.05 -17.69 38.31
C THR B 546 26.06 -16.85 37.55
N TRP B 547 25.58 -16.17 36.52
CA TRP B 547 26.42 -15.28 35.76
C TRP B 547 26.70 -14.04 36.58
N ARG B 548 27.95 -13.61 36.53
CA ARG B 548 28.38 -12.36 37.15
C ARG B 548 29.01 -11.49 36.07
N ASP B 549 28.45 -10.30 35.86
CA ASP B 549 28.95 -9.41 34.82
C ASP B 549 30.38 -8.93 35.12
N ASP B 550 30.56 -8.36 36.31
CA ASP B 550 31.87 -7.93 36.79
C ASP B 550 33.06 -8.76 36.25
N GLU B 551 32.92 -10.08 36.25
CA GLU B 551 34.06 -10.98 35.98
C GLU B 551 34.52 -11.05 34.52
N PHE B 552 33.67 -10.59 33.60
CA PHE B 552 33.99 -10.64 32.18
C PHE B 552 35.11 -9.67 31.81
N VAL B 553 36.23 -10.22 31.35
CA VAL B 553 37.34 -9.42 30.85
C VAL B 553 38.11 -10.19 29.78
N SER B 554 38.67 -9.44 28.82
CA SER B 554 39.56 -9.99 27.79
C SER B 554 38.84 -10.75 26.66
N LYS B 555 37.79 -10.14 26.10
CA LYS B 555 37.02 -10.73 25.01
C LYS B 555 36.34 -12.04 25.37
N GLY B 556 36.78 -12.66 26.46
CA GLY B 556 36.33 -14.00 26.81
C GLY B 556 37.22 -15.06 26.19
N LYS B 557 38.53 -14.85 26.29
CA LYS B 557 39.51 -15.79 25.73
C LYS B 557 40.21 -16.62 26.82
N TYR B 558 40.45 -16.01 27.98
CA TYR B 558 40.98 -16.74 29.13
C TYR B 558 40.54 -16.15 30.46
N LEU B 559 39.70 -16.89 31.19
CA LEU B 559 39.25 -16.46 32.50
C LEU B 559 40.30 -16.78 33.55
N PHE B 560 40.33 -16.01 34.63
CA PHE B 560 41.09 -16.43 35.80
C PHE B 560 40.37 -17.66 36.32
N GLU B 561 41.12 -18.72 36.55
CA GLU B 561 40.54 -19.95 37.06
C GLU B 561 39.45 -19.67 38.10
N LEU B 562 38.43 -20.52 38.07
CA LEU B 562 37.30 -20.47 39.01
C LEU B 562 37.71 -20.25 40.46
N LYS B 563 37.02 -19.34 41.14
CA LYS B 563 37.32 -19.05 42.55
C LYS B 563 37.30 -20.30 43.41
N ILE B 564 36.47 -21.28 43.05
CA ILE B 564 36.34 -22.50 43.82
C ILE B 564 37.65 -23.30 43.85
N ASP B 565 38.61 -22.89 43.02
CA ASP B 565 39.94 -23.49 43.01
C ASP B 565 39.89 -24.97 42.65
N LEU B 566 39.83 -25.28 41.35
CA LEU B 566 39.72 -26.67 40.93
C LEU B 566 40.95 -27.49 41.31
N ASP B 567 42.11 -26.84 41.30
CA ASP B 567 43.37 -27.47 41.64
C ASP B 567 43.34 -28.06 43.04
N ASN B 568 42.72 -27.32 43.95
CA ASN B 568 42.53 -27.76 45.33
C ASN B 568 41.45 -28.84 45.39
N LEU B 569 40.33 -28.62 44.71
CA LEU B 569 39.23 -29.57 44.75
C LEU B 569 39.70 -30.95 44.30
N TYR B 570 40.57 -30.99 43.29
CA TYR B 570 41.24 -32.22 42.86
C TYR B 570 42.02 -32.88 44.01
N LYS B 571 42.96 -32.16 44.62
CA LYS B 571 43.80 -32.71 45.69
C LYS B 571 43.02 -33.26 46.87
N GLU B 572 41.90 -32.63 47.17
CA GLU B 572 41.07 -33.00 48.32
C GLU B 572 40.06 -34.12 48.06
N LEU B 573 39.48 -34.17 46.86
CA LEU B 573 38.39 -35.10 46.56
C LEU B 573 38.60 -35.88 45.27
N GLY B 574 39.74 -35.66 44.63
CA GLY B 574 40.01 -36.27 43.32
C GLY B 574 39.97 -37.79 43.29
N ASP B 575 39.76 -38.40 44.45
CA ASP B 575 39.73 -39.85 44.56
C ASP B 575 38.30 -40.35 44.70
N ASP B 576 37.52 -39.62 45.50
CA ASP B 576 36.16 -40.05 45.82
C ASP B 576 35.12 -39.42 44.90
N TYR B 577 35.35 -38.18 44.49
CA TYR B 577 34.33 -37.41 43.80
C TYR B 577 34.67 -37.07 42.37
N VAL B 578 33.63 -36.75 41.61
CA VAL B 578 33.80 -36.12 40.31
C VAL B 578 32.94 -34.86 40.42
N ILE B 579 33.37 -33.76 39.82
CA ILE B 579 32.60 -32.51 39.92
C ILE B 579 32.12 -32.00 38.56
N LEU B 580 30.82 -31.69 38.48
CA LEU B 580 30.19 -31.31 37.21
C LEU B 580 29.97 -29.80 37.14
N LEU B 581 30.73 -29.12 36.28
CA LEU B 581 30.61 -27.67 36.18
C LEU B 581 29.49 -27.25 35.23
N ARG B 582 28.41 -26.69 35.78
CA ARG B 582 27.36 -26.09 34.97
C ARG B 582 27.43 -24.55 34.92
N MET B 583 28.09 -24.00 33.91
CA MET B 583 28.29 -22.56 33.88
C MET B 583 27.56 -21.91 32.71
N ALA B 584 27.73 -20.58 32.61
CA ALA B 584 27.23 -19.78 31.50
C ALA B 584 27.96 -20.05 30.19
N TYR B 585 27.33 -19.74 29.06
CA TYR B 585 27.85 -20.17 27.76
C TYR B 585 29.20 -19.54 27.40
N LEU B 586 29.60 -18.53 28.18
CA LEU B 586 30.85 -17.80 27.93
C LEU B 586 32.02 -18.29 28.77
N ILE B 587 31.73 -18.67 30.01
CA ILE B 587 32.75 -19.18 30.92
C ILE B 587 33.14 -20.59 30.49
N SER B 588 32.15 -21.34 30.00
CA SER B 588 32.33 -22.74 29.61
C SER B 588 33.32 -22.96 28.46
N ASN B 589 33.26 -22.14 27.40
CA ASN B 589 34.19 -22.29 26.28
C ASN B 589 35.45 -21.41 26.39
N ALA B 590 35.76 -21.02 27.63
CA ALA B 590 37.00 -20.32 27.99
C ALA B 590 37.79 -21.17 29.00
N LEU B 591 37.14 -22.21 29.52
CA LEU B 591 37.66 -23.08 30.58
C LEU B 591 38.68 -24.10 30.09
N ASP B 592 39.90 -24.03 30.61
CA ASP B 592 40.88 -25.04 30.29
C ASP B 592 40.82 -26.13 31.35
N LEU B 593 40.43 -27.33 30.93
CA LEU B 593 40.33 -28.44 31.87
C LEU B 593 41.44 -29.48 31.64
N SER B 594 42.58 -29.03 31.13
CA SER B 594 43.71 -29.92 30.94
C SER B 594 44.08 -30.47 32.29
N GLY B 595 44.20 -31.79 32.39
CA GLY B 595 44.61 -32.43 33.63
C GLY B 595 43.59 -32.36 34.74
N TYR B 596 42.32 -32.29 34.39
CA TYR B 596 41.25 -32.45 35.37
C TYR B 596 40.31 -33.52 34.86
N GLU B 597 40.67 -34.07 33.70
CA GLU B 597 39.94 -35.16 33.06
C GLU B 597 39.53 -36.28 34.02
N ASN B 598 38.28 -36.74 33.90
CA ASN B 598 37.75 -37.77 34.80
C ASN B 598 37.64 -37.24 36.22
N PHE B 599 37.76 -35.92 36.33
CA PHE B 599 37.45 -35.24 37.57
C PHE B 599 36.49 -34.05 37.38
N ALA B 600 36.88 -33.11 36.52
CA ALA B 600 36.01 -31.97 36.21
C ALA B 600 35.39 -32.12 34.82
N ILE B 601 34.10 -32.43 34.78
CA ILE B 601 33.41 -32.57 33.52
C ILE B 601 32.65 -31.30 33.20
N ASP B 602 32.98 -30.64 32.10
CA ASP B 602 32.17 -29.50 31.70
C ASP B 602 30.81 -30.03 31.30
N VAL B 603 29.77 -29.49 31.90
CA VAL B 603 28.45 -30.03 31.67
C VAL B 603 27.50 -28.90 31.31
N SER B 604 28.07 -27.77 30.88
CA SER B 604 27.26 -26.58 30.62
C SER B 604 26.29 -26.75 29.47
N ASN B 605 26.67 -27.48 28.43
CA ASN B 605 25.81 -27.55 27.25
C ASN B 605 24.83 -28.71 27.32
N TYR B 606 24.85 -29.42 28.44
CA TYR B 606 23.94 -30.56 28.65
C TYR B 606 22.49 -30.10 28.53
N ASN B 607 21.67 -30.81 27.77
CA ASN B 607 20.34 -30.29 27.45
C ASN B 607 19.30 -30.37 28.57
N ASP B 608 19.36 -31.40 29.41
CA ASP B 608 18.36 -31.58 30.47
C ASP B 608 18.91 -31.47 31.91
N VAL B 609 18.72 -30.30 32.50
CA VAL B 609 19.33 -29.99 33.80
C VAL B 609 18.80 -30.91 34.88
N SER B 610 17.57 -31.41 34.73
CA SER B 610 17.01 -32.27 35.78
C SER B 610 17.73 -33.61 35.89
N GLU B 611 18.20 -34.14 34.76
CA GLU B 611 18.91 -35.41 34.75
C GLU B 611 20.21 -35.27 35.52
N LEU B 612 20.81 -34.09 35.44
CA LEU B 612 22.00 -33.79 36.23
C LEU B 612 21.65 -33.76 37.73
N PHE B 613 20.58 -33.06 38.08
CA PHE B 613 20.15 -33.06 39.48
C PHE B 613 20.02 -34.49 40.01
N LEU B 614 19.37 -35.37 39.26
CA LEU B 614 19.09 -36.73 39.73
C LEU B 614 20.32 -37.51 40.17
N ILE B 615 21.42 -37.32 39.43
CA ILE B 615 22.64 -38.07 39.71
C ILE B 615 23.60 -37.25 40.55
N SER B 616 23.10 -36.23 41.24
CA SER B 616 23.98 -35.36 42.01
C SER B 616 23.81 -35.55 43.50
N ASP B 617 24.91 -35.94 44.16
CA ASP B 617 24.91 -36.23 45.59
C ASP B 617 24.83 -34.93 46.39
N CYS B 618 25.05 -33.81 45.71
CA CYS B 618 24.93 -32.50 46.34
C CYS B 618 25.15 -31.41 45.29
N LEU B 619 24.56 -30.25 45.53
CA LEU B 619 24.62 -29.10 44.62
C LEU B 619 25.33 -27.94 45.31
N ILE B 620 26.25 -27.31 44.60
CA ILE B 620 26.90 -26.10 45.09
C ILE B 620 26.46 -24.99 44.17
N THR B 621 25.78 -23.98 44.71
CA THR B 621 25.37 -22.84 43.90
C THR B 621 25.64 -21.55 44.67
N ASP B 622 25.10 -20.43 44.20
CA ASP B 622 25.12 -19.21 45.02
C ASP B 622 23.79 -18.47 45.04
N TYR B 623 23.53 -17.69 44.01
CA TYR B 623 22.24 -17.02 43.94
C TYR B 623 21.52 -17.46 42.67
N SER B 624 20.95 -18.64 42.72
CA SER B 624 20.28 -19.21 41.58
C SER B 624 18.99 -19.85 42.05
N SER B 625 17.99 -19.88 41.18
CA SER B 625 16.71 -20.48 41.50
C SER B 625 16.78 -21.98 41.31
N VAL B 626 17.95 -22.50 40.97
CA VAL B 626 18.08 -23.96 40.89
C VAL B 626 18.05 -24.57 42.27
N MET B 627 18.43 -23.81 43.29
CA MET B 627 18.45 -24.41 44.61
C MET B 627 17.04 -24.87 44.95
N PHE B 628 16.05 -24.20 44.37
CA PHE B 628 14.66 -24.52 44.66
C PHE B 628 14.26 -25.86 44.03
N ASP B 629 14.60 -26.06 42.77
CA ASP B 629 14.27 -27.30 42.07
C ASP B 629 14.99 -28.49 42.72
N TYR B 630 16.29 -28.35 42.94
CA TYR B 630 17.11 -29.42 43.50
C TYR B 630 16.71 -29.78 44.93
N GLY B 631 15.91 -28.92 45.54
CA GLY B 631 15.45 -29.14 46.90
C GLY B 631 14.50 -30.32 47.01
N ILE B 632 13.67 -30.52 45.98
CA ILE B 632 12.80 -31.68 45.91
C ILE B 632 13.50 -33.02 46.28
N LEU B 633 14.79 -33.13 45.98
CA LEU B 633 15.50 -34.38 46.26
C LEU B 633 16.05 -34.45 47.68
N LYS B 634 15.89 -33.36 48.44
CA LYS B 634 16.26 -33.34 49.86
C LYS B 634 17.73 -33.69 50.14
N ARG B 635 18.58 -33.57 49.12
CA ARG B 635 20.03 -33.71 49.27
C ARG B 635 20.68 -32.41 49.84
N PRO B 636 21.96 -32.47 50.25
CA PRO B 636 22.68 -31.31 50.79
C PRO B 636 23.03 -30.26 49.74
N GLN B 637 23.04 -28.99 50.13
CA GLN B 637 23.48 -27.92 49.23
C GLN B 637 24.47 -27.00 49.93
N PHE B 638 25.48 -26.55 49.17
CA PHE B 638 26.44 -25.58 49.69
C PHE B 638 26.34 -24.34 48.84
N PHE B 639 26.44 -23.19 49.47
CA PHE B 639 26.31 -21.94 48.76
C PHE B 639 27.60 -21.14 48.81
N PHE B 640 28.42 -21.31 47.78
CA PHE B 640 29.72 -20.67 47.73
C PHE B 640 29.54 -19.22 47.30
N ALA B 641 29.19 -18.36 48.28
CA ALA B 641 28.91 -16.97 47.99
C ALA B 641 30.16 -16.12 48.13
N TYR B 642 31.21 -16.45 47.38
CA TYR B 642 32.49 -15.76 47.54
C TYR B 642 32.37 -14.25 47.52
N ASP B 643 31.44 -13.75 46.71
CA ASP B 643 31.27 -12.31 46.55
C ASP B 643 30.06 -11.73 47.31
N ILE B 644 29.64 -12.38 48.40
CA ILE B 644 28.44 -11.91 49.07
C ILE B 644 28.54 -10.43 49.50
N ASP B 645 29.77 -9.94 49.66
CA ASP B 645 30.02 -8.55 50.05
C ASP B 645 29.49 -7.57 49.02
N LYS B 646 29.91 -7.75 47.77
CA LYS B 646 29.53 -6.86 46.67
C LYS B 646 28.01 -6.72 46.52
N TYR B 647 27.27 -7.79 46.80
CA TYR B 647 25.81 -7.77 46.71
C TYR B 647 25.14 -7.12 47.93
N ASP B 648 25.37 -5.82 48.12
CA ASP B 648 24.54 -4.97 49.01
C ASP B 648 24.79 -4.99 50.53
N LYS B 649 25.62 -5.93 51.01
CA LYS B 649 25.86 -6.09 52.46
C LYS B 649 24.74 -6.85 53.18
N GLY B 650 23.55 -6.25 53.23
CA GLY B 650 22.37 -6.91 53.76
C GLY B 650 21.18 -6.71 52.85
N LEU B 651 21.20 -7.37 51.70
CA LEU B 651 20.25 -7.09 50.61
C LEU B 651 18.91 -7.78 50.69
N ARG B 652 17.87 -6.97 50.62
CA ARG B 652 16.51 -7.46 50.59
C ARG B 652 16.08 -7.50 49.13
N GLY B 653 17.07 -7.47 48.24
CA GLY B 653 16.83 -7.65 46.83
C GLY B 653 16.46 -9.10 46.52
N PHE B 654 16.34 -9.91 47.57
CA PHE B 654 15.88 -11.28 47.48
C PHE B 654 14.56 -11.42 48.22
N TYR B 655 13.60 -12.09 47.60
CA TYR B 655 12.29 -12.28 48.21
C TYR B 655 12.40 -13.02 49.54
N MET B 656 13.43 -13.85 49.68
CA MET B 656 13.61 -14.56 50.92
C MET B 656 14.83 -14.04 51.68
N ASN B 657 14.92 -14.41 52.95
CA ASN B 657 16.02 -13.98 53.80
C ASN B 657 17.22 -14.89 53.57
N TYR B 658 18.01 -14.59 52.54
CA TYR B 658 19.11 -15.46 52.12
C TYR B 658 20.01 -15.83 53.29
N MET B 659 20.19 -14.91 54.22
CA MET B 659 21.18 -15.09 55.25
C MET B 659 20.79 -16.15 56.28
N GLU B 660 19.54 -16.61 56.23
CA GLU B 660 19.03 -17.43 57.32
C GLU B 660 18.36 -18.74 56.91
N ASP B 661 17.37 -18.66 56.02
CA ASP B 661 16.55 -19.83 55.71
C ASP B 661 16.84 -20.51 54.36
N LEU B 662 18.06 -21.02 54.20
CA LEU B 662 18.41 -21.87 53.07
C LEU B 662 19.03 -23.19 53.58
N PRO B 663 19.04 -24.24 52.73
CA PRO B 663 19.24 -25.61 53.20
C PRO B 663 20.70 -26.00 53.44
N GLY B 664 21.58 -25.02 53.59
CA GLY B 664 22.97 -25.31 53.80
C GLY B 664 23.78 -24.14 54.29
N PRO B 665 25.10 -24.33 54.37
CA PRO B 665 26.06 -23.34 54.86
C PRO B 665 26.39 -22.31 53.80
N ILE B 666 26.68 -21.08 54.23
CA ILE B 666 27.22 -20.10 53.31
C ILE B 666 28.76 -20.00 53.45
N TYR B 667 29.49 -20.61 52.53
CA TYR B 667 30.94 -20.43 52.47
C TYR B 667 31.35 -19.25 51.58
N THR B 668 32.21 -18.37 52.08
CA THR B 668 32.71 -17.26 51.28
C THR B 668 34.14 -17.53 50.82
N GLU B 669 34.67 -18.67 51.23
CA GLU B 669 35.99 -19.09 50.84
C GLU B 669 35.85 -20.59 50.56
N PRO B 670 36.51 -21.10 49.50
CA PRO B 670 36.23 -22.46 49.01
C PRO B 670 37.06 -23.54 49.70
N TYR B 671 37.66 -23.22 50.84
CA TYR B 671 38.58 -24.15 51.48
C TYR B 671 37.92 -24.87 52.63
N GLY B 672 37.18 -24.14 53.45
CA GLY B 672 36.30 -24.79 54.39
C GLY B 672 35.35 -25.70 53.62
N LEU B 673 34.85 -25.18 52.50
CA LEU B 673 33.91 -25.91 51.65
C LEU B 673 34.45 -27.29 51.32
N ALA B 674 35.55 -27.33 50.57
CA ALA B 674 36.17 -28.61 50.24
C ALA B 674 36.17 -29.55 51.44
N LYS B 675 36.70 -29.10 52.58
CA LYS B 675 36.80 -29.95 53.77
C LYS B 675 35.46 -30.62 54.09
N GLU B 676 34.45 -29.80 54.34
CA GLU B 676 33.08 -30.24 54.61
C GLU B 676 32.61 -31.25 53.58
N LEU B 677 32.99 -31.03 52.31
CA LEU B 677 32.52 -31.80 51.17
C LEU B 677 33.13 -33.20 51.19
N LYS B 678 34.08 -33.41 52.10
CA LYS B 678 34.75 -34.69 52.24
C LYS B 678 33.74 -35.69 52.80
N ASN B 679 33.13 -35.33 53.94
CA ASN B 679 32.15 -36.18 54.61
C ASN B 679 30.71 -35.69 54.40
N LEU B 680 30.05 -36.21 53.36
CA LEU B 680 28.71 -35.75 52.95
C LEU B 680 27.59 -36.10 53.92
N ASP B 681 27.74 -37.22 54.63
CA ASP B 681 26.71 -37.68 55.54
C ASP B 681 26.66 -36.84 56.80
N LYS B 682 27.80 -36.27 57.17
CA LYS B 682 27.85 -35.33 58.28
C LYS B 682 27.13 -34.02 57.93
N VAL B 683 27.22 -33.60 56.66
CA VAL B 683 26.48 -32.41 56.20
C VAL B 683 24.99 -32.70 56.21
N GLN B 684 24.63 -33.84 55.64
CA GLN B 684 23.25 -34.32 55.60
C GLN B 684 22.58 -34.31 56.98
N GLN B 685 23.25 -34.85 57.99
CA GLN B 685 22.68 -34.86 59.33
C GLN B 685 22.63 -33.45 59.93
N GLN B 686 23.71 -32.71 59.75
CA GLN B 686 23.81 -31.37 60.32
C GLN B 686 22.65 -30.49 59.88
N TYR B 687 22.17 -30.71 58.65
CA TYR B 687 21.14 -29.86 58.06
C TYR B 687 19.82 -30.57 57.74
N GLN B 688 19.73 -31.87 58.04
CA GLN B 688 18.49 -32.61 57.76
C GLN B 688 17.28 -31.87 58.33
N GLU B 689 17.54 -30.92 59.22
CA GLU B 689 16.53 -30.01 59.72
C GLU B 689 16.24 -28.96 58.66
N LYS B 690 17.16 -28.01 58.53
CA LYS B 690 17.06 -26.92 57.58
C LYS B 690 16.65 -27.42 56.19
N ILE B 691 17.04 -28.65 55.86
CA ILE B 691 16.76 -29.21 54.53
C ILE B 691 15.30 -29.61 54.40
N ASP B 692 14.74 -30.22 55.43
CA ASP B 692 13.32 -30.58 55.42
C ASP B 692 12.42 -29.34 55.47
N ALA B 693 12.82 -28.35 56.27
CA ALA B 693 12.05 -27.11 56.42
C ALA B 693 11.96 -26.39 55.09
N PHE B 694 13.04 -26.47 54.33
CA PHE B 694 13.14 -25.86 53.01
C PHE B 694 12.27 -26.64 52.00
N TYR B 695 12.24 -27.96 52.12
CA TYR B 695 11.40 -28.78 51.25
C TYR B 695 9.93 -28.58 51.55
N ASP B 696 9.61 -28.21 52.79
CA ASP B 696 8.21 -28.01 53.14
C ASP B 696 7.69 -26.65 52.66
N ARG B 697 8.60 -25.74 52.36
CA ARG B 697 8.22 -24.39 51.96
C ARG B 697 8.23 -24.21 50.43
N PHE B 698 9.13 -24.90 49.75
CA PHE B 698 9.38 -24.58 48.37
C PHE B 698 9.24 -25.76 47.42
N CYS B 699 9.14 -26.97 47.94
CA CYS B 699 9.22 -28.15 47.07
C CYS B 699 8.09 -29.15 47.27
N SER B 700 7.16 -28.79 48.16
CA SER B 700 6.14 -29.72 48.66
C SER B 700 4.89 -29.76 47.79
N VAL B 701 5.01 -29.26 46.57
CA VAL B 701 3.85 -29.15 45.72
C VAL B 701 3.94 -30.14 44.58
N ASP B 702 5.15 -30.30 44.05
CA ASP B 702 5.40 -31.18 42.91
C ASP B 702 5.03 -32.64 43.20
N ASN B 703 3.91 -33.13 42.66
CA ASN B 703 3.59 -34.55 42.73
C ASN B 703 4.18 -35.31 41.58
N GLY B 704 4.85 -34.58 40.70
CA GLY B 704 5.39 -35.20 39.50
C GLY B 704 4.27 -35.55 38.55
N LYS B 705 3.07 -35.07 38.86
CA LYS B 705 1.99 -35.15 37.88
C LYS B 705 1.81 -33.79 37.18
N ALA B 706 2.79 -32.91 37.33
CA ALA B 706 2.66 -31.57 36.77
C ALA B 706 2.54 -31.59 35.24
N SER B 707 3.39 -32.35 34.57
CA SER B 707 3.32 -32.43 33.12
C SER B 707 1.94 -32.93 32.71
N GLN B 708 1.39 -33.84 33.49
CA GLN B 708 0.10 -34.44 33.17
C GLN B 708 -1.03 -33.41 33.27
N TYR B 709 -1.09 -32.72 34.41
CA TYR B 709 -2.17 -31.75 34.64
C TYR B 709 -2.31 -30.82 33.45
N ILE B 710 -1.19 -30.33 32.94
CA ILE B 710 -1.20 -29.39 31.82
C ILE B 710 -1.65 -30.08 30.52
N GLY B 711 -1.10 -31.25 30.22
CA GLY B 711 -1.50 -31.94 29.02
C GLY B 711 -3.01 -32.14 28.99
N ASP B 712 -3.58 -32.56 30.12
CA ASP B 712 -5.00 -32.84 30.24
C ASP B 712 -5.81 -31.54 30.24
N LEU B 713 -5.22 -30.44 30.67
CA LEU B 713 -5.93 -29.16 30.61
C LEU B 713 -6.09 -28.79 29.14
N ILE B 714 -4.97 -28.73 28.41
CA ILE B 714 -5.02 -28.52 26.98
C ILE B 714 -6.05 -29.44 26.32
N HIS B 715 -5.92 -30.75 26.55
CA HIS B 715 -6.77 -31.75 25.89
C HIS B 715 -8.26 -31.55 26.16
N LYS B 716 -8.57 -31.15 27.38
CA LYS B 716 -9.91 -30.81 27.79
C LYS B 716 -10.31 -29.52 27.05
N ASP B 717 -9.48 -28.49 27.18
CA ASP B 717 -9.70 -27.22 26.52
C ASP B 717 -10.02 -27.36 25.03
N ILE B 718 -9.45 -28.36 24.36
CA ILE B 718 -9.71 -28.49 22.93
C ILE B 718 -10.79 -29.52 22.55
N LYS B 719 -11.31 -30.24 23.55
CA LYS B 719 -12.56 -30.97 23.35
C LYS B 719 -13.72 -29.97 23.30
N GLU B 720 -13.76 -29.05 24.26
CA GLU B 720 -14.82 -28.04 24.30
C GLU B 720 -14.93 -27.34 22.95
N GLN B 721 -13.80 -26.97 22.37
CA GLN B 721 -13.80 -26.19 21.13
C GLN B 721 -14.35 -26.98 19.96
N LEU B 722 -14.10 -28.30 19.96
CA LEU B 722 -14.69 -29.19 18.95
C LEU B 722 -16.20 -29.43 19.16
N GLU B 723 -16.94 -28.33 19.35
CA GLU B 723 -18.40 -28.36 19.46
C GLU B 723 -18.99 -26.95 19.32
N ALA C 313 16.92 2.45 -5.81
CA ALA C 313 17.34 1.06 -5.79
C ALA C 313 16.39 0.17 -6.57
N PHE C 314 15.09 0.47 -6.49
CA PHE C 314 14.07 -0.39 -7.08
C PHE C 314 13.63 0.02 -8.49
N LYS C 315 13.72 -0.93 -9.42
CA LYS C 315 13.24 -0.73 -10.77
C LYS C 315 11.70 -0.71 -10.81
N VAL C 316 11.14 0.12 -11.69
CA VAL C 316 9.69 0.32 -11.77
C VAL C 316 8.85 -0.93 -12.13
N ASN C 317 9.34 -1.76 -13.05
CA ASN C 317 8.62 -2.98 -13.43
C ASN C 317 8.50 -4.02 -12.31
N GLN C 318 9.60 -4.26 -11.60
CA GLN C 318 9.62 -5.18 -10.46
C GLN C 318 8.58 -4.73 -9.43
N PHE C 319 8.46 -3.42 -9.26
CA PHE C 319 7.54 -2.84 -8.30
C PHE C 319 6.09 -3.16 -8.61
N ARG C 320 5.70 -3.02 -9.88
CA ARG C 320 4.33 -3.27 -10.33
C ARG C 320 3.96 -4.71 -10.06
N LYS C 321 4.90 -5.60 -10.33
CA LYS C 321 4.74 -7.02 -10.04
C LYS C 321 4.70 -7.25 -8.54
N THR C 322 5.58 -6.57 -7.80
CA THR C 322 5.65 -6.76 -6.35
C THR C 322 4.30 -6.51 -5.68
N LEU C 323 3.66 -5.41 -6.04
CA LEU C 323 2.31 -5.11 -5.60
C LEU C 323 1.28 -6.15 -6.08
N ARG C 324 1.35 -6.53 -7.34
CA ARG C 324 0.34 -7.44 -7.85
C ARG C 324 0.31 -8.68 -6.98
N HIS C 325 1.50 -9.12 -6.61
CA HIS C 325 1.65 -10.38 -5.89
C HIS C 325 1.26 -10.24 -4.41
N VAL C 326 1.51 -9.06 -3.85
CA VAL C 326 1.04 -8.74 -2.50
C VAL C 326 -0.47 -8.86 -2.48
N LYS C 327 -1.12 -8.35 -3.52
CA LYS C 327 -2.57 -8.41 -3.61
C LYS C 327 -3.11 -9.81 -3.76
N ASN C 328 -2.48 -10.63 -4.61
CA ASN C 328 -2.89 -12.03 -4.75
C ASN C 328 -2.69 -12.89 -3.47
N ILE C 329 -1.60 -12.66 -2.75
CA ILE C 329 -1.32 -13.40 -1.53
C ILE C 329 -2.26 -13.05 -0.37
N VAL C 330 -2.59 -11.77 -0.22
CA VAL C 330 -3.42 -11.34 0.91
C VAL C 330 -4.92 -11.62 0.69
N LEU C 331 -5.34 -11.60 -0.56
CA LEU C 331 -6.74 -11.81 -0.92
C LEU C 331 -7.01 -13.27 -1.32
N ARG C 332 -5.97 -14.11 -1.21
CA ARG C 332 -6.03 -15.54 -1.50
C ARG C 332 -6.40 -15.88 -2.95
N ARG C 333 -6.25 -14.90 -3.84
CA ARG C 333 -6.43 -15.08 -5.28
C ARG C 333 -5.73 -16.37 -5.75
N LYS C 334 -6.33 -17.08 -6.70
CA LYS C 334 -5.76 -18.35 -7.16
C LYS C 334 -4.55 -18.10 -8.04
N ASN C 335 -4.48 -16.90 -8.60
CA ASN C 335 -3.36 -16.49 -9.44
C ASN C 335 -2.08 -16.18 -8.69
N LYS C 336 -2.03 -16.43 -7.38
CA LYS C 336 -0.82 -16.13 -6.62
C LYS C 336 0.33 -16.97 -7.19
N GLU C 337 -0.01 -18.15 -7.67
CA GLU C 337 0.97 -19.02 -8.29
C GLU C 337 1.62 -18.32 -9.47
N ARG C 338 0.83 -17.50 -10.15
CA ARG C 338 1.27 -16.82 -11.34
C ARG C 338 2.19 -15.64 -11.00
N SER C 339 1.74 -14.77 -10.09
CA SER C 339 2.47 -13.55 -9.75
C SER C 339 3.85 -13.85 -9.15
N LEU C 340 3.92 -14.87 -8.32
CA LEU C 340 5.19 -15.34 -7.84
C LEU C 340 6.09 -15.66 -9.05
N TYR C 341 5.53 -16.38 -10.01
CA TYR C 341 6.28 -16.77 -11.21
C TYR C 341 6.78 -15.54 -11.96
N ASP C 342 6.00 -14.48 -11.97
CA ASP C 342 6.39 -13.26 -12.70
C ASP C 342 7.58 -12.60 -12.01
N LEU C 343 7.51 -12.52 -10.68
CA LEU C 343 8.59 -11.95 -9.88
C LEU C 343 9.92 -12.71 -9.95
N THR C 344 9.84 -14.04 -10.07
CA THR C 344 11.02 -14.87 -9.88
C THR C 344 11.49 -15.55 -11.17
N ASP C 345 10.87 -15.20 -12.29
CA ASP C 345 11.26 -15.80 -13.56
C ASP C 345 12.56 -15.15 -14.01
N LYS C 346 13.65 -15.89 -13.90
CA LYS C 346 14.97 -15.35 -14.20
C LYS C 346 15.51 -16.07 -15.41
N GLU C 347 16.23 -15.35 -16.26
CA GLU C 347 16.88 -15.99 -17.41
C GLU C 347 17.78 -17.14 -16.95
N ASP C 348 18.19 -17.12 -15.69
CA ASP C 348 19.12 -18.12 -15.15
C ASP C 348 18.48 -19.43 -14.71
N ASN C 349 17.16 -19.51 -14.80
CA ASN C 349 16.45 -20.69 -14.31
C ASN C 349 16.47 -21.79 -15.34
N VAL C 350 16.87 -21.45 -16.55
CA VAL C 350 16.74 -22.37 -17.68
C VAL C 350 17.70 -23.55 -17.58
N LYS C 351 17.15 -24.75 -17.70
CA LYS C 351 17.94 -25.97 -17.69
C LYS C 351 17.91 -26.57 -19.09
N PRO C 352 19.01 -26.41 -19.84
CA PRO C 352 19.13 -26.76 -21.27
C PRO C 352 18.54 -28.11 -21.68
N LYS C 353 18.44 -29.09 -20.78
CA LYS C 353 17.82 -30.34 -21.17
C LYS C 353 16.40 -30.56 -20.64
N THR C 354 15.71 -29.47 -20.34
CA THR C 354 14.29 -29.55 -19.99
C THR C 354 13.46 -29.01 -21.15
N ILE C 355 12.57 -29.86 -21.65
CA ILE C 355 11.72 -29.55 -22.79
C ILE C 355 10.25 -29.73 -22.39
N VAL C 356 9.42 -28.71 -22.64
CA VAL C 356 8.02 -28.76 -22.24
C VAL C 356 7.03 -28.88 -23.38
N PHE C 357 6.15 -29.88 -23.32
CA PHE C 357 5.18 -30.12 -24.38
C PHE C 357 3.76 -29.80 -23.95
N GLU C 358 2.92 -29.41 -24.90
CA GLU C 358 1.51 -29.19 -24.62
C GLU C 358 0.74 -29.16 -25.93
N SER C 359 -0.39 -29.85 -25.98
CA SER C 359 -1.17 -29.77 -27.20
C SER C 359 -2.61 -29.31 -26.95
N PHE C 360 -3.13 -28.57 -27.94
CA PHE C 360 -4.38 -27.82 -27.82
C PHE C 360 -4.64 -27.25 -26.43
N GLY C 361 -3.70 -26.44 -25.96
CA GLY C 361 -3.87 -25.71 -24.72
C GLY C 361 -4.19 -26.61 -23.56
N GLY C 362 -3.82 -27.88 -23.68
CA GLY C 362 -3.88 -28.79 -22.56
C GLY C 362 -4.98 -29.83 -22.55
N LYS C 363 -5.77 -29.93 -23.62
CA LYS C 363 -6.91 -30.83 -23.58
C LYS C 363 -6.45 -32.27 -23.74
N ASN C 364 -5.29 -32.44 -24.36
CA ASN C 364 -4.89 -33.74 -24.89
C ASN C 364 -3.49 -34.14 -24.57
N TYR C 365 -3.24 -35.41 -24.85
CA TYR C 365 -1.92 -35.85 -25.27
C TYR C 365 -2.19 -36.29 -26.69
N SER C 366 -1.63 -35.57 -27.66
CA SER C 366 -2.09 -35.73 -29.03
C SER C 366 -1.31 -34.86 -29.99
N ASP C 367 -1.45 -35.16 -31.28
CA ASP C 367 -1.00 -34.26 -32.35
C ASP C 367 0.52 -34.08 -32.41
N SER C 368 0.94 -33.18 -33.28
CA SER C 368 2.35 -32.99 -33.55
C SER C 368 3.24 -33.09 -32.32
N PRO C 369 2.82 -32.46 -31.21
CA PRO C 369 3.67 -32.58 -30.03
C PRO C 369 3.84 -34.02 -29.59
N LYS C 370 2.75 -34.79 -29.58
CA LYS C 370 2.83 -36.21 -29.22
C LYS C 370 3.95 -36.91 -29.97
N TYR C 371 3.94 -36.76 -31.30
CA TYR C 371 4.89 -37.42 -32.19
C TYR C 371 6.31 -36.86 -32.14
N ILE C 372 6.45 -35.54 -32.10
CA ILE C 372 7.75 -34.96 -31.85
C ILE C 372 8.29 -35.54 -30.56
N TYR C 373 7.40 -35.78 -29.61
CA TYR C 373 7.76 -36.35 -28.32
C TYR C 373 8.11 -37.83 -28.38
N GLU C 374 7.25 -38.64 -29.01
CA GLU C 374 7.47 -40.08 -29.09
C GLU C 374 8.78 -40.42 -29.81
N TYR C 375 9.14 -39.61 -30.79
CA TYR C 375 10.41 -39.73 -31.47
C TYR C 375 11.57 -39.41 -30.52
N MET C 376 11.49 -38.28 -29.83
CA MET C 376 12.56 -37.88 -28.93
C MET C 376 12.69 -38.81 -27.74
N GLN C 377 11.69 -39.67 -27.55
CA GLN C 377 11.73 -40.63 -26.47
C GLN C 377 12.56 -41.85 -26.82
N LYS C 378 12.57 -42.20 -28.11
CA LYS C 378 13.28 -43.35 -28.64
C LYS C 378 14.74 -43.03 -28.97
N TYR C 379 15.06 -41.73 -29.12
CA TYR C 379 16.42 -41.33 -29.53
C TYR C 379 17.21 -40.49 -28.51
N TYR C 380 16.55 -39.95 -27.49
CA TYR C 380 17.25 -39.25 -26.43
C TYR C 380 16.47 -39.38 -25.13
N PRO C 381 16.46 -40.58 -24.53
CA PRO C 381 15.72 -40.70 -23.28
C PRO C 381 16.38 -39.88 -22.17
N ASN C 382 17.55 -39.33 -22.46
CA ASN C 382 18.39 -38.68 -21.46
C ASN C 382 17.91 -37.29 -20.99
N TYR C 383 17.02 -36.67 -21.77
CA TYR C 383 16.54 -35.34 -21.46
C TYR C 383 15.32 -35.34 -20.50
N ARG C 384 15.01 -34.19 -19.92
CA ARG C 384 13.86 -34.08 -19.03
C ARG C 384 12.62 -33.63 -19.80
N TYR C 385 11.68 -34.55 -20.00
CA TYR C 385 10.45 -34.25 -20.73
C TYR C 385 9.28 -33.93 -19.81
N ILE C 386 8.71 -32.74 -19.99
CA ILE C 386 7.54 -32.36 -19.23
C ILE C 386 6.36 -32.13 -20.17
N TRP C 387 5.20 -32.72 -19.84
CA TRP C 387 3.95 -32.41 -20.56
C TRP C 387 3.01 -31.56 -19.68
N SER C 388 2.29 -30.64 -20.30
CA SER C 388 1.31 -29.84 -19.55
C SER C 388 -0.13 -30.18 -19.92
N PHE C 389 -1.02 -30.24 -18.93
CA PHE C 389 -2.40 -30.63 -19.13
C PHE C 389 -3.36 -29.81 -18.26
N LYS C 390 -4.61 -29.65 -18.71
CA LYS C 390 -5.65 -29.08 -17.87
C LYS C 390 -5.91 -29.98 -16.67
N ASN C 391 -6.07 -31.29 -16.94
CA ASN C 391 -6.33 -32.31 -15.92
C ASN C 391 -5.35 -33.48 -16.03
N PRO C 392 -4.10 -33.30 -15.57
CA PRO C 392 -3.04 -34.28 -15.73
C PRO C 392 -3.47 -35.71 -15.41
N ASP C 393 -4.40 -35.89 -14.48
CA ASP C 393 -4.79 -37.24 -14.07
C ASP C 393 -5.60 -37.96 -15.14
N LYS C 394 -6.39 -37.21 -15.90
CA LYS C 394 -7.24 -37.80 -16.93
C LYS C 394 -6.50 -38.06 -18.25
N ASN C 395 -5.19 -37.85 -18.27
CA ASN C 395 -4.40 -38.13 -19.48
C ASN C 395 -3.36 -39.20 -19.25
N VAL C 396 -2.99 -39.89 -20.33
CA VAL C 396 -2.01 -40.97 -20.25
C VAL C 396 -0.79 -40.69 -21.12
N VAL C 397 0.39 -40.62 -20.50
CA VAL C 397 1.61 -40.34 -21.26
C VAL C 397 2.65 -41.47 -21.24
N PRO C 398 2.99 -42.03 -22.42
CA PRO C 398 4.01 -43.07 -22.52
C PRO C 398 5.39 -42.47 -22.29
N GLY C 399 6.35 -43.27 -21.82
CA GLY C 399 7.69 -42.78 -21.56
C GLY C 399 7.95 -42.11 -20.21
N SER C 400 9.06 -41.36 -20.16
CA SER C 400 9.64 -40.86 -18.92
C SER C 400 9.24 -39.43 -18.62
N ALA C 401 8.20 -38.95 -19.31
CA ALA C 401 7.75 -37.58 -19.14
C ALA C 401 6.97 -37.44 -17.84
N GLU C 402 7.19 -36.34 -17.13
CA GLU C 402 6.38 -36.03 -15.97
C GLU C 402 5.31 -35.03 -16.39
N LYS C 403 4.15 -35.05 -15.75
CA LYS C 403 3.10 -34.13 -16.13
C LYS C 403 2.76 -33.08 -15.07
N VAL C 404 2.35 -31.89 -15.52
CA VAL C 404 2.06 -30.77 -14.64
C VAL C 404 0.69 -30.21 -14.96
N LYS C 405 -0.03 -29.77 -13.93
CA LYS C 405 -1.39 -29.24 -14.12
C LYS C 405 -1.30 -27.79 -14.48
N ARG C 406 -2.02 -27.35 -15.50
CA ARG C 406 -2.06 -25.93 -15.82
C ARG C 406 -2.31 -25.04 -14.59
N ASN C 407 -1.43 -24.05 -14.43
CA ASN C 407 -1.60 -23.03 -13.39
C ASN C 407 -1.28 -23.44 -11.96
N SER C 408 -0.46 -24.48 -11.82
CA SER C 408 0.05 -24.91 -10.53
C SER C 408 1.49 -24.46 -10.42
N ALA C 409 2.07 -24.52 -9.22
CA ALA C 409 3.44 -24.09 -9.09
C ALA C 409 4.36 -24.85 -10.06
N GLU C 410 4.06 -26.12 -10.30
CA GLU C 410 4.86 -26.98 -11.17
C GLU C 410 4.77 -26.52 -12.62
N TYR C 411 3.57 -26.11 -13.00
CA TYR C 411 3.32 -25.61 -14.35
C TYR C 411 4.24 -24.46 -14.70
N TYR C 412 4.44 -23.55 -13.75
CA TYR C 412 5.26 -22.38 -13.98
C TYR C 412 6.74 -22.67 -13.81
N GLN C 413 7.07 -23.61 -12.93
CA GLN C 413 8.45 -24.04 -12.83
C GLN C 413 8.81 -24.56 -14.21
N ALA C 414 8.01 -25.48 -14.70
CA ALA C 414 8.31 -26.15 -15.95
C ALA C 414 8.51 -25.13 -17.06
N TYR C 415 7.60 -24.20 -17.21
CA TYR C 415 7.75 -23.25 -18.29
C TYR C 415 8.90 -22.28 -18.08
N SER C 416 9.26 -22.04 -16.82
CA SER C 416 10.39 -21.18 -16.55
C SER C 416 11.70 -21.91 -16.85
N GLU C 417 11.80 -23.17 -16.43
CA GLU C 417 13.03 -23.95 -16.57
C GLU C 417 13.35 -24.30 -18.01
N ALA C 418 12.36 -24.81 -18.73
CA ALA C 418 12.54 -25.33 -20.08
C ALA C 418 13.38 -24.48 -21.05
N SER C 419 14.24 -25.16 -21.82
CA SER C 419 15.05 -24.51 -22.84
C SER C 419 14.26 -24.44 -24.13
N HIS C 420 13.25 -25.31 -24.21
CA HIS C 420 12.43 -25.41 -25.40
C HIS C 420 10.95 -25.57 -25.04
N TRP C 421 10.09 -24.93 -25.83
CA TRP C 421 8.65 -25.15 -25.73
C TRP C 421 8.10 -25.75 -27.01
N VAL C 422 7.62 -26.97 -26.95
CA VAL C 422 6.94 -27.52 -28.11
C VAL C 422 5.44 -27.30 -27.94
N SER C 423 4.78 -26.75 -28.95
CA SER C 423 3.33 -26.64 -28.89
C SER C 423 2.64 -26.46 -30.25
N ASN C 424 1.34 -26.77 -30.30
CA ASN C 424 0.59 -26.78 -31.54
C ASN C 424 -0.61 -25.85 -31.48
N ALA C 425 -0.69 -25.06 -30.41
CA ALA C 425 -1.68 -24.00 -30.35
C ALA C 425 -1.06 -22.87 -29.58
N ARG C 426 -1.74 -21.73 -29.51
CA ARG C 426 -1.19 -20.58 -28.81
C ARG C 426 -0.90 -20.93 -27.36
N THR C 427 0.20 -20.43 -26.81
CA THR C 427 0.42 -20.59 -25.38
C THR C 427 0.27 -19.22 -24.75
N PRO C 428 -0.14 -19.17 -23.47
CA PRO C 428 -0.66 -17.92 -22.90
C PRO C 428 0.40 -16.82 -22.82
N LEU C 429 -0.01 -15.58 -23.09
CA LEU C 429 0.91 -14.43 -23.08
C LEU C 429 1.49 -14.14 -21.69
N TYR C 430 0.78 -14.54 -20.63
CA TYR C 430 1.28 -14.37 -19.27
C TYR C 430 2.51 -15.24 -18.95
N LEU C 431 2.95 -16.05 -19.92
CA LEU C 431 4.20 -16.80 -19.72
C LEU C 431 5.35 -16.09 -20.43
N ASN C 432 6.45 -15.89 -19.71
CA ASN C 432 7.63 -15.29 -20.34
C ASN C 432 8.43 -16.28 -21.15
N LYS C 433 8.43 -16.08 -22.47
CA LYS C 433 9.32 -16.80 -23.35
C LYS C 433 10.61 -16.01 -23.39
N LYS C 434 11.50 -16.29 -22.45
CA LYS C 434 12.78 -15.56 -22.33
C LYS C 434 13.59 -15.65 -23.64
N GLU C 435 14.56 -14.75 -23.80
CA GLU C 435 15.41 -14.72 -24.99
C GLU C 435 16.32 -15.92 -24.90
N ASN C 436 16.20 -16.58 -23.77
CA ASN C 436 17.00 -17.72 -23.37
C ASN C 436 16.44 -19.05 -23.86
N GLN C 437 15.21 -19.01 -24.39
CA GLN C 437 14.45 -20.21 -24.74
C GLN C 437 13.96 -20.22 -26.18
N THR C 438 13.76 -21.41 -26.72
CA THR C 438 13.30 -21.59 -28.09
C THR C 438 11.88 -22.15 -28.12
N TYR C 439 10.96 -21.36 -28.64
CA TYR C 439 9.55 -21.75 -28.72
C TYR C 439 9.28 -22.32 -30.11
N ILE C 440 9.16 -23.64 -30.24
CA ILE C 440 8.82 -24.23 -31.54
C ILE C 440 7.30 -24.35 -31.64
N GLN C 441 6.72 -23.81 -32.72
CA GLN C 441 5.27 -23.83 -32.89
C GLN C 441 4.90 -24.66 -34.10
N THR C 442 4.23 -25.79 -33.90
CA THR C 442 3.85 -26.67 -34.99
C THR C 442 2.52 -26.27 -35.65
N TRP C 443 1.69 -25.54 -34.93
CA TRP C 443 0.33 -25.22 -35.38
C TRP C 443 -0.40 -26.52 -35.68
N HIS C 444 -1.61 -26.44 -36.20
CA HIS C 444 -2.46 -27.63 -36.28
C HIS C 444 -3.22 -27.84 -37.60
N GLY C 445 -2.69 -27.31 -38.71
CA GLY C 445 -3.27 -27.61 -40.00
C GLY C 445 -3.28 -26.52 -41.06
N THR C 446 -3.25 -26.95 -42.32
CA THR C 446 -3.33 -26.06 -43.48
C THR C 446 -4.63 -25.28 -43.45
N PRO C 447 -4.55 -23.96 -43.59
CA PRO C 447 -5.75 -23.15 -43.42
C PRO C 447 -6.69 -23.18 -44.63
N LEU C 448 -7.98 -23.15 -44.33
CA LEU C 448 -9.01 -23.07 -45.35
C LEU C 448 -9.81 -21.80 -45.10
N LYS C 449 -10.09 -21.53 -43.83
CA LYS C 449 -10.73 -20.30 -43.42
C LYS C 449 -9.63 -19.32 -43.07
N ARG C 450 -9.91 -18.03 -43.14
CA ARG C 450 -8.89 -17.03 -42.85
C ARG C 450 -8.74 -16.78 -41.35
N LEU C 451 -7.49 -16.70 -40.90
CA LEU C 451 -7.21 -16.57 -39.47
C LEU C 451 -6.31 -15.38 -39.14
N ALA C 452 -6.13 -15.13 -37.85
CA ALA C 452 -5.21 -14.11 -37.35
C ALA C 452 -5.40 -12.78 -38.04
N ASN C 453 -4.29 -12.21 -38.50
CA ASN C 453 -4.33 -10.90 -39.15
C ASN C 453 -5.35 -10.82 -40.28
N ASP C 454 -5.40 -11.87 -41.11
CA ASP C 454 -6.18 -11.84 -42.34
C ASP C 454 -7.68 -11.79 -42.12
N MET C 455 -8.13 -12.04 -40.89
CA MET C 455 -9.54 -11.90 -40.56
C MET C 455 -9.97 -10.46 -40.76
N LYS C 456 -11.23 -10.27 -41.12
CA LYS C 456 -11.76 -8.94 -41.43
C LYS C 456 -12.37 -8.30 -40.19
N VAL C 457 -13.43 -8.93 -39.69
CA VAL C 457 -14.08 -8.50 -38.45
C VAL C 457 -14.30 -9.70 -37.53
N VAL C 458 -14.28 -9.45 -36.23
CA VAL C 458 -14.37 -10.49 -35.21
C VAL C 458 -15.19 -9.98 -34.02
N ARG C 459 -16.49 -10.23 -34.02
CA ARG C 459 -17.34 -9.74 -32.93
C ARG C 459 -17.32 -10.66 -31.70
N MET C 460 -16.17 -11.32 -31.48
CA MET C 460 -15.96 -12.20 -30.32
C MET C 460 -16.10 -11.45 -28.99
N PRO C 461 -16.99 -11.94 -28.11
CA PRO C 461 -17.32 -11.28 -26.84
C PRO C 461 -16.09 -11.08 -25.95
N GLY C 462 -16.01 -9.91 -25.32
CA GLY C 462 -14.90 -9.60 -24.42
C GLY C 462 -13.66 -9.06 -25.11
N THR C 463 -13.60 -9.18 -26.44
CA THR C 463 -12.42 -8.78 -27.21
C THR C 463 -12.78 -8.16 -28.58
N THR C 464 -12.01 -7.15 -28.99
CA THR C 464 -12.25 -6.45 -30.25
C THR C 464 -11.19 -6.78 -31.29
N THR C 465 -11.55 -6.73 -32.57
CA THR C 465 -10.61 -7.04 -33.65
C THR C 465 -9.19 -6.49 -33.43
N PRO C 466 -9.03 -5.16 -33.35
CA PRO C 466 -7.66 -4.66 -33.10
C PRO C 466 -6.98 -5.31 -31.89
N LYS C 467 -7.65 -5.34 -30.74
CA LYS C 467 -7.04 -5.94 -29.55
C LYS C 467 -6.73 -7.43 -29.77
N TYR C 468 -7.68 -8.16 -30.34
CA TYR C 468 -7.49 -9.57 -30.65
C TYR C 468 -6.29 -9.81 -31.55
N LYS C 469 -6.09 -8.91 -32.51
CA LYS C 469 -4.98 -8.99 -33.44
C LYS C 469 -3.67 -8.54 -32.79
N ARG C 470 -3.74 -7.49 -31.98
CA ARG C 470 -2.54 -7.09 -31.26
C ARG C 470 -2.06 -8.28 -30.45
N ASN C 471 -2.99 -8.98 -29.82
CA ASN C 471 -2.60 -10.05 -28.91
C ASN C 471 -2.08 -11.28 -29.66
N PHE C 472 -2.74 -11.63 -30.75
CA PHE C 472 -2.27 -12.74 -31.59
C PHE C 472 -0.85 -12.45 -32.06
N ASN C 473 -0.56 -11.19 -32.33
CA ASN C 473 0.72 -10.76 -32.85
C ASN C 473 1.82 -10.86 -31.80
N ARG C 474 1.55 -10.35 -30.60
CA ARG C 474 2.49 -10.47 -29.50
C ARG C 474 2.91 -11.92 -29.34
N GLU C 475 1.99 -12.82 -29.68
CA GLU C 475 2.19 -14.25 -29.50
C GLU C 475 3.00 -14.89 -30.63
N THR C 476 2.77 -14.48 -31.87
CA THR C 476 3.57 -15.03 -32.96
C THR C 476 5.01 -14.51 -32.92
N SER C 477 5.22 -13.30 -32.40
CA SER C 477 6.56 -12.76 -32.30
C SER C 477 7.42 -13.61 -31.36
N ARG C 478 6.75 -14.46 -30.58
CA ARG C 478 7.44 -15.35 -29.65
C ARG C 478 7.79 -16.67 -30.31
N TRP C 479 7.25 -16.89 -31.51
CA TRP C 479 7.53 -18.12 -32.22
C TRP C 479 8.91 -18.01 -32.85
N ASP C 480 9.84 -18.78 -32.30
CA ASP C 480 11.15 -18.95 -32.88
C ASP C 480 11.05 -19.80 -34.14
N TYR C 481 10.16 -20.79 -34.10
CA TYR C 481 10.00 -21.71 -35.21
C TYR C 481 8.53 -22.03 -35.47
N LEU C 482 8.12 -21.88 -36.72
CA LEU C 482 6.74 -22.14 -37.13
C LEU C 482 6.80 -23.21 -38.21
N ILE C 483 6.09 -24.31 -38.02
CA ILE C 483 6.09 -25.36 -39.04
C ILE C 483 5.12 -25.03 -40.18
N SER C 484 5.34 -25.64 -41.34
CA SER C 484 4.41 -25.51 -42.44
C SER C 484 4.33 -26.83 -43.19
N PRO C 485 3.14 -27.16 -43.72
CA PRO C 485 2.95 -28.39 -44.49
C PRO C 485 3.05 -28.12 -45.98
N ASN C 486 3.07 -26.85 -46.38
CA ASN C 486 3.15 -26.51 -47.79
C ASN C 486 3.33 -25.03 -48.05
N ARG C 487 3.77 -24.69 -49.25
CA ARG C 487 3.99 -23.30 -49.61
C ARG C 487 2.69 -22.52 -49.53
N TYR C 488 1.58 -23.22 -49.72
CA TYR C 488 0.26 -22.60 -49.61
C TYR C 488 0.09 -22.01 -48.22
N SER C 489 0.54 -22.75 -47.22
CA SER C 489 0.43 -22.30 -45.85
C SER C 489 1.55 -21.31 -45.51
N THR C 490 2.74 -21.56 -46.05
CA THR C 490 3.87 -20.64 -45.86
C THR C 490 3.54 -19.25 -46.40
N GLU C 491 3.04 -19.21 -47.63
CA GLU C 491 2.55 -17.99 -48.25
C GLU C 491 1.55 -17.32 -47.31
N ILE C 492 0.69 -18.14 -46.72
CA ILE C 492 -0.39 -17.64 -45.88
C ILE C 492 0.10 -17.17 -44.52
N PHE C 493 0.81 -18.03 -43.80
CA PHE C 493 1.34 -17.65 -42.49
C PHE C 493 2.02 -16.30 -42.57
N ARG C 494 2.97 -16.16 -43.49
CA ARG C 494 3.77 -14.94 -43.62
C ARG C 494 2.96 -13.65 -43.44
N SER C 495 1.77 -13.60 -44.05
CA SER C 495 0.87 -12.45 -43.89
C SER C 495 0.04 -12.54 -42.62
N ALA C 496 -0.60 -13.68 -42.42
CA ALA C 496 -1.56 -13.89 -41.34
C ALA C 496 -0.93 -13.85 -39.96
N PHE C 497 0.27 -14.41 -39.83
CA PHE C 497 0.92 -14.52 -38.52
C PHE C 497 2.05 -13.51 -38.31
N TRP C 498 2.20 -12.56 -39.22
CA TRP C 498 3.30 -11.63 -39.10
C TRP C 498 4.59 -12.44 -38.89
N MET C 499 4.89 -13.33 -39.84
CA MET C 499 6.09 -14.17 -39.77
C MET C 499 7.14 -13.68 -40.75
N ASP C 500 8.39 -14.12 -40.55
CA ASP C 500 9.44 -13.89 -41.52
C ASP C 500 9.86 -15.24 -42.04
N GLU C 501 9.85 -15.42 -43.36
CA GLU C 501 10.12 -16.73 -43.95
C GLU C 501 11.35 -17.41 -43.32
N GLU C 502 12.26 -16.61 -42.77
CA GLU C 502 13.44 -17.14 -42.08
C GLU C 502 13.09 -18.23 -41.08
N ARG C 503 11.94 -18.11 -40.43
CA ARG C 503 11.60 -18.96 -39.28
C ARG C 503 10.60 -20.08 -39.59
N ILE C 504 10.23 -20.21 -40.85
CA ILE C 504 9.22 -21.19 -41.23
C ILE C 504 9.89 -22.47 -41.69
N LEU C 505 9.66 -23.55 -40.96
CA LEU C 505 10.18 -24.85 -41.38
C LEU C 505 9.16 -25.61 -42.25
N GLU C 506 9.35 -25.57 -43.56
CA GLU C 506 8.51 -26.30 -44.50
C GLU C 506 8.84 -27.78 -44.50
N ILE C 507 8.53 -28.47 -43.42
CA ILE C 507 8.96 -29.86 -43.28
C ILE C 507 7.81 -30.85 -43.19
N GLY C 508 6.58 -30.32 -43.15
CA GLY C 508 5.39 -31.13 -43.01
C GLY C 508 5.07 -31.41 -41.56
N TYR C 509 3.83 -31.85 -41.29
CA TYR C 509 3.39 -32.06 -39.92
C TYR C 509 3.81 -33.42 -39.40
N PRO C 510 4.41 -33.43 -38.20
CA PRO C 510 4.78 -34.66 -37.51
C PRO C 510 3.56 -35.55 -37.22
N ARG C 511 2.39 -34.96 -37.05
CA ARG C 511 1.21 -35.76 -36.78
C ARG C 511 0.85 -36.53 -38.02
N ASN C 512 1.22 -35.97 -39.17
CA ASN C 512 1.01 -36.63 -40.46
C ASN C 512 2.10 -37.65 -40.83
N ASP C 513 3.15 -37.75 -40.01
CA ASP C 513 4.18 -38.76 -40.20
C ASP C 513 3.60 -40.12 -40.55
N VAL C 514 2.76 -40.66 -39.67
CA VAL C 514 2.23 -42.01 -39.84
C VAL C 514 1.33 -42.20 -41.07
N LEU C 515 1.01 -41.12 -41.78
CA LEU C 515 0.25 -41.24 -43.02
C LEU C 515 1.19 -41.68 -44.16
N VAL C 516 2.48 -41.43 -43.98
CA VAL C 516 3.48 -41.76 -44.98
C VAL C 516 4.14 -43.11 -44.68
N ASN C 517 4.56 -43.29 -43.43
CA ASN C 517 5.36 -44.45 -43.01
C ASN C 517 4.57 -45.73 -42.72
N ARG C 518 3.24 -45.66 -42.77
CA ARG C 518 2.43 -46.80 -42.31
C ARG C 518 1.19 -47.11 -43.17
N ALA C 519 1.01 -46.39 -44.28
CA ALA C 519 -0.19 -46.53 -45.11
C ALA C 519 -0.39 -47.96 -45.61
N ASN C 520 0.61 -48.81 -45.40
CA ASN C 520 0.56 -50.20 -45.87
C ASN C 520 0.90 -51.21 -44.76
N ASP C 521 1.15 -50.71 -43.55
CA ASP C 521 1.50 -51.56 -42.40
C ASP C 521 0.29 -52.34 -41.86
N GLN C 522 0.06 -53.54 -42.40
CA GLN C 522 -1.15 -54.31 -42.12
C GLN C 522 -1.39 -54.71 -40.65
N GLU C 523 -0.36 -55.12 -39.93
CA GLU C 523 -0.59 -55.48 -38.53
C GLU C 523 -1.02 -54.25 -37.75
N TYR C 524 -0.71 -53.09 -38.28
CA TYR C 524 -0.99 -51.82 -37.61
C TYR C 524 -2.31 -51.23 -38.08
N LEU C 525 -2.69 -51.49 -39.32
CA LEU C 525 -4.04 -51.14 -39.78
C LEU C 525 -5.04 -52.04 -39.05
N ASP C 526 -4.54 -53.17 -38.54
CA ASP C 526 -5.42 -54.13 -37.89
C ASP C 526 -5.58 -53.84 -36.39
N GLU C 527 -4.53 -53.34 -35.74
CA GLU C 527 -4.64 -52.91 -34.35
C GLU C 527 -5.76 -51.88 -34.25
N ILE C 528 -5.67 -50.86 -35.09
CA ILE C 528 -6.64 -49.78 -35.08
C ILE C 528 -8.04 -50.34 -35.28
N ARG C 529 -8.22 -51.16 -36.32
CA ARG C 529 -9.53 -51.74 -36.62
C ARG C 529 -10.08 -52.61 -35.47
N THR C 530 -9.25 -53.46 -34.88
CA THR C 530 -9.76 -54.33 -33.81
C THR C 530 -9.79 -53.61 -32.45
N HIS C 531 -9.29 -52.38 -32.42
CA HIS C 531 -9.38 -51.55 -31.23
C HIS C 531 -10.80 -51.00 -31.15
N LEU C 532 -11.39 -50.77 -32.32
CA LEU C 532 -12.70 -50.14 -32.42
C LEU C 532 -13.83 -51.14 -32.65
N ASN C 533 -13.52 -52.42 -32.53
CA ASN C 533 -14.51 -53.48 -32.75
C ASN C 533 -15.16 -53.42 -34.13
N LEU C 534 -14.39 -53.05 -35.14
CA LEU C 534 -14.90 -52.94 -36.51
C LEU C 534 -15.04 -54.30 -37.17
N PRO C 535 -16.19 -54.52 -37.84
CA PRO C 535 -16.47 -55.66 -38.71
C PRO C 535 -15.25 -56.13 -39.50
N SER C 536 -15.26 -57.40 -39.87
CA SER C 536 -14.11 -58.04 -40.50
C SER C 536 -14.16 -57.91 -42.01
N ASP C 537 -15.34 -57.61 -42.54
CA ASP C 537 -15.57 -57.66 -43.97
C ASP C 537 -16.00 -56.31 -44.57
N LYS C 538 -16.01 -55.26 -43.76
CA LYS C 538 -16.57 -53.99 -44.22
C LYS C 538 -15.58 -52.83 -44.38
N LYS C 539 -15.71 -52.12 -45.50
CA LYS C 539 -14.88 -50.97 -45.77
C LYS C 539 -15.30 -49.78 -44.92
N VAL C 540 -14.39 -48.83 -44.74
CA VAL C 540 -14.58 -47.76 -43.79
C VAL C 540 -14.80 -46.40 -44.44
N ILE C 541 -15.77 -45.66 -43.93
CA ILE C 541 -16.05 -44.33 -44.42
C ILE C 541 -15.97 -43.37 -43.24
N MET C 542 -15.13 -42.34 -43.31
CA MET C 542 -15.16 -41.35 -42.24
C MET C 542 -15.98 -40.13 -42.66
N TYR C 543 -16.70 -39.55 -41.72
CA TYR C 543 -17.43 -38.32 -41.98
C TYR C 543 -17.04 -37.37 -40.85
N ALA C 544 -16.62 -36.16 -41.19
CA ALA C 544 -16.18 -35.21 -40.19
C ALA C 544 -16.57 -33.78 -40.53
N PRO C 545 -17.82 -33.43 -40.24
CA PRO C 545 -18.33 -32.08 -40.49
C PRO C 545 -17.83 -31.14 -39.42
N THR C 546 -17.54 -29.89 -39.78
CA THR C 546 -17.10 -28.89 -38.81
C THR C 546 -18.23 -28.38 -37.95
N TRP C 547 -17.89 -27.73 -36.84
CA TRP C 547 -18.91 -27.20 -35.96
C TRP C 547 -19.67 -26.09 -36.65
N ARG C 548 -20.97 -26.04 -36.40
CA ARG C 548 -21.85 -24.98 -36.89
C ARG C 548 -22.73 -24.44 -35.76
N ASP C 549 -22.57 -23.16 -35.44
CA ASP C 549 -23.35 -22.50 -34.38
C ASP C 549 -24.83 -22.87 -34.50
N ASP C 550 -25.44 -22.34 -35.56
CA ASP C 550 -26.77 -22.73 -36.03
C ASP C 550 -27.43 -23.89 -35.26
N GLU C 551 -26.91 -25.09 -35.43
CA GLU C 551 -27.61 -26.32 -35.06
C GLU C 551 -27.81 -26.59 -33.58
N PHE C 552 -27.31 -25.72 -32.71
CA PHE C 552 -27.51 -25.91 -31.28
C PHE C 552 -28.89 -25.41 -30.84
N VAL C 553 -29.59 -26.23 -30.07
CA VAL C 553 -30.93 -25.89 -29.59
C VAL C 553 -31.38 -26.76 -28.40
N SER C 554 -32.12 -26.16 -27.47
CA SER C 554 -32.76 -26.87 -26.36
C SER C 554 -31.80 -27.59 -25.41
N LYS C 555 -30.93 -26.83 -24.77
CA LYS C 555 -30.00 -27.36 -23.76
C LYS C 555 -28.89 -28.27 -24.33
N GLY C 556 -29.04 -28.68 -25.59
CA GLY C 556 -28.12 -29.63 -26.18
C GLY C 556 -28.43 -31.04 -25.71
N LYS C 557 -29.71 -31.27 -25.39
CA LYS C 557 -30.20 -32.56 -24.94
C LYS C 557 -30.50 -33.50 -26.12
N TYR C 558 -31.53 -33.18 -26.90
CA TYR C 558 -31.95 -34.01 -28.03
C TYR C 558 -31.75 -33.32 -29.37
N LEU C 559 -30.80 -33.83 -30.16
CA LEU C 559 -30.51 -33.26 -31.48
C LEU C 559 -31.44 -33.81 -32.56
N PHE C 560 -31.46 -33.13 -33.70
CA PHE C 560 -32.10 -33.68 -34.88
C PHE C 560 -31.08 -34.51 -35.65
N GLU C 561 -31.52 -35.63 -36.18
CA GLU C 561 -30.66 -36.53 -36.92
C GLU C 561 -29.84 -35.80 -37.97
N LEU C 562 -28.60 -36.23 -38.14
CA LEU C 562 -27.70 -35.64 -39.12
C LEU C 562 -28.33 -35.47 -40.50
N LYS C 563 -27.98 -34.38 -41.17
CA LYS C 563 -28.53 -34.11 -42.49
C LYS C 563 -28.11 -35.17 -43.49
N ILE C 564 -27.00 -35.84 -43.23
CA ILE C 564 -26.51 -36.85 -44.16
C ILE C 564 -27.51 -38.00 -44.26
N ASP C 565 -28.49 -38.01 -43.37
CA ASP C 565 -29.53 -39.04 -43.36
C ASP C 565 -28.89 -40.40 -43.12
N LEU C 566 -28.91 -40.85 -41.86
CA LEU C 566 -28.26 -42.11 -41.51
C LEU C 566 -29.06 -43.34 -41.93
N ASP C 567 -30.38 -43.27 -41.79
CA ASP C 567 -31.26 -44.38 -42.17
C ASP C 567 -31.07 -44.76 -43.63
N ASN C 568 -30.82 -43.74 -44.45
CA ASN C 568 -30.52 -43.94 -45.86
C ASN C 568 -29.21 -44.68 -46.02
N LEU C 569 -28.14 -44.11 -45.47
CA LEU C 569 -26.82 -44.70 -45.64
C LEU C 569 -26.81 -46.18 -45.22
N TYR C 570 -27.59 -46.52 -44.20
CA TYR C 570 -27.75 -47.90 -43.73
C TYR C 570 -28.37 -48.80 -44.82
N LYS C 571 -29.39 -48.30 -45.53
CA LYS C 571 -30.04 -49.03 -46.61
C LYS C 571 -29.11 -49.31 -47.78
N GLU C 572 -28.39 -48.27 -48.20
CA GLU C 572 -27.57 -48.32 -49.40
C GLU C 572 -26.20 -48.95 -49.19
N LEU C 573 -25.65 -48.76 -47.99
CA LEU C 573 -24.25 -49.10 -47.75
C LEU C 573 -24.05 -50.14 -46.65
N GLY C 574 -25.08 -50.39 -45.86
CA GLY C 574 -24.99 -51.27 -44.70
C GLY C 574 -24.32 -52.62 -44.92
N ASP C 575 -24.43 -53.12 -46.15
CA ASP C 575 -23.87 -54.42 -46.52
C ASP C 575 -22.37 -54.30 -46.82
N ASP C 576 -21.98 -53.25 -47.54
CA ASP C 576 -20.60 -53.10 -47.95
C ASP C 576 -19.78 -52.20 -47.02
N TYR C 577 -20.46 -51.46 -46.14
CA TYR C 577 -19.82 -50.36 -45.39
C TYR C 577 -20.01 -50.27 -43.89
N VAL C 578 -19.28 -49.32 -43.32
CA VAL C 578 -19.47 -48.94 -41.95
C VAL C 578 -19.06 -47.48 -41.98
N ILE C 579 -19.72 -46.62 -41.19
CA ILE C 579 -19.38 -45.20 -41.24
C ILE C 579 -18.90 -44.65 -39.90
N LEU C 580 -17.63 -44.28 -39.84
CA LEU C 580 -17.09 -43.63 -38.65
C LEU C 580 -17.50 -42.16 -38.60
N LEU C 581 -18.35 -41.82 -37.64
CA LEU C 581 -18.85 -40.47 -37.48
C LEU C 581 -17.93 -39.72 -36.53
N ARG C 582 -17.24 -38.68 -37.01
CA ARG C 582 -16.42 -37.86 -36.14
C ARG C 582 -16.99 -36.44 -35.96
N MET C 583 -17.83 -36.25 -34.95
CA MET C 583 -18.48 -34.97 -34.72
C MET C 583 -17.75 -34.09 -33.70
N ALA C 584 -18.21 -32.84 -33.55
CA ALA C 584 -17.75 -31.99 -32.46
C ALA C 584 -18.28 -32.55 -31.14
N TYR C 585 -17.60 -32.27 -30.03
CA TYR C 585 -17.88 -32.98 -28.78
C TYR C 585 -19.31 -32.80 -28.27
N LEU C 586 -20.02 -31.80 -28.77
CA LEU C 586 -21.38 -31.49 -28.33
C LEU C 586 -22.47 -32.27 -29.06
N ILE C 587 -22.28 -32.47 -30.37
CA ILE C 587 -23.19 -33.30 -31.15
C ILE C 587 -23.06 -34.77 -30.72
N SER C 588 -21.82 -35.19 -30.42
CA SER C 588 -21.52 -36.58 -30.05
C SER C 588 -22.29 -37.11 -28.81
N ASN C 589 -22.03 -36.54 -27.64
CA ASN C 589 -22.78 -36.97 -26.45
C ASN C 589 -24.18 -36.40 -26.46
N ALA C 590 -24.77 -36.39 -27.65
CA ALA C 590 -26.15 -35.99 -27.88
C ALA C 590 -26.76 -36.89 -28.95
N LEU C 591 -25.91 -37.67 -29.60
CA LEU C 591 -26.28 -38.55 -30.70
C LEU C 591 -26.77 -39.90 -30.24
N ASP C 592 -28.01 -40.25 -30.56
CA ASP C 592 -28.45 -41.62 -30.29
C ASP C 592 -28.18 -42.50 -31.51
N LEU C 593 -27.38 -43.54 -31.30
CA LEU C 593 -27.00 -44.46 -32.37
C LEU C 593 -27.62 -45.83 -32.11
N SER C 594 -28.83 -45.82 -31.55
CA SER C 594 -29.59 -47.05 -31.35
C SER C 594 -30.08 -47.62 -32.67
N GLY C 595 -29.71 -48.88 -32.91
CA GLY C 595 -30.14 -49.58 -34.09
C GLY C 595 -29.28 -49.23 -35.29
N TYR C 596 -28.11 -48.69 -35.03
CA TYR C 596 -27.15 -48.44 -36.09
C TYR C 596 -25.87 -49.16 -35.72
N GLU C 597 -25.96 -49.96 -34.65
CA GLU C 597 -24.82 -50.75 -34.19
C GLU C 597 -24.14 -51.51 -35.31
N ASN C 598 -22.81 -51.43 -35.34
CA ASN C 598 -22.03 -52.08 -36.39
C ASN C 598 -22.18 -51.42 -37.75
N PHE C 599 -22.88 -50.28 -37.80
CA PHE C 599 -22.89 -49.46 -39.01
C PHE C 599 -22.35 -48.04 -38.78
N ALA C 600 -22.91 -47.31 -37.84
CA ALA C 600 -22.32 -46.03 -37.49
C ALA C 600 -21.63 -46.11 -36.14
N ILE C 601 -20.30 -46.03 -36.17
CA ILE C 601 -19.52 -46.11 -34.95
C ILE C 601 -19.12 -44.71 -34.53
N ASP C 602 -19.61 -44.24 -33.38
CA ASP C 602 -19.21 -42.92 -32.92
C ASP C 602 -17.73 -42.88 -32.58
N VAL C 603 -17.02 -41.93 -33.19
CA VAL C 603 -15.58 -41.91 -33.10
C VAL C 603 -15.06 -40.51 -32.71
N SER C 604 -15.94 -39.67 -32.17
CA SER C 604 -15.58 -38.29 -31.85
C SER C 604 -14.56 -38.12 -30.74
N ASN C 605 -14.40 -39.15 -29.91
CA ASN C 605 -13.57 -39.03 -28.71
C ASN C 605 -12.24 -39.76 -28.80
N TYR C 606 -11.93 -40.25 -29.99
CA TYR C 606 -10.76 -41.06 -30.21
C TYR C 606 -9.55 -40.13 -30.26
N ASN C 607 -8.48 -40.48 -29.55
CA ASN C 607 -7.38 -39.52 -29.37
C ASN C 607 -6.64 -39.14 -30.66
N ASP C 608 -6.21 -40.13 -31.43
CA ASP C 608 -5.34 -39.85 -32.57
C ASP C 608 -6.05 -39.93 -33.93
N VAL C 609 -6.28 -38.77 -34.54
CA VAL C 609 -7.08 -38.68 -35.76
C VAL C 609 -6.34 -39.19 -36.99
N SER C 610 -5.03 -39.26 -36.90
CA SER C 610 -4.27 -39.73 -38.05
C SER C 610 -4.52 -41.22 -38.22
N GLU C 611 -4.68 -41.93 -37.12
CA GLU C 611 -4.97 -43.36 -37.19
C GLU C 611 -6.34 -43.59 -37.84
N LEU C 612 -7.31 -42.74 -37.53
CA LEU C 612 -8.61 -42.83 -38.17
C LEU C 612 -8.46 -42.74 -39.68
N PHE C 613 -7.60 -41.84 -40.14
CA PHE C 613 -7.39 -41.67 -41.59
C PHE C 613 -6.86 -42.95 -42.25
N LEU C 614 -5.78 -43.49 -41.67
CA LEU C 614 -5.10 -44.67 -42.20
C LEU C 614 -6.04 -45.81 -42.55
N ILE C 615 -7.14 -45.92 -41.82
CA ILE C 615 -8.05 -47.05 -41.97
C ILE C 615 -9.32 -46.68 -42.70
N SER C 616 -9.36 -45.46 -43.26
CA SER C 616 -10.55 -45.02 -43.98
C SER C 616 -10.38 -45.11 -45.49
N ASP C 617 -11.39 -45.68 -46.16
CA ASP C 617 -11.35 -45.84 -47.60
C ASP C 617 -11.77 -44.56 -48.32
N CYS C 618 -12.41 -43.65 -47.59
CA CYS C 618 -12.67 -42.31 -48.10
C CYS C 618 -13.18 -41.40 -46.99
N LEU C 619 -13.27 -40.10 -47.26
CA LEU C 619 -13.50 -39.12 -46.22
C LEU C 619 -14.50 -38.08 -46.67
N ILE C 620 -15.68 -38.10 -46.08
CA ILE C 620 -16.70 -37.10 -46.34
C ILE C 620 -16.47 -35.97 -45.34
N THR C 621 -16.19 -34.76 -45.83
CA THR C 621 -16.14 -33.60 -44.93
C THR C 621 -16.93 -32.42 -45.52
N ASP C 622 -16.80 -31.22 -44.96
CA ASP C 622 -17.28 -30.01 -45.66
C ASP C 622 -16.26 -28.87 -45.73
N TYR C 623 -16.22 -28.03 -44.70
CA TYR C 623 -15.23 -26.96 -44.69
C TYR C 623 -14.24 -27.18 -43.56
N SER C 624 -13.23 -28.01 -43.82
CA SER C 624 -12.30 -28.42 -42.76
C SER C 624 -10.87 -28.65 -43.25
N SER C 625 -9.89 -28.28 -42.43
CA SER C 625 -8.49 -28.42 -42.80
C SER C 625 -8.00 -29.87 -42.80
N VAL C 626 -8.89 -30.80 -42.46
CA VAL C 626 -8.52 -32.21 -42.45
C VAL C 626 -8.41 -32.77 -43.87
N MET C 627 -9.08 -32.14 -44.83
CA MET C 627 -8.98 -32.61 -46.22
C MET C 627 -7.54 -32.54 -46.68
N PHE C 628 -6.79 -31.58 -46.13
CA PHE C 628 -5.40 -31.38 -46.49
C PHE C 628 -4.51 -32.45 -45.86
N ASP C 629 -4.97 -33.04 -44.76
CA ASP C 629 -4.19 -34.07 -44.11
C ASP C 629 -4.46 -35.42 -44.76
N TYR C 630 -5.74 -35.69 -44.99
CA TYR C 630 -6.18 -36.96 -45.57
C TYR C 630 -5.64 -37.11 -47.00
N GLY C 631 -5.44 -35.96 -47.66
CA GLY C 631 -4.99 -35.94 -49.05
C GLY C 631 -3.66 -36.63 -49.29
N ILE C 632 -2.83 -36.67 -48.25
CA ILE C 632 -1.54 -37.38 -48.26
C ILE C 632 -1.67 -38.82 -48.79
N LEU C 633 -2.83 -39.43 -48.55
CA LEU C 633 -3.09 -40.80 -48.95
C LEU C 633 -3.70 -40.90 -50.35
N LYS C 634 -3.97 -39.74 -50.96
CA LYS C 634 -4.57 -39.68 -52.29
C LYS C 634 -5.83 -40.56 -52.42
N ARG C 635 -6.63 -40.65 -51.35
CA ARG C 635 -7.89 -41.38 -51.40
C ARG C 635 -9.07 -40.47 -51.80
N PRO C 636 -10.22 -41.05 -52.18
CA PRO C 636 -11.33 -40.19 -52.66
C PRO C 636 -11.90 -39.36 -51.53
N GLN C 637 -12.42 -38.17 -51.84
CA GLN C 637 -13.08 -37.35 -50.82
C GLN C 637 -14.37 -36.77 -51.37
N PHE C 638 -15.39 -36.62 -50.52
CA PHE C 638 -16.65 -36.00 -50.91
C PHE C 638 -16.92 -34.83 -49.97
N PHE C 639 -17.55 -33.79 -50.48
CA PHE C 639 -17.72 -32.60 -49.68
C PHE C 639 -19.20 -32.24 -49.53
N PHE C 640 -19.78 -32.77 -48.47
CA PHE C 640 -21.20 -32.65 -48.21
C PHE C 640 -21.51 -31.30 -47.54
N ALA C 641 -21.71 -30.29 -48.37
CA ALA C 641 -21.89 -28.91 -47.95
C ALA C 641 -23.34 -28.42 -48.02
N TYR C 642 -24.24 -29.15 -47.37
CA TYR C 642 -25.69 -28.87 -47.43
C TYR C 642 -26.06 -27.40 -47.18
N ASP C 643 -25.21 -26.68 -46.49
CA ASP C 643 -25.51 -25.29 -46.18
C ASP C 643 -24.55 -24.37 -46.90
N ILE C 644 -24.15 -24.75 -48.13
CA ILE C 644 -23.16 -23.97 -48.87
C ILE C 644 -23.64 -22.56 -49.25
N ASP C 645 -24.95 -22.35 -49.31
CA ASP C 645 -25.51 -21.04 -49.67
C ASP C 645 -25.53 -20.10 -48.48
N LYS C 646 -25.83 -20.62 -47.29
CA LYS C 646 -25.80 -19.83 -46.08
C LYS C 646 -24.39 -19.33 -45.78
N TYR C 647 -23.39 -19.97 -46.40
CA TYR C 647 -21.99 -19.58 -46.23
C TYR C 647 -21.50 -18.58 -47.30
N ASP C 648 -22.20 -17.45 -47.42
CA ASP C 648 -21.76 -16.30 -48.24
C ASP C 648 -22.08 -16.37 -49.75
N LYS C 649 -22.67 -17.49 -50.19
CA LYS C 649 -22.98 -17.71 -51.60
C LYS C 649 -21.72 -18.12 -52.41
N GLY C 650 -20.83 -17.15 -52.63
CA GLY C 650 -19.54 -17.42 -53.25
C GLY C 650 -18.43 -16.78 -52.43
N LEU C 651 -18.10 -17.41 -51.31
CA LEU C 651 -17.25 -16.77 -50.30
C LEU C 651 -15.75 -16.85 -50.54
N ARG C 652 -15.13 -15.68 -50.48
CA ARG C 652 -13.68 -15.56 -50.59
C ARG C 652 -13.08 -15.43 -49.19
N GLY C 653 -13.89 -15.75 -48.18
CA GLY C 653 -13.39 -15.88 -46.83
C GLY C 653 -12.58 -17.17 -46.74
N PHE C 654 -12.17 -17.68 -47.91
CA PHE C 654 -11.43 -18.94 -48.06
C PHE C 654 -10.18 -18.69 -48.88
N TYR C 655 -9.02 -18.97 -48.31
CA TYR C 655 -7.76 -18.75 -49.01
C TYR C 655 -7.69 -19.50 -50.34
N MET C 656 -8.55 -20.50 -50.52
CA MET C 656 -8.54 -21.26 -51.76
C MET C 656 -9.89 -21.18 -52.43
N ASN C 657 -9.94 -21.62 -53.69
CA ASN C 657 -11.21 -21.66 -54.42
C ASN C 657 -11.97 -22.97 -54.20
N TYR C 658 -12.72 -23.00 -53.11
CA TYR C 658 -13.52 -24.15 -52.71
C TYR C 658 -14.38 -24.67 -53.85
N MET C 659 -14.72 -23.79 -54.77
CA MET C 659 -15.69 -24.12 -55.80
C MET C 659 -15.05 -24.83 -56.97
N GLU C 660 -13.77 -25.22 -56.85
CA GLU C 660 -13.05 -25.66 -58.05
C GLU C 660 -11.88 -26.63 -57.83
N ASP C 661 -10.96 -26.30 -56.93
CA ASP C 661 -9.75 -27.11 -56.78
C ASP C 661 -9.62 -27.91 -55.48
N LEU C 662 -10.73 -28.51 -55.05
CA LEU C 662 -10.69 -29.58 -54.05
C LEU C 662 -10.88 -30.94 -54.74
N PRO C 663 -10.53 -32.05 -54.06
CA PRO C 663 -10.29 -33.35 -54.72
C PRO C 663 -11.53 -34.23 -54.79
N GLY C 664 -12.69 -33.65 -54.56
CA GLY C 664 -13.94 -34.39 -54.65
C GLY C 664 -15.11 -33.55 -55.14
N PRO C 665 -16.26 -34.19 -55.33
CA PRO C 665 -17.45 -33.48 -55.78
C PRO C 665 -18.06 -32.72 -54.62
N ILE C 666 -18.76 -31.64 -54.88
CA ILE C 666 -19.50 -30.94 -53.84
C ILE C 666 -20.98 -31.33 -53.90
N TYR C 667 -21.48 -32.03 -52.88
CA TYR C 667 -22.88 -32.45 -52.84
C TYR C 667 -23.67 -31.63 -51.82
N THR C 668 -24.92 -31.30 -52.15
CA THR C 668 -25.77 -30.49 -51.23
C THR C 668 -26.91 -31.30 -50.62
N GLU C 669 -27.28 -32.36 -51.31
CA GLU C 669 -28.24 -33.33 -50.81
C GLU C 669 -27.45 -34.62 -50.64
N PRO C 670 -27.84 -35.48 -49.68
CA PRO C 670 -26.94 -36.59 -49.35
C PRO C 670 -27.27 -37.90 -50.10
N TYR C 671 -28.10 -37.84 -51.15
CA TYR C 671 -28.63 -39.05 -51.80
C TYR C 671 -27.83 -39.48 -53.01
N GLY C 672 -27.40 -38.50 -53.81
CA GLY C 672 -26.50 -38.79 -54.92
C GLY C 672 -25.11 -38.99 -54.37
N LEU C 673 -24.93 -38.65 -53.09
CA LEU C 673 -23.68 -38.88 -52.37
C LEU C 673 -23.59 -40.36 -52.09
N ALA C 674 -24.62 -40.88 -51.43
CA ALA C 674 -24.74 -42.31 -51.14
C ALA C 674 -24.61 -43.18 -52.39
N LYS C 675 -25.39 -42.88 -53.44
CA LYS C 675 -25.30 -43.66 -54.66
C LYS C 675 -23.86 -43.72 -55.13
N GLU C 676 -23.29 -42.54 -55.35
CA GLU C 676 -21.89 -42.38 -55.73
C GLU C 676 -20.98 -43.24 -54.83
N LEU C 677 -21.26 -43.23 -53.53
CA LEU C 677 -20.46 -43.96 -52.54
C LEU C 677 -20.37 -45.46 -52.77
N LYS C 678 -21.39 -46.03 -53.42
CA LYS C 678 -21.41 -47.46 -53.68
C LYS C 678 -20.11 -47.95 -54.29
N ASN C 679 -19.80 -47.45 -55.48
CA ASN C 679 -18.60 -47.84 -56.20
C ASN C 679 -17.43 -46.83 -56.04
N LEU C 680 -16.64 -46.98 -54.97
CA LEU C 680 -15.49 -46.10 -54.76
C LEU C 680 -14.54 -46.03 -55.95
N ASP C 681 -14.39 -47.16 -56.64
CA ASP C 681 -13.45 -47.27 -57.76
C ASP C 681 -13.80 -46.33 -58.90
N LYS C 682 -15.09 -46.17 -59.16
CA LYS C 682 -15.52 -45.24 -60.19
C LYS C 682 -15.18 -43.81 -59.77
N VAL C 683 -15.22 -43.54 -58.47
CA VAL C 683 -14.89 -42.21 -57.96
C VAL C 683 -13.39 -41.97 -57.94
N GLN C 684 -12.64 -42.99 -57.55
CA GLN C 684 -11.18 -42.91 -57.57
C GLN C 684 -10.69 -42.65 -59.00
N GLN C 685 -11.31 -43.31 -59.97
CA GLN C 685 -10.96 -43.08 -61.38
C GLN C 685 -11.43 -41.72 -61.88
N GLN C 686 -12.69 -41.41 -61.65
CA GLN C 686 -13.28 -40.17 -62.15
C GLN C 686 -12.52 -38.96 -61.60
N TYR C 687 -12.03 -39.09 -60.37
CA TYR C 687 -11.41 -37.95 -59.70
C TYR C 687 -9.91 -38.05 -59.50
N GLN C 688 -9.31 -39.12 -60.01
CA GLN C 688 -7.86 -39.25 -59.92
C GLN C 688 -7.21 -37.94 -60.37
N GLU C 689 -7.76 -37.34 -61.43
CA GLU C 689 -7.28 -36.04 -61.91
C GLU C 689 -7.18 -35.03 -60.75
N LYS C 690 -8.33 -34.61 -60.23
CA LYS C 690 -8.35 -33.61 -59.18
C LYS C 690 -7.64 -34.04 -57.87
N ILE C 691 -7.51 -35.35 -57.66
CA ILE C 691 -6.92 -35.85 -56.42
C ILE C 691 -5.40 -35.68 -56.41
N ASP C 692 -4.78 -35.92 -57.56
CA ASP C 692 -3.36 -35.73 -57.72
C ASP C 692 -3.05 -34.23 -57.78
N ALA C 693 -3.90 -33.47 -58.47
CA ALA C 693 -3.75 -32.02 -58.52
C ALA C 693 -3.69 -31.47 -57.10
N PHE C 694 -4.49 -32.07 -56.22
CA PHE C 694 -4.54 -31.71 -54.82
C PHE C 694 -3.28 -32.13 -54.10
N TYR C 695 -2.77 -33.31 -54.42
CA TYR C 695 -1.65 -33.88 -53.70
C TYR C 695 -0.35 -33.13 -53.93
N ASP C 696 -0.19 -32.55 -55.12
CA ASP C 696 1.04 -31.82 -55.43
C ASP C 696 1.02 -30.44 -54.77
N ARG C 697 -0.15 -29.80 -54.77
CA ARG C 697 -0.29 -28.47 -54.17
C ARG C 697 -0.13 -28.48 -52.63
N PHE C 698 -0.87 -29.35 -51.94
CA PHE C 698 -0.98 -29.28 -50.48
C PHE C 698 -0.37 -30.46 -49.68
N CYS C 699 0.12 -31.50 -50.34
CA CYS C 699 0.53 -32.68 -49.58
C CYS C 699 1.91 -33.19 -49.94
N SER C 700 2.48 -32.63 -51.01
CA SER C 700 3.68 -33.15 -51.63
C SER C 700 4.94 -32.85 -50.85
N VAL C 701 4.78 -32.38 -49.62
CA VAL C 701 5.93 -31.88 -48.86
C VAL C 701 6.24 -32.72 -47.60
N ASP C 702 5.36 -33.64 -47.22
CA ASP C 702 5.63 -34.48 -46.05
C ASP C 702 6.59 -35.65 -46.36
N ASN C 703 7.59 -35.83 -45.50
CA ASN C 703 8.64 -36.84 -45.67
C ASN C 703 8.36 -38.11 -44.87
N GLY C 704 7.58 -37.97 -43.81
CA GLY C 704 7.47 -39.01 -42.81
C GLY C 704 8.53 -38.77 -41.74
N LYS C 705 9.40 -37.79 -42.01
CA LYS C 705 10.51 -37.50 -41.11
C LYS C 705 10.32 -36.21 -40.28
N ALA C 706 9.14 -35.60 -40.37
CA ALA C 706 8.92 -34.30 -39.72
C ALA C 706 9.20 -34.34 -38.22
N SER C 707 8.70 -35.37 -37.53
CA SER C 707 8.98 -35.54 -36.11
C SER C 707 10.48 -35.61 -35.89
N GLN C 708 11.15 -36.31 -36.79
CA GLN C 708 12.60 -36.43 -36.74
C GLN C 708 13.26 -35.06 -36.90
N TYR C 709 12.86 -34.31 -37.93
CA TYR C 709 13.48 -33.01 -38.20
C TYR C 709 13.41 -32.08 -37.00
N ILE C 710 12.23 -32.00 -36.38
CA ILE C 710 12.07 -31.14 -35.21
C ILE C 710 12.88 -31.67 -34.02
N GLY C 711 12.70 -32.96 -33.70
CA GLY C 711 13.36 -33.55 -32.56
C GLY C 711 14.87 -33.41 -32.62
N ASP C 712 15.42 -33.56 -33.83
CA ASP C 712 16.85 -33.44 -34.04
C ASP C 712 17.27 -32.00 -33.79
N LEU C 713 16.52 -31.08 -34.39
CA LEU C 713 16.76 -29.64 -34.26
C LEU C 713 16.79 -29.19 -32.80
N ILE C 714 15.86 -29.71 -31.99
CA ILE C 714 15.88 -29.48 -30.55
C ILE C 714 17.24 -29.90 -29.98
N HIS C 715 17.48 -31.20 -29.94
CA HIS C 715 18.78 -31.79 -29.63
C HIS C 715 19.97 -30.92 -30.05
N LYS C 716 20.02 -30.59 -31.33
CA LYS C 716 21.06 -29.70 -31.87
C LYS C 716 21.12 -28.38 -31.10
N ASP C 717 19.97 -27.75 -30.91
CA ASP C 717 19.87 -26.51 -30.15
C ASP C 717 20.35 -26.69 -28.72
N ILE C 718 20.33 -27.92 -28.23
CA ILE C 718 20.66 -28.19 -26.83
C ILE C 718 22.03 -28.82 -26.58
N LYS C 719 22.77 -29.15 -27.64
CA LYS C 719 24.21 -29.35 -27.53
C LYS C 719 24.93 -28.01 -27.44
N GLU C 720 24.54 -27.06 -28.29
CA GLU C 720 25.13 -25.72 -28.26
C GLU C 720 24.96 -25.12 -26.87
N GLN C 721 23.74 -25.13 -26.36
CA GLN C 721 23.46 -24.58 -25.04
C GLN C 721 24.26 -25.32 -23.97
N LEU C 722 24.86 -26.45 -24.35
CA LEU C 722 25.69 -27.21 -23.41
C LEU C 722 27.20 -26.93 -23.57
N GLU C 723 27.52 -25.64 -23.77
CA GLU C 723 28.91 -25.15 -23.84
C GLU C 723 29.02 -23.70 -23.35
N ALA D 313 -13.63 -7.57 10.81
CA ALA D 313 -13.71 -8.22 9.51
C ALA D 313 -12.79 -7.51 8.52
N PHE D 314 -11.95 -8.27 7.82
CA PHE D 314 -11.05 -7.68 6.84
C PHE D 314 -11.86 -6.98 5.75
N LYS D 315 -11.55 -5.72 5.47
CA LYS D 315 -12.28 -5.00 4.44
C LYS D 315 -11.55 -5.14 3.11
N VAL D 316 -11.97 -6.09 2.28
CA VAL D 316 -11.24 -6.40 1.05
C VAL D 316 -11.29 -5.28 0.01
N ASN D 317 -12.33 -4.46 0.01
CA ASN D 317 -12.32 -3.34 -0.92
C ASN D 317 -11.32 -2.25 -0.54
N GLN D 318 -11.39 -1.78 0.70
CA GLN D 318 -10.41 -0.83 1.21
C GLN D 318 -8.95 -1.23 0.95
N PHE D 319 -8.66 -2.53 1.01
CA PHE D 319 -7.32 -3.03 0.71
C PHE D 319 -7.00 -2.70 -0.75
N ARG D 320 -7.90 -3.06 -1.67
CA ARG D 320 -7.63 -2.84 -3.09
C ARG D 320 -7.36 -1.37 -3.43
N LYS D 321 -7.93 -0.43 -2.67
CA LYS D 321 -7.70 0.98 -2.95
C LYS D 321 -6.40 1.51 -2.34
N THR D 322 -6.03 1.03 -1.15
CA THR D 322 -4.78 1.45 -0.52
C THR D 322 -3.60 1.04 -1.39
N LEU D 323 -3.64 -0.17 -1.91
CA LEU D 323 -2.64 -0.65 -2.86
C LEU D 323 -2.62 0.19 -4.13
N ARG D 324 -3.79 0.39 -4.73
CA ARG D 324 -3.87 1.10 -6.01
C ARG D 324 -3.26 2.48 -5.86
N HIS D 325 -3.54 3.09 -4.72
CA HIS D 325 -3.11 4.45 -4.46
C HIS D 325 -1.63 4.53 -4.11
N VAL D 326 -1.13 3.53 -3.39
CA VAL D 326 0.30 3.44 -3.12
C VAL D 326 0.99 3.32 -4.47
N LYS D 327 0.37 2.61 -5.40
CA LYS D 327 0.96 2.43 -6.72
C LYS D 327 1.04 3.75 -7.46
N ASN D 328 -0.05 4.52 -7.42
CA ASN D 328 -0.08 5.80 -8.10
C ASN D 328 0.87 6.84 -7.50
N ILE D 329 1.06 6.81 -6.19
CA ILE D 329 1.96 7.76 -5.55
C ILE D 329 3.42 7.46 -5.91
N VAL D 330 3.81 6.19 -5.80
CA VAL D 330 5.20 5.79 -6.02
C VAL D 330 5.63 5.94 -7.47
N LEU D 331 4.70 5.72 -8.40
CA LEU D 331 5.01 5.76 -9.83
C LEU D 331 4.88 7.16 -10.43
N ARG D 332 4.47 8.13 -9.60
CA ARG D 332 4.20 9.52 -10.02
C ARG D 332 3.01 9.66 -10.98
N ARG D 333 2.17 8.64 -11.05
CA ARG D 333 0.99 8.64 -11.94
C ARG D 333 0.07 9.85 -11.70
N LYS D 334 -0.56 10.34 -12.76
CA LYS D 334 -1.38 11.53 -12.65
C LYS D 334 -2.69 11.23 -11.93
N ASN D 335 -3.07 9.96 -11.89
CA ASN D 335 -4.32 9.55 -11.25
C ASN D 335 -4.23 9.45 -9.74
N LYS D 336 -3.11 9.89 -9.19
CA LYS D 336 -2.91 9.83 -7.75
C LYS D 336 -3.99 10.64 -7.05
N GLU D 337 -4.43 11.72 -7.69
CA GLU D 337 -5.47 12.53 -7.10
C GLU D 337 -6.79 11.74 -7.06
N ARG D 338 -7.00 10.93 -8.08
CA ARG D 338 -8.21 10.12 -8.21
C ARG D 338 -8.29 9.02 -7.14
N SER D 339 -7.15 8.37 -6.88
CA SER D 339 -7.07 7.21 -5.99
C SER D 339 -7.13 7.59 -4.51
N LEU D 340 -6.60 8.77 -4.18
CA LEU D 340 -6.81 9.36 -2.87
C LEU D 340 -8.31 9.54 -2.65
N TYR D 341 -8.96 10.27 -3.56
CA TYR D 341 -10.39 10.51 -3.48
C TYR D 341 -11.12 9.22 -3.20
N ASP D 342 -10.83 8.17 -3.97
CA ASP D 342 -11.51 6.87 -3.83
C ASP D 342 -11.30 6.23 -2.45
N LEU D 343 -10.10 6.37 -1.91
CA LEU D 343 -9.73 5.77 -0.62
C LEU D 343 -10.51 6.42 0.49
N THR D 344 -10.59 7.74 0.41
CA THR D 344 -11.01 8.56 1.54
C THR D 344 -12.46 9.04 1.47
N ASP D 345 -13.15 8.73 0.38
CA ASP D 345 -14.47 9.32 0.12
C ASP D 345 -15.52 8.69 1.01
N LYS D 346 -15.93 9.44 2.04
CA LYS D 346 -17.03 9.04 2.92
C LYS D 346 -18.30 9.86 2.65
N GLU D 347 -19.43 9.24 2.95
CA GLU D 347 -20.73 9.90 2.98
C GLU D 347 -20.71 11.16 3.84
N ASP D 348 -19.96 11.11 4.96
CA ASP D 348 -19.88 12.21 5.92
C ASP D 348 -19.23 13.47 5.31
N ASN D 349 -18.93 13.41 4.01
CA ASN D 349 -18.24 14.49 3.32
C ASN D 349 -19.21 15.49 2.74
N VAL D 350 -20.44 15.03 2.51
CA VAL D 350 -21.44 15.76 1.75
C VAL D 350 -21.95 16.99 2.50
N LYS D 351 -21.97 18.12 1.81
CA LYS D 351 -22.46 19.34 2.41
C LYS D 351 -23.74 19.75 1.71
N PRO D 352 -24.89 19.53 2.37
CA PRO D 352 -26.20 19.65 1.72
C PRO D 352 -26.36 20.87 0.81
N LYS D 353 -25.61 21.94 1.06
CA LYS D 353 -25.76 23.13 0.22
C LYS D 353 -24.64 23.34 -0.82
N THR D 354 -24.02 22.25 -1.26
CA THR D 354 -23.04 22.28 -2.35
C THR D 354 -23.59 21.59 -3.58
N ILE D 355 -23.49 22.26 -4.73
CA ILE D 355 -24.04 21.74 -5.98
C ILE D 355 -23.02 21.83 -7.12
N VAL D 356 -22.73 20.72 -7.80
CA VAL D 356 -21.84 20.77 -8.97
C VAL D 356 -22.59 20.78 -10.29
N PHE D 357 -22.03 21.52 -11.25
CA PHE D 357 -22.55 21.59 -12.61
C PHE D 357 -21.44 21.23 -13.58
N GLU D 358 -21.79 20.50 -14.63
CA GLU D 358 -20.86 20.26 -15.70
C GLU D 358 -21.71 20.09 -16.94
N SER D 359 -21.30 20.69 -18.05
CA SER D 359 -21.97 20.43 -19.30
C SER D 359 -20.97 19.87 -20.30
N PHE D 360 -21.43 18.92 -21.10
CA PHE D 360 -20.60 18.21 -22.07
C PHE D 360 -19.19 17.88 -21.60
N GLY D 361 -19.11 16.95 -20.64
CA GLY D 361 -17.84 16.53 -20.09
C GLY D 361 -16.87 17.66 -19.81
N GLY D 362 -17.41 18.79 -19.36
CA GLY D 362 -16.61 19.95 -19.01
C GLY D 362 -16.03 20.79 -20.12
N LYS D 363 -16.72 20.90 -21.25
CA LYS D 363 -16.18 21.68 -22.36
C LYS D 363 -16.69 23.13 -22.38
N ASN D 364 -17.89 23.32 -21.83
CA ASN D 364 -18.60 24.58 -21.98
C ASN D 364 -19.11 25.09 -20.68
N TYR D 365 -19.57 26.33 -20.72
CA TYR D 365 -20.58 26.80 -19.79
C TYR D 365 -21.78 26.97 -20.69
N SER D 366 -22.67 25.98 -20.72
CA SER D 366 -23.73 25.96 -21.73
C SER D 366 -24.86 24.99 -21.44
N ASP D 367 -25.86 25.00 -22.32
CA ASP D 367 -26.92 24.01 -22.29
C ASP D 367 -27.68 24.00 -20.96
N SER D 368 -28.51 22.97 -20.79
CA SER D 368 -29.41 22.90 -19.64
C SER D 368 -28.77 23.27 -18.32
N PRO D 369 -27.60 22.69 -18.02
CA PRO D 369 -26.99 23.03 -16.73
C PRO D 369 -26.69 24.52 -16.57
N LYS D 370 -26.42 25.21 -17.67
CA LYS D 370 -26.22 26.64 -17.61
C LYS D 370 -27.49 27.32 -17.09
N TYR D 371 -28.60 27.04 -17.77
CA TYR D 371 -29.88 27.66 -17.40
C TYR D 371 -30.38 27.22 -16.02
N ILE D 372 -30.24 25.93 -15.70
CA ILE D 372 -30.58 25.43 -14.38
C ILE D 372 -29.80 26.23 -13.36
N TYR D 373 -28.58 26.60 -13.70
CA TYR D 373 -27.73 27.34 -12.78
C TYR D 373 -28.02 28.84 -12.76
N GLU D 374 -28.37 29.41 -13.90
CA GLU D 374 -28.67 30.84 -13.92
C GLU D 374 -29.94 31.14 -13.13
N TYR D 375 -30.94 30.28 -13.29
CA TYR D 375 -32.16 30.38 -12.47
C TYR D 375 -31.80 30.40 -10.99
N MET D 376 -30.91 29.50 -10.59
CA MET D 376 -30.57 29.37 -9.18
C MET D 376 -29.73 30.54 -8.63
N GLN D 377 -28.92 31.17 -9.48
CA GLN D 377 -28.16 32.35 -9.06
C GLN D 377 -29.07 33.50 -8.64
N LYS D 378 -30.32 33.46 -9.09
CA LYS D 378 -31.23 34.58 -8.95
C LYS D 378 -32.27 34.33 -7.86
N TYR D 379 -32.61 33.06 -7.62
CA TYR D 379 -33.63 32.72 -6.61
C TYR D 379 -33.12 31.94 -5.37
N TYR D 380 -31.90 31.42 -5.42
CA TYR D 380 -31.29 30.78 -4.24
C TYR D 380 -29.79 31.02 -4.21
N PRO D 381 -29.35 32.27 -3.99
CA PRO D 381 -27.94 32.62 -4.16
C PRO D 381 -27.04 32.21 -3.01
N ASN D 382 -27.59 31.55 -1.99
CA ASN D 382 -26.83 31.27 -0.79
C ASN D 382 -26.19 29.87 -0.73
N TYR D 383 -26.44 29.08 -1.76
CA TYR D 383 -25.88 27.73 -1.82
C TYR D 383 -24.47 27.78 -2.46
N ARG D 384 -23.59 26.82 -2.14
CA ARG D 384 -22.27 26.84 -2.76
C ARG D 384 -22.30 26.26 -4.17
N TYR D 385 -21.89 27.06 -5.16
CA TYR D 385 -21.95 26.64 -6.57
C TYR D 385 -20.57 26.35 -7.15
N ILE D 386 -20.39 25.11 -7.61
CA ILE D 386 -19.14 24.67 -8.20
C ILE D 386 -19.42 24.20 -9.62
N TRP D 387 -18.73 24.80 -10.59
CA TRP D 387 -18.74 24.33 -11.98
C TRP D 387 -17.43 23.61 -12.35
N SER D 388 -17.55 22.57 -13.17
CA SER D 388 -16.38 21.78 -13.57
C SER D 388 -16.06 21.92 -15.08
N PHE D 389 -14.79 22.14 -15.40
CA PHE D 389 -14.35 22.38 -16.78
C PHE D 389 -13.06 21.61 -17.08
N LYS D 390 -12.84 21.30 -18.36
CA LYS D 390 -11.56 20.72 -18.76
C LYS D 390 -10.47 21.75 -18.56
N ASN D 391 -10.80 23.01 -18.86
CA ASN D 391 -9.87 24.14 -18.80
C ASN D 391 -10.52 25.39 -18.22
N PRO D 392 -10.73 25.41 -16.89
CA PRO D 392 -11.57 26.47 -16.30
C PRO D 392 -11.19 27.88 -16.75
N ASP D 393 -9.92 28.11 -17.04
CA ASP D 393 -9.46 29.44 -17.41
C ASP D 393 -10.12 29.93 -18.70
N LYS D 394 -10.31 29.02 -19.64
CA LYS D 394 -10.84 29.34 -20.96
C LYS D 394 -12.36 29.38 -20.97
N ASN D 395 -12.97 29.40 -19.79
CA ASN D 395 -14.41 29.49 -19.64
C ASN D 395 -14.78 30.60 -18.69
N VAL D 396 -15.82 31.35 -19.04
CA VAL D 396 -16.27 32.46 -18.20
C VAL D 396 -17.65 32.21 -17.60
N VAL D 397 -17.73 32.10 -16.28
CA VAL D 397 -19.00 31.84 -15.59
C VAL D 397 -19.53 33.05 -14.79
N PRO D 398 -20.76 33.52 -15.08
CA PRO D 398 -21.37 34.61 -14.32
C PRO D 398 -21.60 34.19 -12.88
N GLY D 399 -22.06 35.10 -12.03
CA GLY D 399 -22.44 34.73 -10.68
C GLY D 399 -21.31 34.21 -9.82
N SER D 400 -21.65 33.46 -8.77
CA SER D 400 -20.71 33.16 -7.69
C SER D 400 -19.99 31.82 -7.81
N ALA D 401 -20.37 31.01 -8.80
CA ALA D 401 -19.77 29.69 -8.97
C ALA D 401 -18.24 29.76 -8.92
N GLU D 402 -17.63 28.86 -8.16
CA GLU D 402 -16.20 28.67 -8.28
C GLU D 402 -16.02 27.58 -9.30
N LYS D 403 -14.91 27.61 -10.03
CA LYS D 403 -14.68 26.57 -11.03
C LYS D 403 -13.49 25.64 -10.70
N VAL D 404 -13.69 24.34 -10.95
CA VAL D 404 -12.66 23.32 -10.74
C VAL D 404 -12.20 22.70 -12.07
N LYS D 405 -10.92 22.37 -12.17
CA LYS D 405 -10.38 21.71 -13.35
C LYS D 405 -10.51 20.20 -13.17
N ARG D 406 -10.95 19.49 -14.21
CA ARG D 406 -11.17 18.05 -14.12
C ARG D 406 -9.95 17.26 -13.65
N ASN D 407 -10.18 16.23 -12.85
CA ASN D 407 -9.10 15.37 -12.40
C ASN D 407 -8.05 16.06 -11.58
N SER D 408 -8.41 17.20 -11.01
CA SER D 408 -7.56 17.92 -10.08
C SER D 408 -8.12 17.70 -8.68
N ALA D 409 -7.31 17.93 -7.65
CA ALA D 409 -7.75 17.60 -6.30
C ALA D 409 -9.09 18.27 -5.93
N GLU D 410 -9.29 19.48 -6.42
CA GLU D 410 -10.51 20.24 -6.15
C GLU D 410 -11.73 19.64 -6.86
N TYR D 411 -11.53 19.16 -8.08
CA TYR D 411 -12.56 18.44 -8.83
C TYR D 411 -13.18 17.36 -7.95
N TYR D 412 -12.32 16.55 -7.34
CA TYR D 412 -12.77 15.47 -6.48
C TYR D 412 -13.42 15.93 -5.16
N GLN D 413 -12.79 16.84 -4.41
CA GLN D 413 -13.48 17.37 -3.22
C GLN D 413 -14.88 17.78 -3.60
N ALA D 414 -15.00 18.48 -4.73
CA ALA D 414 -16.24 19.11 -5.17
C ALA D 414 -17.32 18.09 -5.46
N TYR D 415 -16.92 16.93 -5.98
CA TYR D 415 -17.91 15.90 -6.24
C TYR D 415 -18.16 15.03 -5.00
N SER D 416 -17.16 14.96 -4.13
CA SER D 416 -17.33 14.23 -2.88
C SER D 416 -18.32 14.99 -1.99
N GLU D 417 -18.17 16.32 -1.93
CA GLU D 417 -18.93 17.17 -1.03
C GLU D 417 -20.34 17.47 -1.52
N ALA D 418 -20.50 17.58 -2.83
CA ALA D 418 -21.74 18.08 -3.41
C ALA D 418 -22.94 17.19 -3.09
N SER D 419 -24.03 17.81 -2.68
CA SER D 419 -25.27 17.09 -2.39
C SER D 419 -26.08 16.84 -3.66
N HIS D 420 -25.74 17.59 -4.71
CA HIS D 420 -26.40 17.47 -5.99
C HIS D 420 -25.43 17.58 -7.15
N TRP D 421 -25.46 16.60 -8.06
CA TRP D 421 -24.80 16.74 -9.33
C TRP D 421 -25.79 17.08 -10.44
N VAL D 422 -25.44 18.06 -11.24
CA VAL D 422 -26.22 18.40 -12.42
C VAL D 422 -25.33 18.20 -13.63
N SER D 423 -25.76 17.34 -14.55
CA SER D 423 -25.06 17.22 -15.80
C SER D 423 -26.04 16.91 -16.92
N ASN D 424 -25.60 17.20 -18.14
CA ASN D 424 -26.39 16.98 -19.35
C ASN D 424 -25.80 15.86 -20.19
N ALA D 425 -24.76 15.20 -19.68
CA ALA D 425 -24.14 14.09 -20.39
C ALA D 425 -23.49 13.18 -19.37
N ARG D 426 -22.85 12.12 -19.83
CA ARG D 426 -22.39 11.11 -18.90
C ARG D 426 -21.29 11.66 -18.02
N THR D 427 -21.39 11.38 -16.73
CA THR D 427 -20.30 11.68 -15.82
C THR D 427 -19.53 10.37 -15.52
N PRO D 428 -18.24 10.49 -15.19
CA PRO D 428 -17.39 9.29 -15.20
C PRO D 428 -17.67 8.31 -14.07
N LEU D 429 -17.46 7.03 -14.35
CA LEU D 429 -17.78 5.99 -13.39
C LEU D 429 -16.75 5.90 -12.28
N TYR D 430 -15.59 6.52 -12.46
CA TYR D 430 -14.63 6.56 -11.36
C TYR D 430 -15.03 7.52 -10.25
N LEU D 431 -16.08 8.32 -10.48
CA LEU D 431 -16.63 9.20 -9.45
C LEU D 431 -17.72 8.47 -8.69
N ASN D 432 -17.67 8.53 -7.37
CA ASN D 432 -18.64 7.81 -6.54
C ASN D 432 -19.87 8.63 -6.22
N LYS D 433 -21.02 8.13 -6.66
CA LYS D 433 -22.28 8.84 -6.38
C LYS D 433 -22.92 8.15 -5.20
N LYS D 434 -22.62 8.65 -4.01
CA LYS D 434 -23.03 7.99 -2.77
C LYS D 434 -24.57 7.90 -2.69
N GLU D 435 -25.07 7.09 -1.75
CA GLU D 435 -26.51 6.97 -1.52
C GLU D 435 -27.01 8.32 -1.01
N ASN D 436 -26.02 9.12 -0.64
CA ASN D 436 -26.16 10.38 0.08
C ASN D 436 -26.42 11.59 -0.81
N GLN D 437 -26.17 11.43 -2.12
CA GLN D 437 -26.24 12.54 -3.06
C GLN D 437 -27.25 12.28 -4.15
N THR D 438 -27.64 13.34 -4.84
CA THR D 438 -28.63 13.28 -5.90
C THR D 438 -28.04 13.63 -7.28
N TYR D 439 -28.03 12.67 -8.18
CA TYR D 439 -27.52 12.87 -9.52
C TYR D 439 -28.69 13.22 -10.43
N ILE D 440 -28.79 14.49 -10.80
CA ILE D 440 -29.84 14.91 -11.74
C ILE D 440 -29.26 14.99 -13.15
N GLN D 441 -29.82 14.21 -14.07
CA GLN D 441 -29.33 14.18 -15.45
C GLN D 441 -30.37 14.74 -16.42
N THR D 442 -29.97 15.76 -17.16
CA THR D 442 -30.88 16.44 -18.09
C THR D 442 -30.82 15.88 -19.51
N TRP D 443 -29.71 15.23 -19.85
CA TRP D 443 -29.45 14.81 -21.24
C TRP D 443 -29.49 16.00 -22.20
N HIS D 444 -29.36 15.74 -23.48
CA HIS D 444 -29.09 16.83 -24.39
C HIS D 444 -29.82 16.73 -25.74
N GLY D 445 -31.06 16.29 -25.70
CA GLY D 445 -31.89 16.34 -26.89
C GLY D 445 -32.86 15.18 -27.08
N THR D 446 -33.85 15.40 -27.95
CA THR D 446 -34.79 14.36 -28.28
C THR D 446 -34.14 13.45 -29.29
N PRO D 447 -34.07 12.15 -28.97
CA PRO D 447 -33.36 11.13 -29.75
C PRO D 447 -33.93 10.92 -31.14
N LEU D 448 -33.06 10.91 -32.15
CA LEU D 448 -33.46 10.49 -33.47
C LEU D 448 -32.74 9.19 -33.83
N LYS D 449 -31.42 9.18 -33.75
CA LYS D 449 -30.64 7.96 -33.95
C LYS D 449 -30.80 7.13 -32.69
N ARG D 450 -30.68 5.81 -32.77
CA ARG D 450 -30.83 5.03 -31.55
C ARG D 450 -29.56 4.93 -30.72
N LEU D 451 -29.71 5.09 -29.40
CA LEU D 451 -28.56 5.14 -28.49
C LEU D 451 -28.59 4.13 -27.35
N ALA D 452 -27.43 3.89 -26.75
CA ALA D 452 -27.28 2.99 -25.60
C ALA D 452 -27.92 1.62 -25.87
N ASN D 453 -28.71 1.14 -24.91
CA ASN D 453 -29.27 -0.20 -24.97
C ASN D 453 -30.03 -0.57 -26.26
N ASP D 454 -30.50 0.44 -27.00
CA ASP D 454 -31.29 0.18 -28.18
C ASP D 454 -30.42 -0.07 -29.41
N MET D 455 -29.11 0.09 -29.26
CA MET D 455 -28.17 -0.09 -30.37
C MET D 455 -27.99 -1.55 -30.74
N LYS D 456 -27.53 -1.81 -31.96
CA LYS D 456 -27.26 -3.18 -32.39
C LYS D 456 -25.78 -3.52 -32.33
N VAL D 457 -24.97 -2.82 -33.13
CA VAL D 457 -23.53 -2.99 -33.07
C VAL D 457 -22.80 -1.67 -32.82
N VAL D 458 -21.63 -1.76 -32.21
CA VAL D 458 -20.81 -0.61 -31.85
C VAL D 458 -19.34 -1.00 -31.97
N ARG D 459 -18.77 -0.86 -33.16
CA ARG D 459 -17.37 -1.23 -33.36
C ARG D 459 -16.40 -0.16 -32.84
N MET D 460 -16.79 0.48 -31.75
CA MET D 460 -15.96 1.49 -31.07
C MET D 460 -14.71 0.87 -30.46
N PRO D 461 -13.53 1.19 -31.02
CA PRO D 461 -12.26 0.61 -30.59
C PRO D 461 -12.07 0.66 -29.07
N GLY D 462 -11.53 -0.41 -28.51
CA GLY D 462 -11.25 -0.47 -27.08
C GLY D 462 -12.38 -1.10 -26.28
N THR D 463 -13.60 -1.00 -26.81
CA THR D 463 -14.77 -1.53 -26.12
C THR D 463 -15.73 -2.32 -27.04
N THR D 464 -16.23 -3.44 -26.52
CA THR D 464 -17.15 -4.31 -27.25
C THR D 464 -18.58 -3.91 -26.92
N THR D 465 -19.50 -4.08 -27.85
CA THR D 465 -20.89 -3.69 -27.59
C THR D 465 -21.46 -4.12 -26.22
N PRO D 466 -21.28 -5.39 -25.82
CA PRO D 466 -21.79 -5.78 -24.50
C PRO D 466 -21.17 -4.97 -23.36
N LYS D 467 -19.85 -4.85 -23.35
CA LYS D 467 -19.15 -4.13 -22.28
C LYS D 467 -19.33 -2.61 -22.37
N TYR D 468 -19.87 -2.10 -23.47
CA TYR D 468 -20.19 -0.67 -23.57
C TYR D 468 -21.58 -0.44 -23.07
N LYS D 469 -22.47 -1.39 -23.31
CA LYS D 469 -23.83 -1.29 -22.83
C LYS D 469 -23.79 -1.51 -21.33
N ARG D 470 -23.01 -2.48 -20.88
CA ARG D 470 -22.81 -2.69 -19.45
C ARG D 470 -22.52 -1.36 -18.78
N ASN D 471 -21.46 -0.69 -19.22
CA ASN D 471 -21.02 0.55 -18.59
C ASN D 471 -22.09 1.62 -18.61
N PHE D 472 -22.74 1.78 -19.77
CA PHE D 472 -23.78 2.79 -19.90
C PHE D 472 -24.84 2.55 -18.82
N ASN D 473 -25.27 1.30 -18.70
CA ASN D 473 -26.29 0.92 -17.73
C ASN D 473 -25.80 1.25 -16.32
N ARG D 474 -24.52 1.02 -16.07
CA ARG D 474 -23.91 1.39 -14.81
C ARG D 474 -24.13 2.86 -14.54
N GLU D 475 -24.02 3.68 -15.59
CA GLU D 475 -24.17 5.13 -15.44
C GLU D 475 -25.63 5.54 -15.27
N THR D 476 -26.51 5.03 -16.11
CA THR D 476 -27.91 5.43 -16.01
C THR D 476 -28.52 5.01 -14.67
N SER D 477 -28.08 3.88 -14.13
CA SER D 477 -28.57 3.44 -12.84
C SER D 477 -28.27 4.45 -11.74
N ARG D 478 -27.36 5.38 -11.99
CA ARG D 478 -27.02 6.38 -10.98
C ARG D 478 -27.84 7.64 -11.15
N TRP D 479 -28.60 7.70 -12.25
CA TRP D 479 -29.43 8.86 -12.50
C TRP D 479 -30.66 8.81 -11.61
N ASP D 480 -30.68 9.70 -10.62
CA ASP D 480 -31.79 9.80 -9.69
C ASP D 480 -32.98 10.45 -10.38
N TYR D 481 -32.70 11.46 -11.20
CA TYR D 481 -33.71 12.07 -12.05
C TYR D 481 -33.14 12.20 -13.46
N LEU D 482 -34.02 12.05 -14.45
CA LEU D 482 -33.63 12.16 -15.84
C LEU D 482 -34.70 12.99 -16.48
N ILE D 483 -34.30 14.09 -17.11
CA ILE D 483 -35.26 14.99 -17.74
C ILE D 483 -35.76 14.47 -19.09
N SER D 484 -37.03 14.75 -19.40
CA SER D 484 -37.59 14.37 -20.70
C SER D 484 -38.41 15.52 -21.32
N PRO D 485 -38.37 15.63 -22.66
CA PRO D 485 -39.05 16.70 -23.41
C PRO D 485 -40.38 16.29 -24.00
N ASN D 486 -40.64 15.00 -24.09
CA ASN D 486 -41.86 14.52 -24.75
C ASN D 486 -42.12 13.03 -24.53
N ARG D 487 -43.39 12.66 -24.53
CA ARG D 487 -43.79 11.26 -24.30
C ARG D 487 -43.04 10.30 -25.23
N TYR D 488 -42.80 10.75 -26.45
CA TYR D 488 -41.94 10.03 -27.38
C TYR D 488 -40.64 9.68 -26.68
N SER D 489 -39.94 10.70 -26.21
CA SER D 489 -38.63 10.51 -25.60
C SER D 489 -38.71 9.60 -24.39
N THR D 490 -39.64 9.89 -23.49
CA THR D 490 -39.79 9.09 -22.28
C THR D 490 -39.88 7.59 -22.58
N GLU D 491 -40.76 7.23 -23.50
CA GLU D 491 -40.94 5.85 -23.94
C GLU D 491 -39.58 5.26 -24.29
N ILE D 492 -38.75 6.07 -24.94
CA ILE D 492 -37.44 5.65 -25.43
C ILE D 492 -36.41 5.53 -24.31
N PHE D 493 -36.36 6.54 -23.43
CA PHE D 493 -35.41 6.50 -22.32
C PHE D 493 -35.64 5.26 -21.48
N ARG D 494 -36.90 5.01 -21.14
CA ARG D 494 -37.26 3.88 -20.31
C ARG D 494 -36.67 2.56 -20.82
N SER D 495 -36.42 2.50 -22.13
CA SER D 495 -35.83 1.32 -22.74
C SER D 495 -34.33 1.50 -22.99
N ALA D 496 -33.98 2.59 -23.67
CA ALA D 496 -32.61 2.86 -24.07
C ALA D 496 -31.66 3.05 -22.89
N PHE D 497 -32.20 3.47 -21.75
CA PHE D 497 -31.39 3.80 -20.58
C PHE D 497 -31.71 2.92 -19.38
N TRP D 498 -32.59 1.94 -19.56
CA TRP D 498 -32.93 1.04 -18.47
C TRP D 498 -33.71 1.74 -17.34
N MET D 499 -34.39 2.85 -17.66
CA MET D 499 -35.03 3.71 -16.66
C MET D 499 -36.39 3.24 -16.12
N ASP D 500 -36.69 3.63 -14.89
CA ASP D 500 -37.99 3.40 -14.29
C ASP D 500 -38.80 4.66 -14.46
N GLU D 501 -40.02 4.54 -14.97
CA GLU D 501 -40.82 5.73 -15.26
C GLU D 501 -40.88 6.70 -14.08
N GLU D 502 -40.76 6.18 -12.87
CA GLU D 502 -40.81 7.02 -11.66
C GLU D 502 -39.81 8.16 -11.68
N ARG D 503 -38.65 7.93 -12.30
CA ARG D 503 -37.54 8.88 -12.22
C ARG D 503 -37.51 9.89 -13.36
N ILE D 504 -38.39 9.72 -14.33
CA ILE D 504 -38.40 10.61 -15.47
C ILE D 504 -39.24 11.87 -15.22
N LEU D 505 -38.64 13.04 -15.44
CA LEU D 505 -39.35 14.31 -15.30
C LEU D 505 -39.68 14.91 -16.67
N GLU D 506 -40.84 14.60 -17.23
CA GLU D 506 -41.30 15.19 -18.50
C GLU D 506 -41.62 16.66 -18.37
N ILE D 507 -40.59 17.49 -18.32
CA ILE D 507 -40.79 18.91 -18.09
C ILE D 507 -40.17 19.83 -19.16
N GLY D 508 -39.64 19.25 -20.24
CA GLY D 508 -38.92 20.02 -21.25
C GLY D 508 -37.48 20.31 -20.84
N TYR D 509 -36.65 20.71 -21.79
CA TYR D 509 -35.24 21.00 -21.51
C TYR D 509 -35.04 22.42 -21.06
N PRO D 510 -34.39 22.61 -19.90
CA PRO D 510 -34.12 23.98 -19.43
C PRO D 510 -33.45 24.86 -20.48
N ARG D 511 -32.64 24.26 -21.36
CA ARG D 511 -31.95 25.04 -22.37
C ARG D 511 -32.92 25.59 -23.38
N ASN D 512 -34.12 25.03 -23.42
CA ASN D 512 -35.11 25.45 -24.38
C ASN D 512 -36.06 26.48 -23.76
N ASP D 513 -35.74 26.92 -22.56
CA ASP D 513 -36.54 27.92 -21.89
C ASP D 513 -36.68 29.19 -22.74
N VAL D 514 -35.57 29.73 -23.23
CA VAL D 514 -35.64 30.99 -24.00
C VAL D 514 -36.42 30.88 -25.30
N LEU D 515 -36.56 29.66 -25.83
CA LEU D 515 -37.33 29.44 -27.06
C LEU D 515 -38.83 29.74 -26.87
N VAL D 516 -39.26 29.78 -25.61
CA VAL D 516 -40.66 30.02 -25.30
C VAL D 516 -40.81 31.39 -24.65
N ASN D 517 -40.04 31.64 -23.58
CA ASN D 517 -40.11 32.87 -22.81
C ASN D 517 -39.73 34.16 -23.54
N ARG D 518 -38.91 34.05 -24.57
CA ARG D 518 -38.28 35.23 -25.15
C ARG D 518 -38.36 35.31 -26.67
N ALA D 519 -39.17 34.45 -27.28
CA ALA D 519 -39.17 34.32 -28.73
C ALA D 519 -39.55 35.62 -29.43
N ASN D 520 -40.17 36.53 -28.68
CA ASN D 520 -40.68 37.79 -29.22
C ASN D 520 -40.13 39.03 -28.53
N ASP D 521 -39.12 38.81 -27.68
CA ASP D 521 -38.42 39.89 -26.98
C ASP D 521 -37.46 40.63 -27.92
N GLN D 522 -38.01 41.55 -28.72
CA GLN D 522 -37.22 42.22 -29.76
C GLN D 522 -35.86 42.74 -29.31
N GLU D 523 -35.79 43.41 -28.17
CA GLU D 523 -34.53 44.02 -27.77
C GLU D 523 -33.46 42.96 -27.52
N TYR D 524 -33.88 41.80 -27.03
CA TYR D 524 -32.97 40.70 -26.74
C TYR D 524 -32.51 40.04 -28.02
N LEU D 525 -33.43 39.94 -28.97
CA LEU D 525 -33.10 39.36 -30.26
C LEU D 525 -32.01 40.19 -30.92
N ASP D 526 -32.06 41.51 -30.70
CA ASP D 526 -31.11 42.44 -31.32
C ASP D 526 -29.71 42.41 -30.71
N GLU D 527 -29.60 42.07 -29.42
CA GLU D 527 -28.29 41.91 -28.82
C GLU D 527 -27.56 40.73 -29.47
N ILE D 528 -28.31 39.66 -29.74
CA ILE D 528 -27.76 38.47 -30.39
C ILE D 528 -27.30 38.76 -31.82
N ARG D 529 -28.12 39.49 -32.57
CA ARG D 529 -27.80 39.81 -33.96
C ARG D 529 -26.57 40.70 -34.09
N THR D 530 -26.47 41.75 -33.28
CA THR D 530 -25.36 42.70 -33.42
C THR D 530 -24.09 42.22 -32.68
N HIS D 531 -24.24 41.20 -31.86
CA HIS D 531 -23.10 40.51 -31.23
C HIS D 531 -22.42 39.66 -32.31
N LEU D 532 -23.17 39.40 -33.38
CA LEU D 532 -22.73 38.56 -34.48
C LEU D 532 -22.49 39.36 -35.79
N ASN D 533 -22.47 40.68 -35.68
CA ASN D 533 -22.16 41.54 -36.83
C ASN D 533 -22.95 41.18 -38.09
N LEU D 534 -24.24 40.91 -37.94
CA LEU D 534 -25.07 40.53 -39.07
C LEU D 534 -25.69 41.74 -39.74
N PRO D 535 -25.88 41.66 -41.06
CA PRO D 535 -26.59 42.70 -41.84
C PRO D 535 -27.92 43.02 -41.18
N SER D 536 -28.49 44.19 -41.48
CA SER D 536 -29.76 44.58 -40.88
C SER D 536 -30.93 44.24 -41.79
N ASP D 537 -30.64 44.18 -43.08
CA ASP D 537 -31.66 44.08 -44.11
C ASP D 537 -31.91 42.65 -44.56
N LYS D 538 -31.31 41.70 -43.84
CA LYS D 538 -31.32 40.31 -44.30
C LYS D 538 -31.78 39.28 -43.28
N LYS D 539 -32.61 38.36 -43.75
CA LYS D 539 -33.15 37.29 -42.93
C LYS D 539 -32.11 36.19 -42.79
N VAL D 540 -32.35 35.27 -41.87
CA VAL D 540 -31.30 34.33 -41.47
C VAL D 540 -31.65 32.83 -41.62
N ILE D 541 -30.82 32.13 -42.40
CA ILE D 541 -30.88 30.70 -42.58
C ILE D 541 -29.82 30.08 -41.70
N MET D 542 -30.16 29.13 -40.82
CA MET D 542 -29.12 28.42 -40.08
C MET D 542 -28.93 27.02 -40.66
N TYR D 543 -27.68 26.61 -40.79
CA TYR D 543 -27.38 25.31 -41.38
C TYR D 543 -26.54 24.52 -40.41
N ALA D 544 -27.05 23.38 -39.96
CA ALA D 544 -26.36 22.57 -38.96
C ALA D 544 -26.36 21.06 -39.27
N PRO D 545 -25.48 20.62 -40.16
CA PRO D 545 -25.37 19.20 -40.48
C PRO D 545 -24.65 18.51 -39.34
N THR D 546 -24.86 17.20 -39.15
CA THR D 546 -24.14 16.46 -38.11
C THR D 546 -22.76 16.05 -38.56
N TRP D 547 -22.01 15.44 -37.66
CA TRP D 547 -20.70 14.96 -38.03
C TRP D 547 -20.81 13.73 -38.92
N ARG D 548 -19.96 13.71 -39.96
CA ARG D 548 -19.81 12.57 -40.84
C ARG D 548 -18.35 12.13 -40.91
N ASP D 549 -18.07 10.89 -40.51
CA ASP D 549 -16.70 10.37 -40.57
C ASP D 549 -16.20 10.37 -42.00
N ASP D 550 -17.04 9.84 -42.88
CA ASP D 550 -16.78 9.77 -44.33
C ASP D 550 -16.04 10.99 -44.89
N GLU D 551 -16.52 12.19 -44.58
CA GLU D 551 -16.02 13.41 -45.21
C GLU D 551 -14.63 13.85 -44.76
N PHE D 552 -13.96 13.04 -43.95
CA PHE D 552 -12.62 13.38 -43.48
C PHE D 552 -11.52 12.81 -44.38
N VAL D 553 -10.66 13.70 -44.88
CA VAL D 553 -9.52 13.33 -45.72
C VAL D 553 -8.46 14.43 -45.71
N SER D 554 -7.18 14.03 -45.68
CA SER D 554 -6.06 14.95 -45.88
C SER D 554 -5.66 15.84 -44.70
N LYS D 555 -5.55 15.25 -43.52
CA LYS D 555 -5.03 15.96 -42.34
C LYS D 555 -6.01 16.96 -41.69
N GLY D 556 -7.14 17.18 -42.36
CA GLY D 556 -8.08 18.21 -41.93
C GLY D 556 -7.49 19.59 -42.20
N LYS D 557 -6.92 19.75 -43.39
CA LYS D 557 -6.22 20.98 -43.77
C LYS D 557 -6.99 21.79 -44.82
N TYR D 558 -7.53 21.12 -45.82
CA TYR D 558 -8.29 21.79 -46.87
C TYR D 558 -9.48 20.93 -47.33
N LEU D 559 -10.61 21.07 -46.64
CA LEU D 559 -11.79 20.29 -46.99
C LEU D 559 -12.32 20.67 -48.36
N PHE D 560 -13.13 19.80 -48.94
CA PHE D 560 -13.88 20.20 -50.13
C PHE D 560 -15.05 21.04 -49.64
N GLU D 561 -15.34 22.12 -50.35
CA GLU D 561 -16.47 22.98 -50.03
C GLU D 561 -17.69 22.14 -49.66
N LEU D 562 -18.52 22.65 -48.75
CA LEU D 562 -19.70 21.92 -48.28
C LEU D 562 -20.59 21.48 -49.45
N LYS D 563 -21.23 20.31 -49.32
CA LYS D 563 -22.06 19.83 -50.42
C LYS D 563 -23.15 20.82 -50.76
N ILE D 564 -23.47 21.70 -49.83
CA ILE D 564 -24.60 22.61 -49.99
C ILE D 564 -24.31 23.65 -51.07
N ASP D 565 -23.03 23.77 -51.42
CA ASP D 565 -22.59 24.70 -52.47
C ASP D 565 -22.82 26.15 -52.05
N LEU D 566 -21.81 26.76 -51.44
CA LEU D 566 -21.89 28.15 -51.02
C LEU D 566 -22.05 29.10 -52.19
N ASP D 567 -21.20 28.94 -53.21
CA ASP D 567 -21.31 29.73 -54.43
C ASP D 567 -22.74 29.87 -54.97
N ASN D 568 -23.47 28.76 -55.04
CA ASN D 568 -24.84 28.76 -55.52
C ASN D 568 -25.74 29.53 -54.55
N LEU D 569 -25.67 29.19 -53.26
CA LEU D 569 -26.49 29.88 -52.27
C LEU D 569 -26.26 31.39 -52.32
N TYR D 570 -25.01 31.79 -52.54
CA TYR D 570 -24.63 33.19 -52.67
C TYR D 570 -25.42 33.84 -53.83
N LYS D 571 -25.21 33.35 -55.05
CA LYS D 571 -25.97 33.82 -56.21
C LYS D 571 -27.48 33.85 -55.97
N GLU D 572 -28.01 32.74 -55.46
CA GLU D 572 -29.46 32.62 -55.27
C GLU D 572 -30.02 33.48 -54.14
N LEU D 573 -29.41 33.40 -52.96
CA LEU D 573 -30.01 34.03 -51.78
C LEU D 573 -29.20 35.18 -51.18
N GLY D 574 -28.11 35.56 -51.84
CA GLY D 574 -27.23 36.60 -51.30
C GLY D 574 -27.89 37.96 -51.10
N ASP D 575 -28.95 38.22 -51.85
CA ASP D 575 -29.64 39.51 -51.78
C ASP D 575 -30.53 39.61 -50.54
N ASP D 576 -31.21 38.53 -50.19
CA ASP D 576 -32.18 38.53 -49.09
C ASP D 576 -31.68 37.86 -47.80
N TYR D 577 -30.71 36.96 -47.92
CA TYR D 577 -30.31 36.16 -46.78
C TYR D 577 -28.83 36.23 -46.41
N VAL D 578 -28.57 35.76 -45.20
CA VAL D 578 -27.25 35.43 -44.74
C VAL D 578 -27.42 34.03 -44.15
N ILE D 579 -26.38 33.19 -44.26
CA ILE D 579 -26.48 31.83 -43.75
C ILE D 579 -25.54 31.56 -42.58
N LEU D 580 -26.11 31.10 -41.47
CA LEU D 580 -25.32 30.74 -40.30
C LEU D 580 -24.85 29.31 -40.41
N LEU D 581 -23.54 29.11 -40.53
CA LEU D 581 -22.95 27.77 -40.59
C LEU D 581 -22.59 27.26 -39.19
N ARG D 582 -23.33 26.28 -38.68
CA ARG D 582 -22.95 25.66 -37.42
C ARG D 582 -22.44 24.25 -37.68
N MET D 583 -21.11 24.08 -37.76
CA MET D 583 -20.49 22.79 -38.08
C MET D 583 -19.86 22.13 -36.86
N ALA D 584 -19.23 20.97 -37.08
CA ALA D 584 -18.44 20.29 -36.05
C ALA D 584 -17.08 20.96 -35.88
N TYR D 585 -16.52 20.91 -34.67
CA TYR D 585 -15.32 21.68 -34.35
C TYR D 585 -14.18 21.52 -35.37
N LEU D 586 -14.26 20.48 -36.19
CA LEU D 586 -13.21 20.20 -37.16
C LEU D 586 -13.48 20.80 -38.54
N ILE D 587 -14.70 20.65 -39.05
CA ILE D 587 -15.01 21.21 -40.35
C ILE D 587 -14.94 22.73 -40.29
N SER D 588 -15.08 23.28 -39.08
CA SER D 588 -15.11 24.74 -38.85
C SER D 588 -13.78 25.45 -39.11
N ASN D 589 -12.73 25.06 -38.38
CA ASN D 589 -11.43 25.70 -38.55
C ASN D 589 -10.61 25.11 -39.70
N ALA D 590 -11.31 24.61 -40.71
CA ALA D 590 -10.70 24.22 -41.97
C ALA D 590 -11.33 25.04 -43.10
N LEU D 591 -12.48 25.63 -42.79
CA LEU D 591 -13.29 26.40 -43.75
C LEU D 591 -12.71 27.76 -44.09
N ASP D 592 -12.74 28.07 -45.39
CA ASP D 592 -12.28 29.37 -45.85
C ASP D 592 -13.44 30.17 -46.43
N LEU D 593 -13.93 31.13 -45.67
CA LEU D 593 -15.07 31.95 -46.08
C LEU D 593 -14.64 33.29 -46.70
N SER D 594 -13.40 33.31 -47.20
CA SER D 594 -12.89 34.37 -48.04
C SER D 594 -13.88 34.67 -49.13
N GLY D 595 -14.39 35.89 -49.16
CA GLY D 595 -15.31 36.28 -50.21
C GLY D 595 -16.71 35.77 -49.99
N TYR D 596 -17.06 35.46 -48.75
CA TYR D 596 -18.44 35.22 -48.37
C TYR D 596 -18.73 36.08 -47.14
N GLU D 597 -17.86 37.06 -46.92
CA GLU D 597 -18.02 37.99 -45.82
C GLU D 597 -19.41 38.67 -45.87
N ASN D 598 -20.09 38.62 -44.74
CA ASN D 598 -21.43 39.19 -44.63
C ASN D 598 -22.51 38.34 -45.30
N PHE D 599 -22.11 37.15 -45.73
CA PHE D 599 -23.10 36.18 -46.21
C PHE D 599 -22.99 34.83 -45.52
N ALA D 600 -21.82 34.21 -45.57
CA ALA D 600 -21.62 32.96 -44.85
C ALA D 600 -20.91 33.27 -43.55
N ILE D 601 -21.64 33.21 -42.44
CA ILE D 601 -21.05 33.52 -41.14
C ILE D 601 -20.75 32.25 -40.40
N ASP D 602 -19.47 31.94 -40.21
CA ASP D 602 -19.10 30.81 -39.36
C ASP D 602 -19.57 31.07 -37.94
N VAL D 603 -20.22 30.08 -37.36
CA VAL D 603 -20.87 30.30 -36.07
C VAL D 603 -20.76 29.01 -35.26
N SER D 604 -19.74 28.23 -35.57
CA SER D 604 -19.60 26.91 -34.96
C SER D 604 -19.26 27.00 -33.49
N ASN D 605 -18.53 28.04 -33.10
CA ASN D 605 -18.02 28.14 -31.73
C ASN D 605 -18.86 28.99 -30.78
N TYR D 606 -20.03 29.39 -31.22
CA TYR D 606 -20.94 30.23 -30.45
C TYR D 606 -21.52 29.43 -29.28
N ASN D 607 -21.29 29.87 -28.04
CA ASN D 607 -21.62 29.02 -26.89
C ASN D 607 -23.09 28.64 -26.71
N ASP D 608 -24.02 29.52 -27.07
CA ASP D 608 -25.43 29.21 -26.83
C ASP D 608 -26.27 29.00 -28.10
N VAL D 609 -26.47 27.73 -28.46
CA VAL D 609 -27.20 27.37 -29.67
C VAL D 609 -28.63 27.90 -29.66
N SER D 610 -29.21 28.03 -28.48
CA SER D 610 -30.61 28.41 -28.40
C SER D 610 -30.79 29.85 -28.85
N GLU D 611 -29.78 30.68 -28.59
CA GLU D 611 -29.83 32.08 -29.04
C GLU D 611 -29.83 32.09 -30.56
N LEU D 612 -29.10 31.15 -31.17
CA LEU D 612 -29.05 31.07 -32.62
C LEU D 612 -30.40 30.67 -33.19
N PHE D 613 -31.12 29.77 -32.52
CA PHE D 613 -32.41 29.36 -33.04
C PHE D 613 -33.32 30.57 -33.07
N LEU D 614 -33.29 31.33 -31.98
CA LEU D 614 -34.16 32.49 -31.82
C LEU D 614 -34.08 33.46 -32.99
N ILE D 615 -32.86 33.71 -33.48
CA ILE D 615 -32.69 34.69 -34.56
C ILE D 615 -32.81 34.06 -35.95
N SER D 616 -33.13 32.77 -36.01
CA SER D 616 -33.10 32.04 -37.27
C SER D 616 -34.47 31.87 -37.88
N ASP D 617 -34.58 32.28 -39.14
CA ASP D 617 -35.86 32.31 -39.83
C ASP D 617 -36.24 30.94 -40.37
N CYS D 618 -35.25 30.07 -40.51
CA CYS D 618 -35.48 28.67 -40.83
C CYS D 618 -34.18 27.90 -40.56
N LEU D 619 -34.28 26.57 -40.48
CA LEU D 619 -33.15 25.73 -40.07
C LEU D 619 -32.92 24.66 -41.12
N ILE D 620 -31.69 24.44 -41.52
CA ILE D 620 -31.41 23.35 -42.45
C ILE D 620 -30.55 22.32 -41.74
N THR D 621 -31.00 21.08 -41.68
CA THR D 621 -30.19 20.05 -41.05
C THR D 621 -30.31 18.75 -41.84
N ASP D 622 -29.77 17.66 -41.30
CA ASP D 622 -30.01 16.34 -41.89
C ASP D 622 -30.62 15.37 -40.90
N TYR D 623 -29.76 14.79 -40.07
CA TYR D 623 -30.21 13.83 -39.08
C TYR D 623 -29.71 14.27 -37.72
N SER D 624 -30.25 15.39 -37.23
CA SER D 624 -29.82 15.96 -35.96
C SER D 624 -30.99 16.14 -35.00
N SER D 625 -30.74 15.98 -33.71
CA SER D 625 -31.79 16.14 -32.72
C SER D 625 -32.03 17.63 -32.44
N VAL D 626 -31.27 18.50 -33.08
CA VAL D 626 -31.53 19.92 -32.93
C VAL D 626 -32.83 20.28 -33.64
N MET D 627 -33.27 19.43 -34.57
CA MET D 627 -34.51 19.73 -35.27
C MET D 627 -35.70 19.72 -34.32
N PHE D 628 -35.60 18.95 -33.23
CA PHE D 628 -36.70 18.86 -32.28
C PHE D 628 -36.78 20.11 -31.42
N ASP D 629 -35.64 20.75 -31.18
CA ASP D 629 -35.64 21.93 -30.34
C ASP D 629 -36.19 23.13 -31.11
N TYR D 630 -35.72 23.30 -32.33
CA TYR D 630 -36.11 24.41 -33.19
C TYR D 630 -37.59 24.33 -33.60
N GLY D 631 -38.14 23.12 -33.51
CA GLY D 631 -39.55 22.89 -33.81
C GLY D 631 -40.46 23.68 -32.90
N ILE D 632 -40.00 23.87 -31.66
CA ILE D 632 -40.68 24.71 -30.67
C ILE D 632 -41.04 26.10 -31.23
N LEU D 633 -40.33 26.57 -32.26
CA LEU D 633 -40.54 27.91 -32.79
C LEU D 633 -41.52 27.92 -33.97
N LYS D 634 -42.00 26.74 -34.36
CA LYS D 634 -42.97 26.61 -35.45
C LYS D 634 -42.51 27.30 -36.76
N ARG D 635 -41.20 27.46 -36.92
CA ARG D 635 -40.62 27.99 -38.17
C ARG D 635 -40.30 26.84 -39.15
N PRO D 636 -39.98 27.15 -40.42
CA PRO D 636 -39.72 26.09 -41.42
C PRO D 636 -38.42 25.34 -41.18
N GLN D 637 -38.34 24.10 -41.65
CA GLN D 637 -37.10 23.33 -41.58
C GLN D 637 -36.93 22.58 -42.89
N PHE D 638 -35.72 22.59 -43.42
CA PHE D 638 -35.40 21.82 -44.62
C PHE D 638 -34.39 20.76 -44.24
N PHE D 639 -34.47 19.61 -44.88
CA PHE D 639 -33.58 18.53 -44.55
C PHE D 639 -32.74 18.10 -45.74
N PHE D 640 -31.56 18.72 -45.85
CA PHE D 640 -30.61 18.43 -46.92
C PHE D 640 -29.91 17.14 -46.57
N ALA D 641 -30.41 16.02 -47.11
CA ALA D 641 -29.90 14.70 -46.81
C ALA D 641 -29.14 14.16 -48.02
N TYR D 642 -28.11 14.89 -48.44
CA TYR D 642 -27.36 14.51 -49.63
C TYR D 642 -26.95 13.04 -49.62
N ASP D 643 -26.64 12.51 -48.44
CA ASP D 643 -26.16 11.14 -48.35
C ASP D 643 -27.18 10.15 -47.79
N ILE D 644 -28.47 10.43 -47.97
CA ILE D 644 -29.52 9.55 -47.44
C ILE D 644 -29.40 8.13 -47.99
N ASP D 645 -28.81 7.98 -49.17
CA ASP D 645 -28.65 6.66 -49.79
C ASP D 645 -27.67 5.79 -49.00
N LYS D 646 -26.55 6.41 -48.62
CA LYS D 646 -25.46 5.71 -47.94
C LYS D 646 -25.75 5.50 -46.45
N TYR D 647 -26.98 5.77 -46.05
CA TYR D 647 -27.40 5.55 -44.67
C TYR D 647 -28.47 4.45 -44.61
N ASP D 648 -28.14 3.30 -45.18
CA ASP D 648 -28.94 2.06 -45.07
C ASP D 648 -30.10 1.93 -46.06
N LYS D 649 -30.21 2.86 -47.01
CA LYS D 649 -31.32 2.89 -47.96
C LYS D 649 -32.64 3.28 -47.28
N GLY D 650 -33.32 2.30 -46.69
CA GLY D 650 -34.50 2.53 -45.89
C GLY D 650 -34.22 2.20 -44.43
N LEU D 651 -33.76 3.21 -43.68
CA LEU D 651 -33.22 2.98 -42.33
C LEU D 651 -34.20 3.21 -41.18
N ARG D 652 -34.54 2.12 -40.50
CA ARG D 652 -35.32 2.19 -39.28
C ARG D 652 -34.34 2.38 -38.14
N GLY D 653 -33.09 2.69 -38.49
CA GLY D 653 -32.08 3.01 -37.51
C GLY D 653 -32.42 4.29 -36.76
N PHE D 654 -33.65 4.77 -36.97
CA PHE D 654 -34.19 5.93 -36.25
C PHE D 654 -35.45 5.52 -35.51
N TYR D 655 -35.71 6.19 -34.40
CA TYR D 655 -36.90 5.93 -33.59
C TYR D 655 -38.16 6.46 -34.28
N MET D 656 -37.99 7.20 -35.37
CA MET D 656 -39.16 7.70 -36.08
C MET D 656 -39.06 7.35 -37.56
N ASN D 657 -40.16 7.56 -38.26
CA ASN D 657 -40.16 7.38 -39.70
C ASN D 657 -39.64 8.66 -40.36
N TYR D 658 -38.36 8.66 -40.68
CA TYR D 658 -37.70 9.85 -41.18
C TYR D 658 -38.22 10.28 -42.55
N MET D 659 -38.77 9.33 -43.29
CA MET D 659 -39.17 9.59 -44.66
C MET D 659 -40.52 10.31 -44.74
N GLU D 660 -41.22 10.39 -43.62
CA GLU D 660 -42.61 10.79 -43.66
C GLU D 660 -42.97 11.93 -42.71
N ASP D 661 -42.92 11.66 -41.41
CA ASP D 661 -43.36 12.63 -40.41
C ASP D 661 -42.26 13.52 -39.83
N LEU D 662 -41.69 14.38 -40.67
CA LEU D 662 -40.85 15.50 -40.21
C LEU D 662 -41.34 16.82 -40.84
N PRO D 663 -40.95 17.97 -40.28
CA PRO D 663 -41.63 19.26 -40.49
C PRO D 663 -41.37 19.96 -41.83
N GLY D 664 -40.51 19.40 -42.65
CA GLY D 664 -40.19 20.02 -43.92
C GLY D 664 -39.84 19.00 -44.98
N PRO D 665 -39.38 19.48 -46.14
CA PRO D 665 -39.06 18.62 -47.28
C PRO D 665 -37.70 17.96 -47.11
N ILE D 666 -37.52 16.81 -47.76
CA ILE D 666 -36.24 16.14 -47.79
C ILE D 666 -35.57 16.37 -49.14
N TYR D 667 -34.43 17.07 -49.15
CA TYR D 667 -33.70 17.30 -50.41
C TYR D 667 -32.40 16.51 -50.41
N THR D 668 -32.10 15.86 -51.53
CA THR D 668 -30.85 15.13 -51.70
C THR D 668 -29.87 15.98 -52.48
N GLU D 669 -30.37 17.08 -53.03
CA GLU D 669 -29.62 17.96 -53.91
C GLU D 669 -29.81 19.40 -53.46
N PRO D 670 -28.73 20.21 -53.47
CA PRO D 670 -28.75 21.52 -52.82
C PRO D 670 -29.24 22.62 -53.71
N TYR D 671 -29.61 22.29 -54.95
CA TYR D 671 -29.93 23.33 -55.91
C TYR D 671 -31.40 23.67 -55.89
N GLY D 672 -32.23 22.65 -55.73
CA GLY D 672 -33.66 22.84 -55.62
C GLY D 672 -34.00 23.21 -54.20
N LEU D 673 -33.00 23.16 -53.32
CA LEU D 673 -33.15 23.62 -51.96
C LEU D 673 -33.10 25.13 -52.03
N ALA D 674 -32.00 25.63 -52.59
CA ALA D 674 -31.83 27.07 -52.80
C ALA D 674 -33.10 27.70 -53.37
N LYS D 675 -33.57 27.22 -54.52
CA LYS D 675 -34.77 27.79 -55.11
C LYS D 675 -35.89 27.87 -54.09
N GLU D 676 -36.24 26.73 -53.51
CA GLU D 676 -37.33 26.64 -52.54
C GLU D 676 -37.16 27.61 -51.38
N LEU D 677 -35.91 27.95 -51.08
CA LEU D 677 -35.58 28.93 -50.03
C LEU D 677 -35.89 30.38 -50.43
N LYS D 678 -35.90 30.67 -51.73
CA LYS D 678 -36.16 32.02 -52.20
C LYS D 678 -37.47 32.62 -51.65
N ASN D 679 -38.44 31.77 -51.33
CA ASN D 679 -39.71 32.25 -50.77
C ASN D 679 -40.17 31.45 -49.55
N LEU D 680 -39.71 31.85 -48.37
CA LEU D 680 -40.00 31.13 -47.15
C LEU D 680 -41.49 30.98 -46.84
N ASP D 681 -42.28 31.98 -47.23
CA ASP D 681 -43.69 32.00 -46.84
C ASP D 681 -44.49 30.90 -47.53
N LYS D 682 -44.00 30.44 -48.68
CA LYS D 682 -44.64 29.36 -49.40
C LYS D 682 -44.39 28.07 -48.67
N VAL D 683 -43.14 27.88 -48.25
CA VAL D 683 -42.77 26.70 -47.47
C VAL D 683 -43.56 26.67 -46.16
N GLN D 684 -43.72 27.84 -45.54
CA GLN D 684 -44.42 27.94 -44.27
C GLN D 684 -45.91 27.54 -44.35
N GLN D 685 -46.56 27.80 -45.49
CA GLN D 685 -47.96 27.41 -45.65
C GLN D 685 -48.06 25.98 -46.16
N GLN D 686 -47.17 25.66 -47.10
CA GLN D 686 -47.10 24.33 -47.68
C GLN D 686 -46.95 23.28 -46.58
N TYR D 687 -46.25 23.65 -45.52
CA TYR D 687 -45.92 22.72 -44.44
C TYR D 687 -46.47 23.13 -43.09
N GLN D 688 -47.39 24.08 -43.07
CA GLN D 688 -47.95 24.47 -41.78
C GLN D 688 -48.64 23.25 -41.17
N GLU D 689 -49.23 22.44 -42.05
CA GLU D 689 -49.85 21.17 -41.67
C GLU D 689 -48.89 20.32 -40.85
N LYS D 690 -47.75 19.99 -41.46
CA LYS D 690 -46.75 19.13 -40.84
C LYS D 690 -46.03 19.83 -39.66
N ILE D 691 -45.74 21.12 -39.79
CA ILE D 691 -45.02 21.83 -38.74
C ILE D 691 -45.78 21.80 -37.42
N ASP D 692 -47.08 22.05 -37.49
CA ASP D 692 -47.92 22.00 -36.30
C ASP D 692 -47.98 20.59 -35.72
N ALA D 693 -48.08 19.58 -36.59
CA ALA D 693 -48.21 18.19 -36.16
C ALA D 693 -46.96 17.74 -35.43
N PHE D 694 -45.83 18.21 -35.93
CA PHE D 694 -44.51 17.91 -35.37
C PHE D 694 -44.32 18.65 -34.05
N TYR D 695 -45.04 19.75 -33.88
CA TYR D 695 -44.95 20.52 -32.65
C TYR D 695 -45.75 19.83 -31.57
N ASP D 696 -46.89 19.25 -31.96
CA ASP D 696 -47.77 18.58 -31.00
C ASP D 696 -47.13 17.29 -30.47
N ARG D 697 -46.26 16.67 -31.26
CA ARG D 697 -45.69 15.38 -30.87
C ARG D 697 -44.34 15.50 -30.14
N PHE D 698 -43.63 16.62 -30.32
CA PHE D 698 -42.28 16.72 -29.81
C PHE D 698 -41.97 17.99 -29.02
N CYS D 699 -42.86 18.98 -29.09
CA CYS D 699 -42.57 20.28 -28.51
C CYS D 699 -43.66 20.75 -27.57
N SER D 700 -44.71 19.94 -27.44
CA SER D 700 -45.91 20.34 -26.73
C SER D 700 -45.66 20.55 -25.25
N VAL D 701 -44.56 20.00 -24.76
CA VAL D 701 -44.36 19.91 -23.32
C VAL D 701 -43.50 21.03 -22.74
N ASP D 702 -42.59 21.57 -23.53
CA ASP D 702 -41.80 22.71 -23.07
C ASP D 702 -42.68 23.88 -22.58
N ASN D 703 -42.53 24.21 -21.30
CA ASN D 703 -43.28 25.26 -20.59
C ASN D 703 -42.65 26.62 -20.78
N GLY D 704 -41.33 26.64 -20.67
CA GLY D 704 -40.60 27.85 -20.45
C GLY D 704 -40.17 27.84 -19.01
N LYS D 705 -40.79 26.99 -18.21
CA LYS D 705 -40.57 26.99 -16.76
C LYS D 705 -39.69 25.85 -16.26
N ALA D 706 -38.81 25.34 -17.11
CA ALA D 706 -38.08 24.11 -16.77
C ALA D 706 -36.86 24.29 -15.87
N SER D 707 -36.11 25.37 -16.06
CA SER D 707 -35.00 25.66 -15.14
C SER D 707 -35.56 25.86 -13.73
N GLN D 708 -36.77 26.40 -13.69
CA GLN D 708 -37.50 26.56 -12.45
C GLN D 708 -37.80 25.20 -11.82
N TYR D 709 -38.45 24.30 -12.54
CA TYR D 709 -38.76 22.99 -11.97
C TYR D 709 -37.54 22.24 -11.43
N ILE D 710 -36.39 22.38 -12.07
CA ILE D 710 -35.18 21.77 -11.50
C ILE D 710 -34.64 22.62 -10.35
N GLY D 711 -34.46 23.92 -10.59
CA GLY D 711 -34.05 24.81 -9.51
C GLY D 711 -34.81 24.51 -8.23
N ASP D 712 -36.13 24.71 -8.27
CA ASP D 712 -37.02 24.38 -7.16
C ASP D 712 -36.77 22.98 -6.57
N LEU D 713 -37.03 21.94 -7.36
CA LEU D 713 -36.77 20.58 -6.89
C LEU D 713 -35.49 20.53 -6.06
N ILE D 714 -34.40 21.13 -6.55
CA ILE D 714 -33.13 21.04 -5.84
C ILE D 714 -33.21 21.68 -4.47
N HIS D 715 -33.49 22.97 -4.41
CA HIS D 715 -33.65 23.68 -3.14
C HIS D 715 -34.58 22.92 -2.17
N LYS D 716 -35.70 22.44 -2.70
CA LYS D 716 -36.63 21.63 -1.92
C LYS D 716 -35.99 20.33 -1.47
N ASP D 717 -35.15 19.74 -2.31
CA ASP D 717 -34.42 18.55 -1.91
C ASP D 717 -33.48 18.89 -0.76
N ILE D 718 -32.98 20.13 -0.72
CA ILE D 718 -31.92 20.45 0.24
C ILE D 718 -32.35 21.25 1.46
N LYS D 719 -33.65 21.50 1.58
CA LYS D 719 -34.20 21.81 2.90
C LYS D 719 -34.41 20.48 3.65
N GLU D 720 -34.98 19.48 2.98
CA GLU D 720 -35.18 18.19 3.62
C GLU D 720 -33.90 17.72 4.29
N GLN D 721 -32.76 18.02 3.67
CA GLN D 721 -31.49 17.52 4.14
C GLN D 721 -30.90 18.36 5.27
N LEU D 722 -31.49 19.53 5.51
CA LEU D 722 -31.03 20.42 6.60
C LEU D 722 -31.94 20.36 7.84
N GLU D 723 -32.18 19.13 8.31
CA GLU D 723 -33.00 18.87 9.49
C GLU D 723 -32.60 17.59 10.22
N HIS D 724 -33.14 16.46 9.74
CA HIS D 724 -32.85 15.16 10.34
C HIS D 724 -31.54 14.58 9.80
P PO4 E . 1.49 4.82 13.48
O1 PO4 E . 1.40 4.11 12.14
O2 PO4 E . 0.13 4.87 14.11
O3 PO4 E . 2.43 4.02 14.35
O4 PO4 E . 1.99 6.25 13.30
P PO4 F . 18.63 29.73 35.09
O1 PO4 F . 18.35 29.38 33.64
O2 PO4 F . 17.62 30.76 35.56
O3 PO4 F . 18.54 28.49 35.95
O4 PO4 F . 20.04 30.28 35.21
CL CL G . 16.25 36.32 -2.08
CL CL H . 16.83 24.85 24.93
CL CL I . 21.83 28.94 30.73
CL CL J . 6.16 12.70 9.92
CL CL K . 19.98 18.77 10.30
CL CL L . 3.09 36.44 49.78
O20 EDT M . 5.65 3.48 6.29
C5 EDT M . 4.52 3.80 7.04
O19 EDT M . 4.22 4.95 7.18
C4 EDT M . 3.87 2.72 7.92
N3 EDT M . 4.70 2.50 9.13
C2 EDT M . 3.88 2.39 10.35
C1 EDT M . 4.73 1.83 11.50
O18 EDT M . 4.51 2.19 12.61
O17 EDT M . 5.95 1.21 11.22
C6 EDT M . 5.70 3.57 9.25
C7 EDT M . 5.58 4.39 10.55
N8 EDT M . 5.67 5.84 10.28
C9 EDT M . 6.83 6.19 9.44
C10 EDT M . 8.01 5.21 9.57
O16 EDT M . 8.62 4.74 8.40
O15 EDT M . 8.36 4.82 10.63
C11 EDT M . 5.64 6.64 11.52
C12 EDT M . 5.62 8.16 11.23
O13 EDT M . 4.58 8.76 11.20
O14 EDT M . 6.80 8.88 11.39
P PO4 N . 11.70 3.22 8.65
O1 PO4 N . 10.98 4.30 7.86
O2 PO4 N . 11.15 3.15 10.05
O3 PO4 N . 11.49 1.87 8.00
O4 PO4 N . 13.18 3.51 8.66
P PO4 O . 18.62 -17.80 38.26
O1 PO4 O . 17.55 -17.50 37.22
O2 PO4 O . 17.96 -18.52 39.38
O3 PO4 O . 19.73 -18.66 37.67
O4 PO4 O . 19.21 -16.49 38.78
CL CL P . -6.13 -1.16 3.83
CL CL Q . -8.21 -28.83 13.91
CL CL R . 18.72 -24.12 11.01
CL CL S . 40.08 -23.32 37.67
CL CL T . 14.05 -33.46 15.15
CL CL U . 13.39 -17.21 37.83
P PO4 V . -8.54 -6.72 -9.19
O1 PO4 V . -9.18 -5.85 -10.26
O2 PO4 V . -9.59 -7.63 -8.59
O3 PO4 V . -7.46 -7.57 -9.82
O4 PO4 V . -7.96 -5.84 -8.11
P PO4 W . -11.27 -26.59 -38.99
O1 PO4 W . -12.28 -25.65 -39.63
O2 PO4 W . -10.76 -25.99 -37.70
O3 PO4 W . -11.91 -27.93 -38.68
O4 PO4 W . -10.13 -26.78 -39.96
CL CL X . 20.13 -28.85 -18.07
CL CL Y . 18.45 3.98 -3.12
P PO4 Z . -0.38 -0.95 -14.27
O1 PO4 Z . -1.75 -0.33 -14.15
O2 PO4 Z . 0.18 -1.26 -12.90
O3 PO4 Z . -0.45 -2.24 -15.04
O4 PO4 Z . 0.55 0.02 -14.97
P PO4 AA . -27.37 14.60 -32.93
O1 PO4 AA . -28.87 14.65 -33.09
O2 PO4 AA . -27.09 14.55 -31.43
O3 PO4 AA . -26.88 13.32 -33.59
O4 PO4 AA . -26.69 15.80 -33.55
CL CL BA . -23.71 22.69 4.17
CL CL CA . -7.06 25.95 -17.23
CL CL DA . -25.20 22.23 -32.12
O20 EDT EA . -2.42 -1.75 -7.26
C5 EDT EA . -3.00 -2.88 -7.83
O19 EDT EA . -2.55 -3.95 -7.53
C4 EDT EA . -4.43 -2.79 -8.39
N3 EDT EA . -4.56 -1.90 -9.57
C2 EDT EA . -5.91 -1.61 -10.11
C1 EDT EA . -6.80 -2.87 -10.16
O18 EDT EA . -6.95 -3.54 -9.18
O17 EDT EA . -7.77 -2.95 -11.18
C6 EDT EA . -3.54 -2.01 -10.61
C7 EDT EA . -3.80 -3.14 -11.62
N8 EDT EA . -3.53 -4.44 -10.99
C9 EDT EA . -2.12 -4.84 -11.05
C10 EDT EA . -1.17 -3.74 -11.53
O16 EDT EA . -0.09 -3.34 -10.70
O15 EDT EA . -1.13 -3.48 -12.69
C11 EDT EA . -4.40 -5.46 -11.61
C12 EDT EA . -3.58 -6.70 -12.00
O13 EDT EA . -3.47 -7.61 -11.24
O14 EDT EA . -3.30 -6.89 -13.36
CL CL FA . -23.06 1.70 -10.36
#